data_1G84
#
_entry.id   1G84
#
_cell.length_a   1.000
_cell.length_b   1.000
_cell.length_c   1.000
_cell.angle_alpha   90.00
_cell.angle_beta   90.00
_cell.angle_gamma   90.00
#
_symmetry.space_group_name_H-M   'P 1'
#
_entity_poly.entity_id   1
_entity_poly.type   'polypeptide(L)'
_entity_poly.pdbx_seq_one_letter_code
;SRDFTPPTVKILQSSSDGGGHFPPTIQLLCLVSGYTPGTINITWLEDGQVMDVDLSTASTTQEGELASTQSELTLSQKHW
LSDRTYTCQVTYQGHTFEDSTKKSA
;
_entity_poly.pdbx_strand_id   A
#
# COMPACT_ATOMS: atom_id res chain seq x y z
N SER A 1 -31.52 8.49 4.55
CA SER A 1 -30.26 8.87 5.18
C SER A 1 -29.20 7.82 4.90
N ARG A 2 -28.07 8.28 4.36
CA ARG A 2 -26.97 7.40 4.05
C ARG A 2 -25.71 8.21 3.74
N ASP A 3 -25.06 8.66 4.80
CA ASP A 3 -23.85 9.45 4.66
C ASP A 3 -22.67 8.51 4.41
N PHE A 4 -21.55 9.12 4.03
CA PHE A 4 -20.35 8.35 3.75
C PHE A 4 -20.59 7.32 2.64
N THR A 5 -19.57 6.53 2.36
CA THR A 5 -19.66 5.50 1.34
C THR A 5 -18.90 4.25 1.77
N PRO A 6 -19.12 3.16 0.99
CA PRO A 6 -18.46 1.89 1.28
C PRO A 6 -16.99 1.93 0.86
N PRO A 7 -16.10 1.77 1.87
CA PRO A 7 -14.66 1.78 1.61
C PRO A 7 -14.21 0.47 0.95
N THR A 8 -13.14 0.59 0.17
CA THR A 8 -12.61 -0.57 -0.52
C THR A 8 -11.09 -0.44 -0.67
N VAL A 9 -10.40 -1.51 -0.31
CA VAL A 9 -8.94 -1.52 -0.39
C VAL A 9 -8.50 -2.78 -1.13
N LYS A 10 -7.42 -2.64 -1.88
CA LYS A 10 -6.88 -3.76 -2.64
C LYS A 10 -5.36 -3.82 -2.46
N ILE A 11 -4.79 -4.94 -2.87
CA ILE A 11 -3.35 -5.13 -2.75
C ILE A 11 -2.80 -5.60 -4.10
N LEU A 12 -1.87 -4.81 -4.62
CA LEU A 12 -1.25 -5.13 -5.89
C LEU A 12 0.27 -5.20 -5.72
N GLN A 13 0.83 -6.30 -6.19
CA GLN A 13 2.27 -6.52 -6.10
C GLN A 13 2.93 -6.34 -7.46
N SER A 14 4.10 -5.71 -7.45
CA SER A 14 4.84 -5.48 -8.67
C SER A 14 6.31 -5.84 -8.46
N SER A 15 6.57 -7.14 -8.46
CA SER A 15 7.92 -7.63 -8.28
C SER A 15 8.41 -8.29 -9.56
N SER A 16 7.52 -9.05 -10.18
CA SER A 16 7.85 -9.74 -11.42
C SER A 16 7.62 -8.81 -12.61
N ASP A 17 8.20 -7.62 -12.51
CA ASP A 17 8.06 -6.63 -13.57
C ASP A 17 9.40 -5.90 -13.75
N GLY A 18 10.43 -6.47 -13.14
CA GLY A 18 11.76 -5.88 -13.23
C GLY A 18 12.45 -6.27 -14.55
N GLY A 19 13.70 -5.85 -14.66
CA GLY A 19 14.47 -6.15 -15.85
C GLY A 19 15.98 -6.09 -15.57
N GLY A 20 16.75 -6.54 -16.53
CA GLY A 20 18.20 -6.54 -16.40
C GLY A 20 18.69 -5.22 -15.81
N HIS A 21 19.86 -5.29 -15.19
CA HIS A 21 20.45 -4.11 -14.58
C HIS A 21 19.57 -3.61 -13.43
N PHE A 22 20.02 -2.55 -12.79
CA PHE A 22 19.28 -1.98 -11.68
C PHE A 22 19.05 -3.01 -10.58
N PRO A 23 19.01 -2.51 -9.32
CA PRO A 23 18.80 -3.38 -8.17
C PRO A 23 17.34 -3.83 -8.08
N PRO A 24 17.15 -5.09 -7.60
CA PRO A 24 15.82 -5.65 -7.47
C PRO A 24 15.10 -5.06 -6.26
N THR A 25 13.81 -4.83 -6.44
CA THR A 25 12.99 -4.26 -5.37
C THR A 25 11.58 -4.85 -5.40
N ILE A 26 10.70 -4.22 -4.65
CA ILE A 26 9.31 -4.66 -4.59
C ILE A 26 8.39 -3.46 -4.72
N GLN A 27 7.40 -3.60 -5.60
CA GLN A 27 6.44 -2.53 -5.84
C GLN A 27 5.03 -3.00 -5.46
N LEU A 28 4.75 -2.93 -4.17
CA LEU A 28 3.45 -3.34 -3.67
C LEU A 28 2.54 -2.11 -3.52
N LEU A 29 1.64 -1.96 -4.48
CA LEU A 29 0.73 -0.83 -4.46
C LEU A 29 -0.69 -1.34 -4.19
N CYS A 30 -1.31 -0.76 -3.17
CA CYS A 30 -2.66 -1.14 -2.80
C CYS A 30 -3.64 -0.21 -3.53
N LEU A 31 -4.85 -0.72 -3.71
CA LEU A 31 -5.89 0.05 -4.39
C LEU A 31 -7.03 0.34 -3.41
N VAL A 32 -7.06 1.58 -2.95
CA VAL A 32 -8.09 2.00 -2.01
C VAL A 32 -8.77 3.27 -2.53
N SER A 33 -10.06 3.14 -2.81
CA SER A 33 -10.83 4.24 -3.32
C SER A 33 -12.30 4.10 -2.91
N GLY A 34 -13.10 5.06 -3.34
CA GLY A 34 -14.52 5.05 -3.03
C GLY A 34 -14.78 5.65 -1.64
N TYR A 35 -14.03 5.16 -0.66
CA TYR A 35 -14.16 5.62 0.70
C TYR A 35 -13.83 7.12 0.81
N THR A 36 -14.42 7.76 1.79
CA THR A 36 -14.20 9.18 2.01
C THR A 36 -14.39 9.96 0.71
N PRO A 37 -14.94 11.20 0.86
CA PRO A 37 -15.18 12.05 -0.30
C PRO A 37 -13.88 12.65 -0.82
N GLY A 38 -12.85 12.59 0.02
CA GLY A 38 -11.55 13.12 -0.34
C GLY A 38 -10.48 12.02 -0.27
N THR A 39 -10.46 11.33 0.85
CA THR A 39 -9.50 10.27 1.05
C THR A 39 -9.34 9.97 2.55
N ILE A 40 -8.62 8.89 2.84
CA ILE A 40 -8.38 8.50 4.21
C ILE A 40 -6.91 8.69 4.55
N ASN A 41 -6.37 7.73 5.29
CA ASN A 41 -4.97 7.77 5.68
C ASN A 41 -4.20 6.68 4.95
N ILE A 42 -2.91 6.92 4.80
CA ILE A 42 -2.04 5.96 4.12
C ILE A 42 -0.92 5.54 5.07
N THR A 43 -0.85 4.23 5.31
CA THR A 43 0.17 3.68 6.19
C THR A 43 0.42 2.21 5.85
N TRP A 44 1.61 1.75 6.24
CA TRP A 44 2.00 0.37 5.98
C TRP A 44 2.74 -0.14 7.21
N LEU A 45 2.28 -1.28 7.70
CA LEU A 45 2.89 -1.90 8.87
C LEU A 45 4.06 -2.77 8.43
N GLU A 46 5.26 -2.31 8.76
CA GLU A 46 6.47 -3.04 8.42
C GLU A 46 6.97 -3.85 9.61
N ASP A 47 7.43 -5.05 9.32
CA ASP A 47 7.95 -5.93 10.35
C ASP A 47 9.20 -6.64 9.85
N GLY A 48 10.34 -6.08 10.19
CA GLY A 48 11.62 -6.65 9.77
C GLY A 48 12.76 -5.67 10.01
N GLN A 49 12.62 -4.48 9.44
CA GLN A 49 13.63 -3.44 9.58
C GLN A 49 13.39 -2.32 8.60
N VAL A 50 12.55 -1.38 9.01
CA VAL A 50 12.22 -0.24 8.18
C VAL A 50 13.28 0.85 8.36
N MET A 51 14.54 0.42 8.37
CA MET A 51 15.65 1.33 8.54
C MET A 51 16.07 1.92 7.19
N ASP A 52 16.04 1.07 6.18
CA ASP A 52 16.43 1.49 4.84
C ASP A 52 15.45 2.55 4.34
N VAL A 53 15.28 2.59 3.02
CA VAL A 53 14.38 3.56 2.41
C VAL A 53 13.17 2.82 1.82
N ASP A 54 12.80 1.74 2.49
CA ASP A 54 11.67 0.94 2.06
C ASP A 54 10.40 1.44 2.74
N LEU A 55 9.64 2.24 1.99
CA LEU A 55 8.40 2.79 2.52
C LEU A 55 7.32 2.71 1.44
N SER A 56 6.07 2.77 1.89
CA SER A 56 4.95 2.70 0.98
C SER A 56 4.06 3.95 1.16
N THR A 57 3.74 4.56 0.03
CA THR A 57 2.90 5.75 0.04
C THR A 57 1.76 5.61 -0.97
N ALA A 58 0.71 6.38 -0.74
CA ALA A 58 -0.44 6.35 -1.63
C ALA A 58 -0.80 7.79 -2.04
N SER A 59 -1.42 7.90 -3.20
CA SER A 59 -1.81 9.20 -3.73
C SER A 59 -3.32 9.38 -3.57
N THR A 60 -3.76 10.62 -3.71
CA THR A 60 -5.16 10.95 -3.60
C THR A 60 -5.74 11.28 -4.98
N THR A 61 -6.97 10.83 -5.19
CA THR A 61 -7.65 11.07 -6.46
C THR A 61 -9.14 11.29 -6.22
N GLN A 62 -9.78 11.91 -7.21
CA GLN A 62 -11.20 12.18 -7.12
C GLN A 62 -11.98 11.22 -8.02
N GLU A 63 -13.01 10.62 -7.43
CA GLU A 63 -13.84 9.68 -8.16
C GLU A 63 -15.32 10.08 -8.03
N GLY A 64 -15.61 11.27 -8.52
CA GLY A 64 -16.98 11.78 -8.48
C GLY A 64 -17.37 12.15 -7.05
N GLU A 65 -18.21 11.31 -6.46
CA GLU A 65 -18.67 11.54 -5.10
C GLU A 65 -17.86 10.70 -4.12
N LEU A 66 -16.93 9.93 -4.67
CA LEU A 66 -16.09 9.08 -3.85
C LEU A 66 -14.64 9.61 -3.89
N ALA A 67 -13.78 8.93 -3.17
CA ALA A 67 -12.37 9.30 -3.12
C ALA A 67 -11.50 8.09 -3.43
N SER A 68 -10.71 8.23 -4.50
CA SER A 68 -9.84 7.14 -4.91
C SER A 68 -8.40 7.47 -4.52
N THR A 69 -7.82 6.60 -3.71
CA THR A 69 -6.46 6.77 -3.25
C THR A 69 -5.61 5.56 -3.62
N GLN A 70 -4.60 5.81 -4.43
CA GLN A 70 -3.71 4.75 -4.87
C GLN A 70 -2.51 4.63 -3.92
N SER A 71 -2.30 3.42 -3.41
CA SER A 71 -1.21 3.16 -2.50
C SER A 71 -0.11 2.37 -3.21
N GLU A 72 1.13 2.72 -2.89
CA GLU A 72 2.27 2.05 -3.49
C GLU A 72 3.30 1.71 -2.42
N LEU A 73 4.10 0.69 -2.71
CA LEU A 73 5.13 0.26 -1.79
C LEU A 73 6.44 0.05 -2.55
N THR A 74 7.53 0.49 -1.94
CA THR A 74 8.84 0.35 -2.53
C THR A 74 9.87 -0.10 -1.49
N LEU A 75 10.41 -1.29 -1.72
CA LEU A 75 11.40 -1.84 -0.81
C LEU A 75 12.45 -2.60 -1.61
N SER A 76 13.68 -2.54 -1.12
CA SER A 76 14.78 -3.21 -1.78
C SER A 76 14.60 -4.73 -1.70
N GLN A 77 14.86 -5.39 -2.82
CA GLN A 77 14.71 -6.83 -2.89
C GLN A 77 15.61 -7.50 -1.84
N LYS A 78 16.74 -6.85 -1.58
CA LYS A 78 17.68 -7.38 -0.60
C LYS A 78 16.96 -7.64 0.71
N HIS A 79 16.24 -6.62 1.18
CA HIS A 79 15.49 -6.73 2.41
C HIS A 79 14.50 -7.89 2.32
N TRP A 80 13.89 -8.00 1.15
CA TRP A 80 12.91 -9.06 0.91
C TRP A 80 13.62 -10.40 1.09
N LEU A 81 14.89 -10.42 0.71
CA LEU A 81 15.69 -11.63 0.82
C LEU A 81 15.86 -11.99 2.30
N SER A 82 16.03 -10.96 3.11
CA SER A 82 16.21 -11.15 4.55
C SER A 82 14.86 -11.42 5.21
N ASP A 83 13.84 -11.55 4.37
CA ASP A 83 12.49 -11.80 4.85
C ASP A 83 11.99 -10.58 5.63
N ARG A 84 10.68 -10.41 5.61
CA ARG A 84 10.07 -9.29 6.31
C ARG A 84 8.55 -9.42 6.28
N THR A 85 7.88 -8.39 6.78
CA THR A 85 6.43 -8.37 6.82
C THR A 85 5.90 -7.00 6.42
N TYR A 86 5.41 -6.91 5.19
CA TYR A 86 4.87 -5.66 4.69
C TYR A 86 3.35 -5.72 4.57
N THR A 87 2.72 -4.65 5.03
CA THR A 87 1.27 -4.57 4.98
C THR A 87 0.81 -3.12 4.82
N CYS A 88 0.01 -2.90 3.78
CA CYS A 88 -0.50 -1.57 3.49
C CYS A 88 -1.73 -1.34 4.36
N GLN A 89 -1.51 -0.65 5.47
CA GLN A 89 -2.60 -0.35 6.40
C GLN A 89 -3.25 0.98 6.03
N VAL A 90 -4.42 0.87 5.41
CA VAL A 90 -5.15 2.05 5.00
C VAL A 90 -6.18 2.41 6.08
N THR A 91 -6.10 3.66 6.53
CA THR A 91 -7.01 4.13 7.56
C THR A 91 -8.16 4.91 6.93
N TYR A 92 -9.17 5.19 7.75
CA TYR A 92 -10.34 5.92 7.28
C TYR A 92 -10.90 6.82 8.39
N GLN A 93 -11.65 7.83 7.96
CA GLN A 93 -12.25 8.76 8.91
C GLN A 93 -12.87 8.01 10.08
N GLY A 94 -13.28 6.78 9.81
CA GLY A 94 -13.88 5.95 10.83
C GLY A 94 -13.77 4.47 10.48
N HIS A 95 -12.65 4.13 9.87
CA HIS A 95 -12.40 2.75 9.47
C HIS A 95 -10.89 2.54 9.28
N THR A 96 -10.53 1.28 9.04
CA THR A 96 -9.14 0.94 8.84
C THR A 96 -9.03 -0.42 8.14
N PHE A 97 -7.82 -0.70 7.65
CA PHE A 97 -7.57 -1.95 6.95
C PHE A 97 -6.07 -2.16 6.72
N GLU A 98 -5.73 -3.37 6.33
CA GLU A 98 -4.34 -3.72 6.06
C GLU A 98 -4.26 -4.90 5.11
N ASP A 99 -3.46 -4.73 4.07
CA ASP A 99 -3.29 -5.78 3.07
C ASP A 99 -1.94 -5.60 2.39
N SER A 100 -1.15 -6.67 2.40
CA SER A 100 0.16 -6.65 1.79
C SER A 100 0.70 -8.08 1.64
N THR A 101 2.00 -8.21 1.86
CA THR A 101 2.64 -9.51 1.76
C THR A 101 3.55 -9.75 2.97
N LYS A 102 4.14 -10.93 3.01
CA LYS A 102 5.02 -11.30 4.10
C LYS A 102 5.76 -12.58 3.74
N LYS A 103 7.01 -12.66 4.18
CA LYS A 103 7.83 -13.84 3.92
C LYS A 103 8.83 -14.02 5.05
N SER A 104 9.37 -15.23 5.14
CA SER A 104 10.35 -15.55 6.17
C SER A 104 11.60 -16.16 5.53
N ALA A 105 12.03 -15.54 4.44
CA ALA A 105 13.22 -16.00 3.74
C ALA A 105 13.26 -17.53 3.78
N SER A 1 -32.16 11.88 3.15
CA SER A 1 -30.98 11.98 2.31
C SER A 1 -29.99 10.87 2.66
N ARG A 2 -28.73 11.13 2.37
CA ARG A 2 -27.67 10.16 2.65
C ARG A 2 -26.30 10.82 2.58
N ASP A 3 -25.28 10.04 2.89
CA ASP A 3 -23.91 10.53 2.86
C ASP A 3 -22.95 9.36 2.81
N PHE A 4 -21.69 9.67 2.48
CA PHE A 4 -20.67 8.65 2.40
C PHE A 4 -20.80 7.84 1.10
N THR A 5 -19.82 6.97 0.88
CA THR A 5 -19.82 6.14 -0.31
C THR A 5 -19.27 4.75 0.01
N PRO A 6 -19.36 3.85 -1.00
CA PRO A 6 -18.88 2.49 -0.83
C PRO A 6 -17.36 2.43 -0.87
N PRO A 7 -16.76 2.07 0.30
CA PRO A 7 -15.32 1.98 0.42
C PRO A 7 -14.79 0.72 -0.27
N THR A 8 -13.52 0.76 -0.62
CA THR A 8 -12.88 -0.36 -1.29
C THR A 8 -11.36 -0.31 -1.10
N VAL A 9 -10.82 -1.42 -0.63
CA VAL A 9 -9.39 -1.51 -0.39
C VAL A 9 -8.88 -2.85 -0.93
N LYS A 10 -7.75 -2.79 -1.63
CA LYS A 10 -7.15 -3.98 -2.20
C LYS A 10 -5.63 -3.89 -2.07
N ILE A 11 -4.97 -4.97 -2.45
CA ILE A 11 -3.52 -5.03 -2.38
C ILE A 11 -2.97 -5.48 -3.73
N LEU A 12 -2.05 -4.68 -4.26
CA LEU A 12 -1.43 -4.98 -5.53
C LEU A 12 0.08 -5.12 -5.35
N GLN A 13 0.60 -6.24 -5.83
CA GLN A 13 2.03 -6.51 -5.72
C GLN A 13 2.70 -6.37 -7.10
N SER A 14 3.88 -5.79 -7.08
CA SER A 14 4.64 -5.59 -8.31
C SER A 14 6.08 -6.05 -8.12
N SER A 15 6.24 -7.36 -8.00
CA SER A 15 7.55 -7.95 -7.81
C SER A 15 7.79 -9.04 -8.85
N SER A 16 9.06 -9.20 -9.22
CA SER A 16 9.44 -10.20 -10.21
C SER A 16 10.90 -10.59 -10.02
N ASP A 17 11.14 -11.42 -9.01
CA ASP A 17 12.49 -11.88 -8.72
C ASP A 17 13.23 -12.13 -10.03
N GLY A 18 14.55 -12.05 -9.95
CA GLY A 18 15.39 -12.26 -11.11
C GLY A 18 16.66 -11.41 -11.04
N GLY A 19 17.70 -11.89 -11.68
CA GLY A 19 18.97 -11.18 -11.70
C GLY A 19 19.20 -10.50 -13.04
N GLY A 20 19.53 -9.22 -12.98
CA GLY A 20 19.77 -8.44 -14.18
C GLY A 20 18.53 -7.64 -14.58
N HIS A 21 18.78 -6.50 -15.20
CA HIS A 21 17.69 -5.64 -15.64
C HIS A 21 17.03 -4.98 -14.42
N PHE A 22 17.20 -3.67 -14.33
CA PHE A 22 16.62 -2.92 -13.23
C PHE A 22 17.09 -3.49 -11.88
N PRO A 23 17.00 -2.63 -10.83
CA PRO A 23 17.40 -3.02 -9.49
C PRO A 23 16.37 -3.95 -8.86
N PRO A 24 16.88 -4.93 -8.08
CA PRO A 24 16.01 -5.89 -7.41
C PRO A 24 15.31 -5.25 -6.21
N THR A 25 14.02 -4.99 -6.39
CA THR A 25 13.22 -4.39 -5.34
C THR A 25 11.81 -4.97 -5.34
N ILE A 26 10.92 -4.30 -4.61
CA ILE A 26 9.55 -4.74 -4.51
C ILE A 26 8.63 -3.52 -4.61
N GLN A 27 7.63 -3.64 -5.48
CA GLN A 27 6.67 -2.57 -5.67
C GLN A 27 5.27 -3.03 -5.28
N LEU A 28 4.96 -2.90 -4.00
CA LEU A 28 3.67 -3.29 -3.49
C LEU A 28 2.80 -2.06 -3.30
N LEU A 29 1.84 -1.89 -4.19
CA LEU A 29 0.94 -0.75 -4.14
C LEU A 29 -0.46 -1.24 -3.75
N CYS A 30 -1.07 -0.52 -2.82
CA CYS A 30 -2.41 -0.86 -2.37
C CYS A 30 -3.42 -0.11 -3.24
N LEU A 31 -4.66 -0.59 -3.18
CA LEU A 31 -5.73 0.02 -3.96
C LEU A 31 -6.91 0.33 -3.03
N VAL A 32 -7.01 1.62 -2.69
CA VAL A 32 -8.08 2.07 -1.82
C VAL A 32 -8.67 3.37 -2.37
N SER A 33 -9.90 3.26 -2.84
CA SER A 33 -10.58 4.42 -3.39
C SER A 33 -12.09 4.29 -3.19
N GLY A 34 -12.82 5.28 -3.68
CA GLY A 34 -14.26 5.29 -3.56
C GLY A 34 -14.70 5.76 -2.17
N TYR A 35 -14.04 5.20 -1.16
CA TYR A 35 -14.34 5.56 0.21
C TYR A 35 -13.99 7.02 0.49
N THR A 36 -14.71 7.60 1.45
CA THR A 36 -14.48 8.99 1.82
C THR A 36 -14.45 9.88 0.57
N PRO A 37 -15.08 11.08 0.71
CA PRO A 37 -15.13 12.02 -0.39
C PRO A 37 -13.78 12.71 -0.59
N GLY A 38 -12.93 12.57 0.42
CA GLY A 38 -11.61 13.17 0.37
C GLY A 38 -10.52 12.12 0.61
N THR A 39 -10.96 10.89 0.81
CA THR A 39 -10.04 9.79 1.04
C THR A 39 -9.86 9.56 2.55
N ILE A 40 -8.87 8.75 2.88
CA ILE A 40 -8.58 8.44 4.27
C ILE A 40 -7.11 8.69 4.56
N ASN A 41 -6.54 7.82 5.37
CA ASN A 41 -5.14 7.93 5.73
C ASN A 41 -4.34 6.81 5.05
N ILE A 42 -3.07 7.10 4.83
CA ILE A 42 -2.19 6.12 4.19
C ILE A 42 -1.08 5.72 5.16
N THR A 43 -0.93 4.42 5.34
CA THR A 43 0.09 3.89 6.23
C THR A 43 0.43 2.46 5.86
N TRP A 44 1.57 2.00 6.38
CA TRP A 44 2.01 0.64 6.11
C TRP A 44 2.67 0.11 7.38
N LEU A 45 2.25 -1.09 7.77
CA LEU A 45 2.79 -1.73 8.96
C LEU A 45 4.10 -2.44 8.60
N GLU A 46 5.19 -1.84 9.01
CA GLU A 46 6.50 -2.41 8.75
C GLU A 46 7.02 -3.17 9.97
N ASP A 47 7.68 -4.28 9.71
CA ASP A 47 8.22 -5.10 10.77
C ASP A 47 9.41 -5.91 10.24
N GLY A 48 10.60 -5.47 10.62
CA GLY A 48 11.81 -6.14 10.19
C GLY A 48 13.02 -5.21 10.33
N GLN A 49 13.11 -4.26 9.42
CA GLN A 49 14.20 -3.30 9.43
C GLN A 49 14.17 -2.43 8.18
N VAL A 50 13.67 -1.22 8.36
CA VAL A 50 13.58 -0.28 7.25
C VAL A 50 14.98 0.07 6.76
N MET A 51 15.30 -0.44 5.57
CA MET A 51 16.60 -0.18 4.98
C MET A 51 16.78 1.30 4.65
N ASP A 52 17.66 1.56 3.69
CA ASP A 52 17.92 2.92 3.27
C ASP A 52 16.64 3.56 2.75
N VAL A 53 16.08 2.92 1.73
CA VAL A 53 14.85 3.41 1.12
C VAL A 53 13.85 2.26 1.02
N ASP A 54 13.04 2.13 2.05
CA ASP A 54 12.02 1.08 2.09
C ASP A 54 10.77 1.60 2.80
N LEU A 55 9.97 2.35 2.06
CA LEU A 55 8.75 2.91 2.59
C LEU A 55 7.64 2.82 1.54
N SER A 56 6.41 2.97 2.00
CA SER A 56 5.27 2.90 1.12
C SER A 56 4.39 4.13 1.31
N THR A 57 3.98 4.72 0.19
CA THR A 57 3.14 5.90 0.22
C THR A 57 1.97 5.75 -0.76
N ALA A 58 0.92 6.51 -0.49
CA ALA A 58 -0.26 6.47 -1.34
C ALA A 58 -0.71 7.90 -1.63
N SER A 59 -1.33 8.07 -2.80
CA SER A 59 -1.82 9.37 -3.20
C SER A 59 -3.35 9.39 -3.18
N THR A 60 -3.89 10.54 -2.84
CA THR A 60 -5.33 10.72 -2.77
C THR A 60 -5.84 11.50 -3.99
N THR A 61 -7.02 11.11 -4.46
CA THR A 61 -7.61 11.78 -5.60
C THR A 61 -9.11 11.98 -5.37
N GLN A 62 -9.68 12.91 -6.13
CA GLN A 62 -11.10 13.21 -6.02
C GLN A 62 -11.87 12.55 -7.16
N GLU A 63 -12.82 11.71 -6.78
CA GLU A 63 -13.63 11.01 -7.76
C GLU A 63 -15.11 11.36 -7.56
N GLY A 64 -15.41 12.64 -7.72
CA GLY A 64 -16.76 13.12 -7.57
C GLY A 64 -17.17 13.18 -6.10
N GLU A 65 -17.95 12.20 -5.68
CA GLU A 65 -18.41 12.13 -4.31
C GLU A 65 -17.59 11.10 -3.52
N LEU A 66 -16.67 10.46 -4.23
CA LEU A 66 -15.82 9.46 -3.62
C LEU A 66 -14.37 9.97 -3.59
N ALA A 67 -13.51 9.15 -3.01
CA ALA A 67 -12.11 9.51 -2.89
C ALA A 67 -11.24 8.30 -3.26
N SER A 68 -10.41 8.49 -4.27
CA SER A 68 -9.54 7.43 -4.74
C SER A 68 -8.11 7.66 -4.22
N THR A 69 -7.64 6.71 -3.43
CA THR A 69 -6.31 6.80 -2.87
C THR A 69 -5.48 5.57 -3.24
N GLN A 70 -4.46 5.80 -4.04
CA GLN A 70 -3.58 4.73 -4.48
C GLN A 70 -2.33 4.66 -3.61
N SER A 71 -2.09 3.49 -3.06
CA SER A 71 -0.93 3.29 -2.20
C SER A 71 0.15 2.49 -2.96
N GLU A 72 1.38 2.74 -2.58
CA GLU A 72 2.51 2.06 -3.20
C GLU A 72 3.59 1.74 -2.16
N LEU A 73 4.38 0.72 -2.46
CA LEU A 73 5.45 0.31 -1.57
C LEU A 73 6.72 0.07 -2.38
N THR A 74 7.85 0.43 -1.78
CA THR A 74 9.13 0.26 -2.43
C THR A 74 10.19 -0.18 -1.41
N LEU A 75 10.72 -1.38 -1.64
CA LEU A 75 11.73 -1.93 -0.77
C LEU A 75 12.72 -2.75 -1.59
N SER A 76 13.91 -2.94 -1.01
CA SER A 76 14.95 -3.70 -1.68
C SER A 76 14.66 -5.20 -1.56
N GLN A 77 14.84 -5.90 -2.67
CA GLN A 77 14.60 -7.33 -2.69
C GLN A 77 15.50 -8.03 -1.68
N LYS A 78 16.70 -7.49 -1.52
CA LYS A 78 17.66 -8.06 -0.58
C LYS A 78 17.01 -8.19 0.79
N HIS A 79 16.42 -7.09 1.24
CA HIS A 79 15.76 -7.08 2.54
C HIS A 79 14.69 -8.16 2.58
N TRP A 80 14.01 -8.33 1.46
CA TRP A 80 12.96 -9.33 1.35
C TRP A 80 13.58 -10.70 1.63
N LEU A 81 14.84 -10.84 1.21
CA LEU A 81 15.55 -12.09 1.40
C LEU A 81 15.75 -12.33 2.90
N SER A 82 16.04 -11.24 3.60
CA SER A 82 16.26 -11.33 5.04
C SER A 82 14.91 -11.40 5.77
N ASP A 83 13.85 -11.55 4.99
CA ASP A 83 12.52 -11.63 5.54
C ASP A 83 12.12 -10.27 6.12
N ARG A 84 10.83 -9.99 6.07
CA ARG A 84 10.31 -8.73 6.58
C ARG A 84 8.79 -8.76 6.62
N THR A 85 8.21 -7.68 7.10
CA THR A 85 6.77 -7.57 7.20
C THR A 85 6.29 -6.22 6.64
N TYR A 86 5.85 -6.27 5.40
CA TYR A 86 5.37 -5.06 4.73
C TYR A 86 3.88 -5.16 4.43
N THR A 87 3.13 -4.23 5.00
CA THR A 87 1.69 -4.21 4.80
C THR A 87 1.20 -2.77 4.63
N CYS A 88 0.24 -2.60 3.74
CA CYS A 88 -0.33 -1.28 3.47
C CYS A 88 -1.57 -1.12 4.34
N GLN A 89 -1.39 -0.41 5.44
CA GLN A 89 -2.49 -0.16 6.36
C GLN A 89 -3.15 1.18 6.04
N VAL A 90 -4.33 1.10 5.43
CA VAL A 90 -5.07 2.29 5.06
C VAL A 90 -6.17 2.53 6.10
N THR A 91 -6.12 3.71 6.71
CA THR A 91 -7.11 4.07 7.71
C THR A 91 -8.25 4.87 7.08
N TYR A 92 -9.33 5.01 7.84
CA TYR A 92 -10.48 5.75 7.36
C TYR A 92 -11.00 6.70 8.44
N GLN A 93 -11.72 7.72 7.99
CA GLN A 93 -12.28 8.71 8.91
C GLN A 93 -13.02 8.02 10.04
N GLY A 94 -13.41 6.77 9.78
CA GLY A 94 -14.13 6.00 10.78
C GLY A 94 -13.99 4.49 10.50
N HIS A 95 -12.81 4.13 10.01
CA HIS A 95 -12.52 2.73 9.72
C HIS A 95 -11.01 2.53 9.59
N THR A 96 -10.63 1.28 9.35
CA THR A 96 -9.23 0.94 9.21
C THR A 96 -9.08 -0.40 8.50
N PHE A 97 -7.95 -0.56 7.83
CA PHE A 97 -7.66 -1.79 7.11
C PHE A 97 -6.17 -1.93 6.81
N GLU A 98 -5.75 -3.16 6.57
CA GLU A 98 -4.36 -3.43 6.28
C GLU A 98 -4.23 -4.74 5.48
N ASP A 99 -3.44 -4.67 4.42
CA ASP A 99 -3.22 -5.82 3.58
C ASP A 99 -1.91 -5.65 2.81
N SER A 100 -1.10 -6.70 2.85
CA SER A 100 0.19 -6.68 2.16
C SER A 100 0.82 -8.06 2.21
N THR A 101 2.14 -8.07 2.35
CA THR A 101 2.89 -9.31 2.41
C THR A 101 3.90 -9.28 3.55
N LYS A 102 4.69 -10.34 3.63
CA LYS A 102 5.71 -10.44 4.66
C LYS A 102 6.62 -11.63 4.37
N LYS A 103 7.26 -12.13 5.41
CA LYS A 103 8.16 -13.25 5.27
C LYS A 103 9.28 -12.89 4.29
N SER A 104 10.11 -13.89 4.00
CA SER A 104 11.22 -13.69 3.08
C SER A 104 10.90 -14.33 1.73
N ALA A 105 11.80 -15.22 1.31
CA ALA A 105 11.62 -15.91 0.04
C ALA A 105 12.57 -17.10 -0.02
N SER A 1 -23.92 2.14 9.09
CA SER A 1 -24.76 3.22 9.56
C SER A 1 -25.64 3.73 8.42
N ARG A 2 -25.05 4.60 7.61
CA ARG A 2 -25.77 5.17 6.48
C ARG A 2 -24.93 6.26 5.81
N ASP A 3 -25.43 6.73 4.68
CA ASP A 3 -24.73 7.77 3.93
C ASP A 3 -23.29 7.32 3.68
N PHE A 4 -22.57 8.15 2.94
CA PHE A 4 -21.18 7.86 2.62
C PHE A 4 -21.08 6.97 1.38
N THR A 5 -19.91 7.01 0.76
CA THR A 5 -19.68 6.22 -0.44
C THR A 5 -19.09 4.86 -0.08
N PRO A 6 -19.19 3.90 -1.05
CA PRO A 6 -18.68 2.57 -0.84
C PRO A 6 -17.15 2.54 -0.91
N PRO A 7 -16.52 2.20 0.24
CA PRO A 7 -15.07 2.13 0.31
C PRO A 7 -14.55 0.88 -0.40
N THR A 8 -13.31 0.98 -0.87
CA THR A 8 -12.68 -0.13 -1.56
C THR A 8 -11.15 -0.07 -1.41
N VAL A 9 -10.60 -1.15 -0.90
CA VAL A 9 -9.17 -1.23 -0.69
C VAL A 9 -8.63 -2.54 -1.27
N LYS A 10 -7.50 -2.44 -1.94
CA LYS A 10 -6.88 -3.62 -2.55
C LYS A 10 -5.37 -3.52 -2.41
N ILE A 11 -4.70 -4.64 -2.65
CA ILE A 11 -3.25 -4.69 -2.57
C ILE A 11 -2.69 -5.25 -3.87
N LEU A 12 -1.91 -4.42 -4.56
CA LEU A 12 -1.31 -4.83 -5.82
C LEU A 12 0.20 -4.90 -5.64
N GLN A 13 0.76 -6.04 -6.06
CA GLN A 13 2.19 -6.25 -5.97
C GLN A 13 2.84 -6.15 -7.35
N SER A 14 4.00 -5.50 -7.38
CA SER A 14 4.72 -5.33 -8.61
C SER A 14 6.20 -5.69 -8.42
N SER A 15 6.44 -6.99 -8.25
CA SER A 15 7.79 -7.47 -8.06
C SER A 15 8.12 -8.55 -9.09
N SER A 16 7.14 -9.38 -9.37
CA SER A 16 7.30 -10.45 -10.33
C SER A 16 7.54 -9.87 -11.73
N ASP A 17 8.34 -10.58 -12.50
CA ASP A 17 8.64 -10.15 -13.85
C ASP A 17 9.65 -11.13 -14.48
N GLY A 18 9.88 -10.94 -15.77
CA GLY A 18 10.81 -11.79 -16.49
C GLY A 18 12.07 -12.05 -15.67
N GLY A 19 12.19 -13.30 -15.24
CA GLY A 19 13.34 -13.71 -14.44
C GLY A 19 13.21 -13.19 -13.00
N GLY A 20 14.25 -13.45 -12.23
CA GLY A 20 14.27 -13.02 -10.84
C GLY A 20 15.49 -12.14 -10.55
N HIS A 21 15.86 -11.36 -11.55
CA HIS A 21 16.99 -10.46 -11.43
C HIS A 21 16.71 -9.15 -12.16
N PHE A 22 15.49 -9.06 -12.68
CA PHE A 22 15.08 -7.87 -13.40
C PHE A 22 14.62 -6.78 -12.44
N PRO A 23 13.74 -7.17 -11.49
CA PRO A 23 13.22 -6.24 -10.50
C PRO A 23 14.27 -5.93 -9.44
N PRO A 24 14.73 -4.65 -9.43
CA PRO A 24 15.73 -4.22 -8.47
C PRO A 24 15.12 -4.04 -7.08
N THR A 25 13.87 -3.63 -7.07
CA THR A 25 13.15 -3.42 -5.82
C THR A 25 11.74 -3.98 -5.91
N ILE A 26 10.95 -3.70 -4.88
CA ILE A 26 9.59 -4.18 -4.83
C ILE A 26 8.63 -2.99 -5.00
N GLN A 27 7.65 -3.20 -5.87
CA GLN A 27 6.66 -2.16 -6.14
C GLN A 27 5.26 -2.63 -5.73
N LEU A 28 5.02 -2.59 -4.43
CA LEU A 28 3.73 -3.01 -3.91
C LEU A 28 2.83 -1.78 -3.71
N LEU A 29 1.86 -1.65 -4.59
CA LEU A 29 0.94 -0.53 -4.53
C LEU A 29 -0.47 -1.05 -4.24
N CYS A 30 -1.11 -0.41 -3.27
CA CYS A 30 -2.46 -0.80 -2.88
C CYS A 30 -3.45 0.02 -3.72
N LEU A 31 -4.71 -0.41 -3.66
CA LEU A 31 -5.75 0.27 -4.40
C LEU A 31 -6.91 0.61 -3.45
N VAL A 32 -6.92 1.84 -2.99
CA VAL A 32 -7.95 2.30 -2.08
C VAL A 32 -8.53 3.62 -2.58
N SER A 33 -9.74 3.54 -3.11
CA SER A 33 -10.41 4.72 -3.64
C SER A 33 -11.93 4.57 -3.45
N GLY A 34 -12.65 5.58 -3.94
CA GLY A 34 -14.09 5.58 -3.84
C GLY A 34 -14.54 6.04 -2.44
N TYR A 35 -13.90 5.46 -1.43
CA TYR A 35 -14.22 5.80 -0.06
C TYR A 35 -13.88 7.26 0.25
N THR A 36 -14.66 7.83 1.16
CA THR A 36 -14.44 9.22 1.54
C THR A 36 -14.37 10.12 0.31
N PRO A 37 -15.01 11.31 0.42
CA PRO A 37 -15.02 12.27 -0.67
C PRO A 37 -13.67 12.96 -0.81
N GLY A 38 -12.86 12.81 0.23
CA GLY A 38 -11.54 13.42 0.23
C GLY A 38 -10.46 12.37 0.49
N THR A 39 -10.88 11.12 0.57
CA THR A 39 -9.97 10.02 0.81
C THR A 39 -9.79 9.80 2.32
N ILE A 40 -8.79 8.99 2.65
CA ILE A 40 -8.51 8.69 4.04
C ILE A 40 -7.03 8.99 4.32
N ASN A 41 -6.42 8.12 5.11
CA ASN A 41 -5.02 8.29 5.47
C ASN A 41 -4.20 7.15 4.85
N ILE A 42 -2.91 7.41 4.69
CA ILE A 42 -2.01 6.43 4.11
C ILE A 42 -0.98 6.01 5.16
N THR A 43 -0.86 4.70 5.33
CA THR A 43 0.07 4.16 6.30
C THR A 43 0.51 2.75 5.88
N TRP A 44 1.65 2.34 6.42
CA TRP A 44 2.19 1.02 6.12
C TRP A 44 2.90 0.50 7.36
N LEU A 45 2.56 -0.73 7.72
CA LEU A 45 3.15 -1.36 8.88
C LEU A 45 4.32 -2.25 8.45
N GLU A 46 5.52 -1.82 8.83
CA GLU A 46 6.71 -2.56 8.49
C GLU A 46 7.21 -3.37 9.69
N ASP A 47 7.72 -4.56 9.39
CA ASP A 47 8.21 -5.44 10.44
C ASP A 47 9.53 -6.07 9.98
N GLY A 48 10.63 -5.41 10.33
CA GLY A 48 11.94 -5.89 9.97
C GLY A 48 12.96 -4.74 9.94
N GLN A 49 12.84 -3.87 10.93
CA GLN A 49 13.74 -2.73 11.03
C GLN A 49 13.55 -1.80 9.83
N VAL A 50 12.75 -0.77 10.04
CA VAL A 50 12.48 0.21 8.99
C VAL A 50 13.58 1.27 9.00
N MET A 51 14.81 0.82 9.15
CA MET A 51 15.95 1.72 9.18
C MET A 51 16.47 1.97 7.77
N ASP A 52 16.02 1.15 6.84
CA ASP A 52 16.44 1.28 5.46
C ASP A 52 15.93 2.59 4.88
N VAL A 53 15.77 2.62 3.57
CA VAL A 53 15.30 3.82 2.89
C VAL A 53 14.06 3.46 2.04
N ASP A 54 13.52 2.28 2.32
CA ASP A 54 12.35 1.81 1.60
C ASP A 54 11.09 2.21 2.36
N LEU A 55 10.19 2.87 1.66
CA LEU A 55 8.94 3.31 2.26
C LEU A 55 7.81 3.15 1.25
N SER A 56 6.59 3.17 1.76
CA SER A 56 5.41 3.03 0.91
C SER A 56 4.46 4.20 1.15
N THR A 57 4.07 4.84 0.06
CA THR A 57 3.16 5.97 0.13
C THR A 57 2.03 5.81 -0.88
N ALA A 58 0.98 6.59 -0.67
CA ALA A 58 -0.18 6.55 -1.55
C ALA A 58 -0.55 7.96 -1.97
N SER A 59 -1.14 8.07 -3.16
CA SER A 59 -1.54 9.35 -3.68
C SER A 59 -3.06 9.51 -3.57
N THR A 60 -3.50 10.75 -3.46
CA THR A 60 -4.91 11.05 -3.35
C THR A 60 -5.43 11.68 -4.65
N THR A 61 -6.66 11.29 -5.01
CA THR A 61 -7.28 11.82 -6.21
C THR A 61 -8.77 12.05 -5.98
N GLN A 62 -9.32 12.96 -6.79
CA GLN A 62 -10.73 13.28 -6.68
C GLN A 62 -11.53 12.54 -7.75
N GLU A 63 -12.57 11.85 -7.31
CA GLU A 63 -13.42 11.10 -8.21
C GLU A 63 -14.88 11.50 -8.03
N GLY A 64 -15.15 12.77 -8.28
CA GLY A 64 -16.50 13.30 -8.15
C GLY A 64 -16.87 13.46 -6.68
N GLU A 65 -17.72 12.55 -6.22
CA GLU A 65 -18.17 12.59 -4.83
C GLU A 65 -17.40 11.56 -4.00
N LEU A 66 -16.49 10.86 -4.67
CA LEU A 66 -15.69 9.85 -4.00
C LEU A 66 -14.23 10.32 -3.94
N ALA A 67 -13.41 9.50 -3.30
CA ALA A 67 -12.00 9.83 -3.16
C ALA A 67 -11.16 8.60 -3.51
N SER A 68 -10.31 8.77 -4.51
CA SER A 68 -9.45 7.69 -4.94
C SER A 68 -8.02 7.90 -4.43
N THR A 69 -7.56 6.93 -3.65
CA THR A 69 -6.22 7.02 -3.09
C THR A 69 -5.41 5.76 -3.46
N GLN A 70 -4.40 5.99 -4.29
CA GLN A 70 -3.55 4.89 -4.74
C GLN A 70 -2.33 4.77 -3.83
N SER A 71 -2.13 3.57 -3.31
CA SER A 71 -1.01 3.30 -2.44
C SER A 71 0.12 2.61 -3.21
N GLU A 72 1.35 2.92 -2.82
CA GLU A 72 2.51 2.34 -3.46
C GLU A 72 3.58 2.01 -2.42
N LEU A 73 4.42 1.04 -2.77
CA LEU A 73 5.49 0.63 -1.87
C LEU A 73 6.76 0.40 -2.69
N THR A 74 7.87 0.92 -2.16
CA THR A 74 9.15 0.79 -2.82
C THR A 74 10.22 0.36 -1.82
N LEU A 75 10.74 -0.84 -2.04
CA LEU A 75 11.77 -1.38 -1.17
C LEU A 75 12.73 -2.23 -2.00
N SER A 76 14.02 -2.06 -1.70
CA SER A 76 15.05 -2.80 -2.41
C SER A 76 14.93 -4.29 -2.10
N GLN A 77 15.09 -5.09 -3.15
CA GLN A 77 15.00 -6.53 -3.01
C GLN A 77 15.95 -7.02 -1.91
N LYS A 78 17.02 -6.27 -1.72
CA LYS A 78 18.01 -6.61 -0.71
C LYS A 78 17.32 -6.76 0.64
N HIS A 79 16.60 -5.72 1.03
CA HIS A 79 15.88 -5.72 2.29
C HIS A 79 14.92 -6.91 2.33
N TRP A 80 14.32 -7.18 1.18
CA TRP A 80 13.38 -8.29 1.07
C TRP A 80 14.12 -9.59 1.42
N LEU A 81 15.37 -9.64 0.98
CA LEU A 81 16.19 -10.81 1.25
C LEU A 81 16.51 -10.89 2.75
N SER A 82 16.60 -9.72 3.37
CA SER A 82 16.89 -9.64 4.78
C SER A 82 15.64 -9.97 5.59
N ASP A 83 14.59 -10.35 4.87
CA ASP A 83 13.33 -10.70 5.50
C ASP A 83 12.68 -9.43 6.06
N ARG A 84 11.36 -9.41 6.02
CA ARG A 84 10.61 -8.27 6.52
C ARG A 84 9.11 -8.48 6.32
N THR A 85 8.33 -7.55 6.83
CA THR A 85 6.89 -7.62 6.71
C THR A 85 6.31 -6.26 6.29
N TYR A 86 5.92 -6.17 5.04
CA TYR A 86 5.36 -4.94 4.51
C TYR A 86 3.84 -5.05 4.36
N THR A 87 3.16 -4.03 4.84
CA THR A 87 1.71 -3.99 4.77
C THR A 87 1.21 -2.55 4.62
N CYS A 88 0.40 -2.34 3.59
CA CYS A 88 -0.14 -1.02 3.34
C CYS A 88 -1.41 -0.85 4.20
N GLN A 89 -1.22 -0.16 5.32
CA GLN A 89 -2.33 0.09 6.23
C GLN A 89 -2.99 1.43 5.91
N VAL A 90 -4.14 1.35 5.24
CA VAL A 90 -4.87 2.55 4.87
C VAL A 90 -5.96 2.80 5.92
N THR A 91 -5.90 3.99 6.50
CA THR A 91 -6.88 4.38 7.51
C THR A 91 -8.04 5.12 6.87
N TYR A 92 -9.11 5.26 7.64
CA TYR A 92 -10.30 5.93 7.16
C TYR A 92 -10.85 6.90 8.22
N GLN A 93 -11.64 7.85 7.76
CA GLN A 93 -12.23 8.83 8.64
C GLN A 93 -12.84 8.15 9.87
N GLY A 94 -13.23 6.89 9.67
CA GLY A 94 -13.82 6.11 10.74
C GLY A 94 -13.65 4.61 10.50
N HIS A 95 -12.53 4.27 9.88
CA HIS A 95 -12.23 2.89 9.59
C HIS A 95 -10.72 2.71 9.40
N THR A 96 -10.32 1.47 9.14
CA THR A 96 -8.91 1.16 8.94
C THR A 96 -8.77 -0.16 8.19
N PHE A 97 -7.61 -0.30 7.54
CA PHE A 97 -7.33 -1.50 6.78
C PHE A 97 -5.83 -1.65 6.53
N GLU A 98 -5.44 -2.88 6.22
CA GLU A 98 -4.04 -3.17 5.96
C GLU A 98 -3.91 -4.45 5.11
N ASP A 99 -3.12 -4.34 4.05
CA ASP A 99 -2.90 -5.47 3.16
C ASP A 99 -1.60 -5.26 2.40
N SER A 100 -0.76 -6.29 2.42
CA SER A 100 0.52 -6.24 1.74
C SER A 100 1.12 -7.64 1.65
N THR A 101 2.44 -7.69 1.81
CA THR A 101 3.15 -8.96 1.76
C THR A 101 4.10 -9.09 2.94
N LYS A 102 4.70 -10.26 3.07
CA LYS A 102 5.63 -10.53 4.15
C LYS A 102 6.31 -11.88 3.91
N LYS A 103 7.62 -11.90 4.15
CA LYS A 103 8.38 -13.12 3.97
C LYS A 103 9.57 -13.11 4.93
N SER A 104 10.42 -14.11 4.77
CA SER A 104 11.60 -14.24 5.63
C SER A 104 12.74 -14.90 4.85
N ALA A 105 12.61 -14.88 3.53
CA ALA A 105 13.61 -15.47 2.67
C ALA A 105 14.90 -14.66 2.75
N SER A 1 -26.82 12.13 6.09
CA SER A 1 -26.86 12.18 4.64
C SER A 1 -25.70 11.37 4.06
N ARG A 2 -25.94 10.08 3.90
CA ARG A 2 -24.92 9.19 3.36
C ARG A 2 -23.54 9.61 3.84
N ASP A 3 -22.59 9.58 2.90
CA ASP A 3 -21.22 9.96 3.22
C ASP A 3 -20.70 9.06 4.35
N PHE A 4 -19.38 8.96 4.41
CA PHE A 4 -18.75 8.14 5.43
C PHE A 4 -19.24 6.70 5.37
N THR A 5 -18.48 5.87 4.68
CA THR A 5 -18.83 4.48 4.53
C THR A 5 -17.63 3.68 4.01
N PRO A 6 -17.61 2.36 4.39
CA PRO A 6 -16.53 1.49 3.97
C PRO A 6 -16.68 1.10 2.49
N PRO A 7 -15.80 1.71 1.65
CA PRO A 7 -15.83 1.44 0.22
C PRO A 7 -15.23 0.07 -0.09
N THR A 8 -13.94 0.08 -0.41
CA THR A 8 -13.23 -1.15 -0.74
C THR A 8 -11.73 -0.88 -0.86
N VAL A 9 -10.95 -1.90 -0.53
CA VAL A 9 -9.51 -1.79 -0.59
C VAL A 9 -8.94 -3.02 -1.31
N LYS A 10 -7.84 -2.79 -2.00
CA LYS A 10 -7.19 -3.86 -2.75
C LYS A 10 -5.67 -3.80 -2.51
N ILE A 11 -5.02 -4.90 -2.82
CA ILE A 11 -3.57 -4.99 -2.65
C ILE A 11 -2.94 -5.59 -3.91
N LEU A 12 -2.13 -4.78 -4.57
CA LEU A 12 -1.47 -5.21 -5.79
C LEU A 12 0.05 -5.26 -5.56
N GLN A 13 0.65 -6.37 -5.96
CA GLN A 13 2.07 -6.55 -5.80
C GLN A 13 2.78 -6.43 -7.15
N SER A 14 4.02 -5.94 -7.09
CA SER A 14 4.81 -5.78 -8.30
C SER A 14 6.21 -6.35 -8.09
N SER A 15 6.26 -7.67 -8.00
CA SER A 15 7.53 -8.35 -7.80
C SER A 15 7.89 -9.16 -9.04
N SER A 16 8.49 -8.49 -10.00
CA SER A 16 8.89 -9.14 -11.24
C SER A 16 10.26 -9.78 -11.08
N ASP A 17 10.83 -10.19 -12.21
CA ASP A 17 12.14 -10.82 -12.20
C ASP A 17 12.51 -11.20 -13.63
N GLY A 18 13.81 -11.41 -13.83
CA GLY A 18 14.31 -11.78 -15.14
C GLY A 18 15.81 -11.49 -15.25
N GLY A 19 16.16 -10.24 -15.02
CA GLY A 19 17.56 -9.82 -15.09
C GLY A 19 17.67 -8.30 -15.22
N GLY A 20 18.70 -7.76 -14.59
CA GLY A 20 18.94 -6.33 -14.63
C GLY A 20 20.20 -5.97 -13.84
N HIS A 21 20.79 -4.84 -14.23
CA HIS A 21 22.00 -4.37 -13.58
C HIS A 21 21.63 -3.70 -12.26
N PHE A 22 20.53 -2.97 -12.28
CA PHE A 22 20.06 -2.28 -11.08
C PHE A 22 19.66 -3.28 -9.99
N PRO A 23 19.45 -2.73 -8.77
CA PRO A 23 19.07 -3.55 -7.64
C PRO A 23 17.60 -3.98 -7.74
N PRO A 24 17.36 -5.27 -7.37
CA PRO A 24 16.01 -5.80 -7.42
C PRO A 24 15.17 -5.27 -6.25
N THR A 25 13.94 -4.90 -6.57
CA THR A 25 13.02 -4.38 -5.57
C THR A 25 11.62 -4.92 -5.79
N ILE A 26 10.71 -4.50 -4.93
CA ILE A 26 9.32 -4.92 -5.02
C ILE A 26 8.40 -3.72 -4.82
N GLN A 27 7.41 -3.62 -5.70
CA GLN A 27 6.45 -2.53 -5.62
C GLN A 27 5.06 -3.06 -5.27
N LEU A 28 4.61 -2.70 -4.08
CA LEU A 28 3.31 -3.13 -3.61
C LEU A 28 2.38 -1.92 -3.54
N LEU A 29 1.46 -1.87 -4.49
CA LEU A 29 0.50 -0.78 -4.56
C LEU A 29 -0.90 -1.32 -4.26
N CYS A 30 -1.53 -0.69 -3.28
CA CYS A 30 -2.86 -1.09 -2.88
C CYS A 30 -3.88 -0.23 -3.64
N LEU A 31 -5.11 -0.73 -3.70
CA LEU A 31 -6.17 -0.01 -4.39
C LEU A 31 -7.32 0.24 -3.42
N VAL A 32 -7.38 1.47 -2.93
CA VAL A 32 -8.42 1.85 -2.00
C VAL A 32 -9.02 3.19 -2.43
N SER A 33 -10.34 3.19 -2.60
CA SER A 33 -11.04 4.39 -3.02
C SER A 33 -12.48 4.34 -2.53
N GLY A 34 -13.22 5.40 -2.85
CA GLY A 34 -14.61 5.49 -2.45
C GLY A 34 -14.75 6.17 -1.09
N TYR A 35 -13.83 5.83 -0.19
CA TYR A 35 -13.84 6.40 1.15
C TYR A 35 -13.54 7.91 1.10
N THR A 36 -14.16 8.63 2.02
CA THR A 36 -13.98 10.07 2.09
C THR A 36 -14.02 10.68 0.69
N PRO A 37 -14.32 12.01 0.66
CA PRO A 37 -14.40 12.73 -0.61
C PRO A 37 -13.00 13.00 -1.16
N GLY A 38 -12.00 12.77 -0.31
CA GLY A 38 -10.62 12.98 -0.71
C GLY A 38 -9.80 11.70 -0.55
N THR A 39 -9.98 11.05 0.59
CA THR A 39 -9.28 9.82 0.87
C THR A 39 -9.16 9.61 2.39
N ILE A 40 -8.72 8.41 2.75
CA ILE A 40 -8.56 8.07 4.15
C ILE A 40 -7.09 8.25 4.55
N ASN A 41 -6.67 7.41 5.48
CA ASN A 41 -5.29 7.46 5.96
C ASN A 41 -4.47 6.40 5.24
N ILE A 42 -3.30 6.82 4.76
CA ILE A 42 -2.40 5.92 4.05
C ILE A 42 -1.23 5.56 4.95
N THR A 43 -1.08 4.27 5.20
CA THR A 43 0.00 3.78 6.04
C THR A 43 0.31 2.32 5.72
N TRP A 44 1.49 1.90 6.15
CA TRP A 44 1.91 0.52 5.91
C TRP A 44 2.66 0.04 7.16
N LEU A 45 2.26 -1.14 7.63
CA LEU A 45 2.88 -1.72 8.81
C LEU A 45 4.04 -2.62 8.38
N GLU A 46 5.24 -2.19 8.72
CA GLU A 46 6.43 -2.94 8.38
C GLU A 46 6.90 -3.78 9.57
N ASP A 47 7.39 -4.97 9.27
CA ASP A 47 7.86 -5.86 10.31
C ASP A 47 9.11 -6.60 9.80
N GLY A 48 10.26 -6.08 10.18
CA GLY A 48 11.52 -6.67 9.78
C GLY A 48 12.54 -5.60 9.41
N GLN A 49 12.60 -4.57 10.25
CA GLN A 49 13.52 -3.47 10.02
C GLN A 49 13.02 -2.57 8.90
N VAL A 50 12.36 -1.50 9.29
CA VAL A 50 11.82 -0.55 8.33
C VAL A 50 12.92 0.42 7.90
N MET A 51 13.44 0.19 6.71
CA MET A 51 14.50 1.05 6.18
C MET A 51 13.92 2.28 5.49
N ASP A 52 14.69 3.36 5.54
CA ASP A 52 14.26 4.61 4.92
C ASP A 52 14.25 4.45 3.40
N VAL A 53 14.68 3.27 2.96
CA VAL A 53 14.72 2.99 1.54
C VAL A 53 13.60 2.01 1.19
N ASP A 54 12.71 1.80 2.15
CA ASP A 54 11.59 0.90 1.96
C ASP A 54 10.35 1.48 2.63
N LEU A 55 9.59 2.24 1.86
CA LEU A 55 8.38 2.87 2.36
C LEU A 55 7.27 2.74 1.32
N SER A 56 6.05 2.92 1.78
CA SER A 56 4.89 2.83 0.90
C SER A 56 4.01 4.07 1.05
N THR A 57 3.63 4.63 -0.08
CA THR A 57 2.79 5.82 -0.09
C THR A 57 1.63 5.65 -1.07
N ALA A 58 0.57 6.40 -0.82
CA ALA A 58 -0.61 6.35 -1.67
C ALA A 58 -0.98 7.77 -2.11
N SER A 59 -1.60 7.86 -3.28
CA SER A 59 -2.02 9.13 -3.82
C SER A 59 -3.53 9.29 -3.68
N THR A 60 -3.97 10.55 -3.68
CA THR A 60 -5.39 10.84 -3.55
C THR A 60 -5.95 11.30 -4.90
N THR A 61 -7.18 10.87 -5.17
CA THR A 61 -7.84 11.23 -6.41
C THR A 61 -9.34 11.44 -6.17
N GLN A 62 -9.96 12.11 -7.13
CA GLN A 62 -11.39 12.38 -7.03
C GLN A 62 -12.18 11.36 -7.86
N GLU A 63 -13.17 10.76 -7.23
CA GLU A 63 -14.00 9.78 -7.89
C GLU A 63 -15.48 10.14 -7.73
N GLY A 64 -15.85 11.28 -8.31
CA GLY A 64 -17.22 11.74 -8.24
C GLY A 64 -17.55 12.28 -6.85
N GLU A 65 -18.35 11.53 -6.12
CA GLU A 65 -18.75 11.91 -4.78
C GLU A 65 -17.90 11.17 -3.75
N LEU A 66 -16.99 10.34 -4.25
CA LEU A 66 -16.12 9.56 -3.37
C LEU A 66 -14.67 10.01 -3.60
N ALA A 67 -13.77 9.31 -2.92
CA ALA A 67 -12.35 9.61 -3.04
C ALA A 67 -11.57 8.33 -3.28
N SER A 68 -10.81 8.33 -4.37
CA SER A 68 -10.02 7.16 -4.72
C SER A 68 -8.53 7.46 -4.50
N THR A 69 -7.94 6.69 -3.60
CA THR A 69 -6.53 6.85 -3.28
C THR A 69 -5.75 5.58 -3.63
N GLN A 70 -4.73 5.76 -4.45
CA GLN A 70 -3.89 4.65 -4.87
C GLN A 70 -2.69 4.52 -3.94
N SER A 71 -2.54 3.32 -3.39
CA SER A 71 -1.43 3.04 -2.48
C SER A 71 -0.30 2.35 -3.24
N GLU A 72 0.92 2.71 -2.85
CA GLU A 72 2.09 2.13 -3.49
C GLU A 72 3.15 1.76 -2.43
N LEU A 73 3.99 0.82 -2.80
CA LEU A 73 5.04 0.36 -1.90
C LEU A 73 6.33 0.13 -2.69
N THR A 74 7.45 0.38 -2.03
CA THR A 74 8.74 0.20 -2.66
C THR A 74 9.79 -0.23 -1.63
N LEU A 75 10.36 -1.40 -1.87
CA LEU A 75 11.38 -1.93 -0.97
C LEU A 75 12.47 -2.61 -1.79
N SER A 76 13.58 -2.90 -1.12
CA SER A 76 14.70 -3.55 -1.77
C SER A 76 14.54 -5.07 -1.71
N GLN A 77 14.91 -5.72 -2.80
CA GLN A 77 14.81 -7.16 -2.89
C GLN A 77 15.65 -7.82 -1.79
N LYS A 78 16.76 -7.18 -1.48
CA LYS A 78 17.65 -7.69 -0.44
C LYS A 78 16.86 -7.91 0.84
N HIS A 79 16.23 -6.84 1.31
CA HIS A 79 15.43 -6.91 2.52
C HIS A 79 14.38 -8.00 2.39
N TRP A 80 13.88 -8.16 1.17
CA TRP A 80 12.87 -9.16 0.90
C TRP A 80 13.47 -10.53 1.21
N LEU A 81 14.72 -10.69 0.81
CA LEU A 81 15.42 -11.95 1.03
C LEU A 81 15.72 -12.11 2.52
N SER A 82 15.94 -10.97 3.18
CA SER A 82 16.23 -10.97 4.60
C SER A 82 14.95 -11.18 5.40
N ASP A 83 13.87 -11.47 4.67
CA ASP A 83 12.58 -11.70 5.29
C ASP A 83 12.06 -10.37 5.87
N ARG A 84 10.75 -10.23 5.82
CA ARG A 84 10.12 -9.02 6.33
C ARG A 84 8.60 -9.11 6.17
N THR A 85 7.92 -8.09 6.66
CA THR A 85 6.47 -8.03 6.58
C THR A 85 6.01 -6.65 6.13
N TYR A 86 5.48 -6.61 4.91
CA TYR A 86 5.00 -5.36 4.36
C TYR A 86 3.48 -5.38 4.19
N THR A 87 2.83 -4.42 4.83
CA THR A 87 1.37 -4.33 4.76
C THR A 87 0.94 -2.87 4.63
N CYS A 88 -0.03 -2.65 3.77
CA CYS A 88 -0.55 -1.31 3.55
C CYS A 88 -1.85 -1.15 4.35
N GLN A 89 -1.73 -0.48 5.48
CA GLN A 89 -2.88 -0.24 6.33
C GLN A 89 -3.52 1.11 6.02
N VAL A 90 -4.71 1.04 5.43
CA VAL A 90 -5.44 2.25 5.08
C VAL A 90 -6.62 2.43 6.03
N THR A 91 -6.58 3.54 6.76
CA THR A 91 -7.63 3.84 7.71
C THR A 91 -8.60 4.86 7.12
N TYR A 92 -9.84 4.82 7.62
CA TYR A 92 -10.86 5.74 7.15
C TYR A 92 -11.38 6.61 8.30
N GLN A 93 -12.00 7.72 7.92
CA GLN A 93 -12.54 8.64 8.90
C GLN A 93 -13.42 7.89 9.90
N GLY A 94 -13.92 6.75 9.47
CA GLY A 94 -14.77 5.93 10.31
C GLY A 94 -14.66 4.45 9.94
N HIS A 95 -13.48 4.08 9.47
CA HIS A 95 -13.23 2.70 9.07
C HIS A 95 -11.73 2.41 9.11
N THR A 96 -11.38 1.19 8.77
CA THR A 96 -9.98 0.77 8.76
C THR A 96 -9.81 -0.48 7.90
N PHE A 97 -8.61 -0.61 7.36
CA PHE A 97 -8.28 -1.76 6.52
C PHE A 97 -6.78 -2.04 6.53
N GLU A 98 -6.44 -3.27 6.15
CA GLU A 98 -5.05 -3.68 6.11
C GLU A 98 -4.87 -4.84 5.13
N ASP A 99 -4.21 -4.55 4.02
CA ASP A 99 -3.96 -5.55 3.00
C ASP A 99 -2.54 -5.40 2.47
N SER A 100 -1.81 -6.51 2.51
CA SER A 100 -0.44 -6.52 2.04
C SER A 100 0.08 -7.94 1.94
N THR A 101 1.40 -8.08 2.09
CA THR A 101 2.03 -9.39 2.02
C THR A 101 3.10 -9.52 3.10
N LYS A 102 3.64 -10.72 3.21
CA LYS A 102 4.67 -10.99 4.20
C LYS A 102 5.30 -12.35 3.91
N LYS A 103 6.63 -12.38 3.95
CA LYS A 103 7.35 -13.62 3.71
C LYS A 103 8.66 -13.61 4.52
N SER A 104 9.51 -14.57 4.21
CA SER A 104 10.78 -14.68 4.90
C SER A 104 11.85 -15.25 3.96
N ALA A 105 11.53 -15.20 2.67
CA ALA A 105 12.44 -15.70 1.65
C ALA A 105 13.15 -16.95 2.18
N SER A 1 -31.00 5.77 7.08
CA SER A 1 -30.83 4.55 6.31
C SER A 1 -29.34 4.19 6.24
N ARG A 2 -28.56 5.12 5.72
CA ARG A 2 -27.12 4.90 5.60
C ARG A 2 -26.42 6.22 5.29
N ASP A 3 -25.10 6.17 5.34
CA ASP A 3 -24.29 7.36 5.08
C ASP A 3 -22.84 6.94 4.81
N PHE A 4 -22.11 7.84 4.17
CA PHE A 4 -20.72 7.57 3.85
C PHE A 4 -20.60 6.73 2.58
N THR A 5 -19.44 6.83 1.94
CA THR A 5 -19.19 6.09 0.72
C THR A 5 -18.55 4.74 1.03
N PRO A 6 -18.75 3.78 0.09
CA PRO A 6 -18.20 2.45 0.25
C PRO A 6 -16.69 2.44 0.00
N PRO A 7 -15.92 2.16 1.10
CA PRO A 7 -14.48 2.12 1.00
C PRO A 7 -14.01 0.84 0.31
N THR A 8 -12.84 0.93 -0.31
CA THR A 8 -12.27 -0.21 -1.01
C THR A 8 -10.75 -0.11 -1.05
N VAL A 9 -10.10 -1.17 -0.61
CA VAL A 9 -8.65 -1.22 -0.58
C VAL A 9 -8.17 -2.53 -1.21
N LYS A 10 -7.08 -2.43 -1.95
CA LYS A 10 -6.51 -3.60 -2.61
C LYS A 10 -4.99 -3.56 -2.49
N ILE A 11 -4.37 -4.69 -2.81
CA ILE A 11 -2.92 -4.79 -2.74
C ILE A 11 -2.39 -5.26 -4.09
N LEU A 12 -1.51 -4.43 -4.66
CA LEU A 12 -0.92 -4.75 -5.94
C LEU A 12 0.60 -4.80 -5.81
N GLN A 13 1.18 -5.90 -6.28
CA GLN A 13 2.62 -6.07 -6.20
C GLN A 13 3.23 -5.93 -7.60
N SER A 14 4.38 -5.27 -7.64
CA SER A 14 5.09 -5.06 -8.90
C SER A 14 6.57 -5.39 -8.73
N SER A 15 6.85 -6.68 -8.70
CA SER A 15 8.23 -7.14 -8.55
C SER A 15 8.58 -8.11 -9.68
N SER A 16 7.83 -9.20 -9.74
CA SER A 16 8.05 -10.21 -10.77
C SER A 16 7.43 -9.76 -12.09
N ASP A 17 6.14 -9.48 -12.03
CA ASP A 17 5.42 -9.04 -13.22
C ASP A 17 5.56 -7.52 -13.36
N GLY A 18 6.46 -6.97 -12.57
CA GLY A 18 6.71 -5.54 -12.60
C GLY A 18 8.20 -5.24 -12.75
N GLY A 19 8.70 -5.47 -13.96
CA GLY A 19 10.10 -5.23 -14.24
C GLY A 19 10.66 -6.31 -15.18
N GLY A 20 11.80 -5.99 -15.78
CA GLY A 20 12.44 -6.91 -16.70
C GLY A 20 13.29 -7.92 -15.94
N HIS A 21 13.02 -9.20 -16.19
CA HIS A 21 13.75 -10.27 -15.54
C HIS A 21 13.45 -10.26 -14.04
N PHE A 22 14.19 -9.41 -13.34
CA PHE A 22 14.01 -9.30 -11.89
C PHE A 22 14.51 -7.95 -11.39
N PRO A 23 13.56 -7.14 -10.85
CA PRO A 23 13.89 -5.83 -10.32
C PRO A 23 14.61 -5.95 -8.98
N PRO A 24 15.63 -5.06 -8.79
CA PRO A 24 16.39 -5.04 -7.55
C PRO A 24 15.59 -4.43 -6.42
N THR A 25 14.34 -4.09 -6.72
CA THR A 25 13.46 -3.49 -5.74
C THR A 25 12.06 -4.09 -5.83
N ILE A 26 11.14 -3.49 -5.09
CA ILE A 26 9.76 -3.97 -5.08
C ILE A 26 8.82 -2.76 -5.20
N GLN A 27 7.77 -2.95 -5.98
CA GLN A 27 6.79 -1.89 -6.19
C GLN A 27 5.41 -2.38 -5.76
N LEU A 28 5.13 -2.22 -4.47
CA LEU A 28 3.85 -2.62 -3.93
C LEU A 28 2.90 -1.42 -3.89
N LEU A 29 2.01 -1.39 -4.86
CA LEU A 29 1.04 -0.31 -4.96
C LEU A 29 -0.30 -0.77 -4.38
N CYS A 30 -0.73 -0.08 -3.34
CA CYS A 30 -1.98 -0.42 -2.69
C CYS A 30 -3.09 0.44 -3.32
N LEU A 31 -4.14 -0.25 -3.74
CA LEU A 31 -5.26 0.43 -4.36
C LEU A 31 -6.33 0.71 -3.31
N VAL A 32 -6.63 2.00 -3.14
CA VAL A 32 -7.63 2.42 -2.17
C VAL A 32 -8.33 3.67 -2.68
N SER A 33 -9.59 3.49 -3.07
CA SER A 33 -10.38 4.59 -3.58
C SER A 33 -11.85 4.38 -3.21
N GLY A 34 -12.68 5.32 -3.65
CA GLY A 34 -14.10 5.27 -3.37
C GLY A 34 -14.41 5.81 -1.98
N TYR A 35 -13.66 5.32 -1.01
CA TYR A 35 -13.85 5.75 0.37
C TYR A 35 -13.57 7.24 0.52
N THR A 36 -14.30 7.86 1.43
CA THR A 36 -14.14 9.29 1.69
C THR A 36 -14.21 10.06 0.38
N PRO A 37 -14.93 11.22 0.43
CA PRO A 37 -15.07 12.06 -0.75
C PRO A 37 -13.78 12.84 -1.02
N GLY A 38 -12.90 12.82 -0.04
CA GLY A 38 -11.63 13.52 -0.16
C GLY A 38 -10.46 12.56 0.08
N THR A 39 -10.79 11.29 0.25
CA THR A 39 -9.77 10.28 0.48
C THR A 39 -9.58 10.07 1.98
N ILE A 40 -8.49 9.38 2.32
CA ILE A 40 -8.18 9.10 3.70
C ILE A 40 -6.69 9.36 3.95
N ASN A 41 -6.10 8.51 4.76
CA ASN A 41 -4.68 8.64 5.09
C ASN A 41 -3.92 7.43 4.55
N ILE A 42 -2.62 7.59 4.41
CA ILE A 42 -1.77 6.52 3.92
C ILE A 42 -0.82 6.07 5.04
N THR A 43 -0.70 4.75 5.15
CA THR A 43 0.17 4.17 6.17
C THR A 43 0.63 2.78 5.75
N TRP A 44 1.81 2.40 6.23
CA TRP A 44 2.37 1.11 5.92
C TRP A 44 3.13 0.60 7.14
N LEU A 45 2.84 -0.62 7.52
CA LEU A 45 3.49 -1.23 8.68
C LEU A 45 4.52 -2.26 8.20
N GLU A 46 5.77 -1.99 8.53
CA GLU A 46 6.87 -2.87 8.15
C GLU A 46 7.30 -3.73 9.34
N ASP A 47 7.90 -4.86 9.03
CA ASP A 47 8.38 -5.77 10.05
C ASP A 47 9.60 -6.53 9.54
N GLY A 48 10.77 -6.10 9.99
CA GLY A 48 12.01 -6.73 9.58
C GLY A 48 13.16 -5.71 9.59
N GLN A 49 13.39 -5.14 10.76
CA GLN A 49 14.45 -4.16 10.92
C GLN A 49 13.99 -2.79 10.40
N VAL A 50 13.66 -1.93 11.35
CA VAL A 50 13.21 -0.59 11.02
C VAL A 50 14.43 0.29 10.71
N MET A 51 15.35 -0.28 9.94
CA MET A 51 16.55 0.44 9.57
C MET A 51 16.34 1.26 8.29
N ASP A 52 17.42 1.86 7.81
CA ASP A 52 17.35 2.66 6.61
C ASP A 52 17.00 1.77 5.42
N VAL A 53 15.70 1.51 5.28
CA VAL A 53 15.22 0.69 4.18
C VAL A 53 14.43 1.55 3.20
N ASP A 54 13.13 1.28 3.14
CA ASP A 54 12.27 2.02 2.24
C ASP A 54 10.90 2.22 2.90
N LEU A 55 9.97 2.76 2.13
CA LEU A 55 8.63 3.00 2.64
C LEU A 55 7.64 2.99 1.47
N SER A 56 6.38 3.20 1.80
CA SER A 56 5.33 3.20 0.80
C SER A 56 4.39 4.39 1.03
N THR A 57 4.06 5.08 -0.05
CA THR A 57 3.18 6.22 0.03
C THR A 57 2.06 6.12 -1.02
N ALA A 58 0.98 6.84 -0.76
CA ALA A 58 -0.15 6.83 -1.66
C ALA A 58 -0.61 8.26 -1.93
N SER A 59 -1.18 8.47 -3.10
CA SER A 59 -1.67 9.79 -3.48
C SER A 59 -3.19 9.82 -3.45
N THR A 60 -3.72 11.02 -3.26
CA THR A 60 -5.17 11.19 -3.21
C THR A 60 -5.67 11.83 -4.50
N THR A 61 -6.83 11.38 -4.94
CA THR A 61 -7.43 11.89 -6.15
C THR A 61 -8.95 11.99 -6.01
N GLN A 62 -9.55 12.81 -6.84
CA GLN A 62 -10.99 13.00 -6.82
C GLN A 62 -11.66 12.10 -7.86
N GLU A 63 -12.67 11.38 -7.41
CA GLU A 63 -13.41 10.48 -8.28
C GLU A 63 -14.91 10.74 -8.16
N GLY A 64 -15.31 11.94 -8.57
CA GLY A 64 -16.71 12.32 -8.51
C GLY A 64 -17.15 12.59 -7.07
N GLU A 65 -17.95 11.66 -6.56
CA GLU A 65 -18.45 11.79 -5.20
C GLU A 65 -17.62 10.91 -4.24
N LEU A 66 -16.64 10.24 -4.82
CA LEU A 66 -15.77 9.37 -4.04
C LEU A 66 -14.34 9.91 -4.07
N ALA A 67 -13.46 9.21 -3.38
CA ALA A 67 -12.07 9.61 -3.32
C ALA A 67 -11.18 8.42 -3.67
N SER A 68 -10.42 8.57 -4.74
CA SER A 68 -9.53 7.51 -5.19
C SER A 68 -8.08 7.85 -4.79
N THR A 69 -7.54 7.01 -3.92
CA THR A 69 -6.18 7.19 -3.45
C THR A 69 -5.30 6.02 -3.88
N GLN A 70 -4.28 6.34 -4.65
CA GLN A 70 -3.35 5.33 -5.14
C GLN A 70 -2.16 5.20 -4.19
N SER A 71 -1.93 3.98 -3.75
CA SER A 71 -0.82 3.71 -2.85
C SER A 71 0.31 2.99 -3.59
N GLU A 72 1.53 3.35 -3.24
CA GLU A 72 2.70 2.76 -3.87
C GLU A 72 3.73 2.38 -2.81
N LEU A 73 4.49 1.34 -3.12
CA LEU A 73 5.52 0.86 -2.20
C LEU A 73 6.84 0.71 -2.97
N THR A 74 7.91 1.13 -2.31
CA THR A 74 9.24 1.05 -2.91
C THR A 74 10.26 0.57 -1.88
N LEU A 75 10.83 -0.58 -2.16
CA LEU A 75 11.82 -1.17 -1.28
C LEU A 75 12.88 -1.90 -2.10
N SER A 76 14.04 -2.08 -1.50
CA SER A 76 15.14 -2.76 -2.17
C SER A 76 15.01 -4.27 -1.99
N GLN A 77 15.33 -4.99 -3.04
CA GLN A 77 15.25 -6.44 -3.02
C GLN A 77 16.17 -7.01 -1.93
N LYS A 78 17.23 -6.26 -1.65
CA LYS A 78 18.18 -6.67 -0.64
C LYS A 78 17.44 -6.99 0.66
N HIS A 79 16.67 -6.01 1.12
CA HIS A 79 15.91 -6.16 2.34
C HIS A 79 14.96 -7.35 2.21
N TRP A 80 14.34 -7.45 1.05
CA TRP A 80 13.41 -8.54 0.79
C TRP A 80 14.19 -9.85 0.90
N LEU A 81 15.50 -9.74 0.80
CA LEU A 81 16.36 -10.91 0.89
C LEU A 81 16.58 -11.27 2.36
N SER A 82 16.82 -10.23 3.15
CA SER A 82 17.05 -10.43 4.57
C SER A 82 15.72 -10.54 5.31
N ASP A 83 14.73 -11.07 4.60
CA ASP A 83 13.41 -11.25 5.17
C ASP A 83 12.83 -9.88 5.56
N ARG A 84 11.52 -9.78 5.49
CA ARG A 84 10.85 -8.53 5.83
C ARG A 84 9.33 -8.70 5.70
N THR A 85 8.61 -7.74 6.27
CA THR A 85 7.16 -7.76 6.23
C THR A 85 6.62 -6.42 5.75
N TYR A 86 5.93 -6.45 4.62
CA TYR A 86 5.36 -5.25 4.05
C TYR A 86 3.83 -5.25 4.19
N THR A 87 3.32 -4.14 4.70
CA THR A 87 1.87 -4.01 4.88
C THR A 87 1.44 -2.56 4.64
N CYS A 88 0.50 -2.41 3.71
CA CYS A 88 0.00 -1.09 3.38
C CYS A 88 -1.30 -0.85 4.16
N GLN A 89 -1.15 -0.17 5.29
CA GLN A 89 -2.28 0.13 6.14
C GLN A 89 -2.88 1.48 5.77
N VAL A 90 -4.11 1.44 5.27
CA VAL A 90 -4.81 2.65 4.87
C VAL A 90 -5.85 3.02 5.94
N THR A 91 -5.86 4.28 6.31
CA THR A 91 -6.79 4.76 7.31
C THR A 91 -7.88 5.62 6.65
N TYR A 92 -8.95 5.83 7.40
CA TYR A 92 -10.06 6.63 6.91
C TYR A 92 -10.60 7.57 8.01
N GLN A 93 -11.13 8.69 7.56
CA GLN A 93 -11.68 9.67 8.50
C GLN A 93 -12.64 8.99 9.47
N GLY A 94 -13.15 7.84 9.05
CA GLY A 94 -14.07 7.08 9.87
C GLY A 94 -14.02 5.59 9.53
N HIS A 95 -12.81 5.12 9.23
CA HIS A 95 -12.62 3.73 8.88
C HIS A 95 -11.12 3.40 8.92
N THR A 96 -10.83 2.12 8.76
CA THR A 96 -9.45 1.66 8.78
C THR A 96 -9.34 0.28 8.13
N PHE A 97 -8.16 -0.01 7.62
CA PHE A 97 -7.91 -1.28 6.97
C PHE A 97 -6.41 -1.48 6.69
N GLU A 98 -6.05 -2.72 6.40
CA GLU A 98 -4.67 -3.05 6.11
C GLU A 98 -4.59 -4.26 5.18
N ASP A 99 -3.76 -4.13 4.16
CA ASP A 99 -3.58 -5.21 3.19
C ASP A 99 -2.15 -5.18 2.67
N SER A 100 -1.49 -6.33 2.79
CA SER A 100 -0.12 -6.44 2.33
C SER A 100 0.30 -7.92 2.30
N THR A 101 1.60 -8.14 2.40
CA THR A 101 2.13 -9.48 2.40
C THR A 101 3.32 -9.60 3.36
N LYS A 102 3.81 -10.82 3.51
CA LYS A 102 4.93 -11.07 4.39
C LYS A 102 5.77 -12.22 3.83
N LYS A 103 7.02 -11.90 3.54
CA LYS A 103 7.94 -12.89 2.99
C LYS A 103 9.36 -12.34 3.06
N SER A 104 9.96 -12.17 1.89
CA SER A 104 11.31 -11.66 1.81
C SER A 104 12.30 -12.69 2.39
N ALA A 105 11.82 -13.92 2.48
CA ALA A 105 12.63 -14.99 3.02
C ALA A 105 11.99 -16.35 2.66
N SER A 1 -31.53 7.47 4.72
CA SER A 1 -31.21 8.21 3.51
C SER A 1 -29.92 7.68 2.88
N ARG A 2 -28.81 8.25 3.31
CA ARG A 2 -27.51 7.85 2.80
C ARG A 2 -26.41 8.72 3.42
N ASP A 3 -25.29 8.06 3.72
CA ASP A 3 -24.16 8.75 4.32
C ASP A 3 -22.87 7.98 4.01
N PHE A 4 -21.86 8.71 3.60
CA PHE A 4 -20.57 8.12 3.27
C PHE A 4 -20.72 7.12 2.12
N THR A 5 -19.72 7.12 1.24
CA THR A 5 -19.73 6.23 0.11
C THR A 5 -19.14 4.87 0.48
N PRO A 6 -19.30 3.90 -0.44
CA PRO A 6 -18.79 2.55 -0.21
C PRO A 6 -17.27 2.50 -0.38
N PRO A 7 -16.57 2.25 0.76
CA PRO A 7 -15.13 2.17 0.75
C PRO A 7 -14.65 0.86 0.12
N THR A 8 -13.41 0.88 -0.34
CA THR A 8 -12.82 -0.29 -0.96
C THR A 8 -11.29 -0.18 -0.97
N VAL A 9 -10.64 -1.31 -0.69
CA VAL A 9 -9.19 -1.35 -0.67
C VAL A 9 -8.72 -2.61 -1.39
N LYS A 10 -7.61 -2.46 -2.10
CA LYS A 10 -7.03 -3.57 -2.83
C LYS A 10 -5.52 -3.60 -2.61
N ILE A 11 -4.92 -4.73 -2.98
CA ILE A 11 -3.48 -4.89 -2.83
C ILE A 11 -2.91 -5.54 -4.10
N LEU A 12 -1.99 -4.82 -4.71
CA LEU A 12 -1.36 -5.32 -5.93
C LEU A 12 0.16 -5.22 -5.79
N GLN A 13 0.83 -6.27 -6.21
CA GLN A 13 2.28 -6.32 -6.15
C GLN A 13 2.89 -6.08 -7.52
N SER A 14 4.04 -5.43 -7.52
CA SER A 14 4.74 -5.13 -8.76
C SER A 14 6.22 -5.51 -8.64
N SER A 15 6.48 -6.81 -8.72
CA SER A 15 7.83 -7.31 -8.62
C SER A 15 8.17 -8.14 -9.85
N SER A 16 7.21 -8.95 -10.27
CA SER A 16 7.40 -9.80 -11.44
C SER A 16 8.26 -11.01 -11.08
N ASP A 17 8.27 -11.98 -11.97
CA ASP A 17 9.04 -13.20 -11.75
C ASP A 17 10.38 -12.83 -11.10
N GLY A 18 10.97 -13.81 -10.44
CA GLY A 18 12.24 -13.61 -9.78
C GLY A 18 12.25 -14.26 -8.40
N GLY A 19 13.12 -15.24 -8.24
CA GLY A 19 13.24 -15.95 -6.98
C GLY A 19 14.26 -15.27 -6.06
N GLY A 20 14.27 -13.95 -6.10
CA GLY A 20 15.19 -13.18 -5.29
C GLY A 20 16.39 -12.71 -6.12
N HIS A 21 16.99 -13.66 -6.82
CA HIS A 21 18.13 -13.36 -7.66
C HIS A 21 17.66 -12.85 -9.02
N PHE A 22 17.04 -11.69 -9.00
CA PHE A 22 16.53 -11.09 -10.23
C PHE A 22 15.90 -9.72 -9.95
N PRO A 23 14.92 -9.71 -9.02
CA PRO A 23 14.24 -8.49 -8.65
C PRO A 23 15.12 -7.60 -7.77
N PRO A 24 15.37 -6.37 -8.27
CA PRO A 24 16.20 -5.43 -7.52
C PRO A 24 15.44 -4.84 -6.34
N THR A 25 14.19 -4.49 -6.59
CA THR A 25 13.35 -3.92 -5.56
C THR A 25 11.95 -4.53 -5.61
N ILE A 26 11.03 -3.89 -4.89
CA ILE A 26 9.66 -4.36 -4.85
C ILE A 26 8.71 -3.16 -4.94
N GLN A 27 7.69 -3.30 -5.77
CA GLN A 27 6.71 -2.25 -5.94
C GLN A 27 5.33 -2.73 -5.50
N LEU A 28 5.09 -2.64 -4.21
CA LEU A 28 3.81 -3.05 -3.66
C LEU A 28 2.92 -1.83 -3.45
N LEU A 29 1.88 -1.74 -4.25
CA LEU A 29 0.95 -0.63 -4.17
C LEU A 29 -0.42 -1.15 -3.72
N CYS A 30 -1.18 -0.25 -3.10
CA CYS A 30 -2.51 -0.60 -2.62
C CYS A 30 -3.54 0.10 -3.51
N LEU A 31 -4.75 -0.44 -3.49
CA LEU A 31 -5.83 0.13 -4.28
C LEU A 31 -6.99 0.50 -3.36
N VAL A 32 -6.96 1.73 -2.88
CA VAL A 32 -8.01 2.21 -1.99
C VAL A 32 -8.62 3.48 -2.57
N SER A 33 -9.88 3.38 -2.94
CA SER A 33 -10.60 4.51 -3.52
C SER A 33 -12.11 4.36 -3.26
N GLY A 34 -12.84 5.34 -3.76
CA GLY A 34 -14.29 5.34 -3.58
C GLY A 34 -14.68 5.87 -2.20
N TYR A 35 -13.99 5.38 -1.20
CA TYR A 35 -14.25 5.80 0.17
C TYR A 35 -13.91 7.27 0.37
N THR A 36 -14.61 7.88 1.32
CA THR A 36 -14.39 9.28 1.63
C THR A 36 -14.36 10.11 0.33
N PRO A 37 -15.03 11.30 0.39
CA PRO A 37 -15.09 12.18 -0.75
C PRO A 37 -13.76 12.90 -0.97
N GLY A 38 -12.91 12.81 0.05
CA GLY A 38 -11.60 13.44 -0.01
C GLY A 38 -10.48 12.42 0.24
N THR A 39 -10.89 11.17 0.42
CA THR A 39 -9.94 10.10 0.66
C THR A 39 -9.77 9.88 2.18
N ILE A 40 -8.74 9.13 2.52
CA ILE A 40 -8.46 8.84 3.91
C ILE A 40 -6.96 9.04 4.18
N ASN A 41 -6.42 8.16 5.00
CA ASN A 41 -5.00 8.24 5.34
C ASN A 41 -4.25 7.09 4.65
N ILE A 42 -2.96 7.32 4.45
CA ILE A 42 -2.13 6.31 3.81
C ILE A 42 -1.01 5.91 4.77
N THR A 43 -0.85 4.60 4.92
CA THR A 43 0.17 4.06 5.80
C THR A 43 0.49 2.61 5.42
N TRP A 44 1.64 2.16 5.89
CA TRP A 44 2.08 0.80 5.62
C TRP A 44 2.74 0.24 6.88
N LEU A 45 2.28 -0.94 7.27
CA LEU A 45 2.83 -1.59 8.45
C LEU A 45 4.00 -2.48 8.06
N GLU A 46 5.20 -1.99 8.36
CA GLU A 46 6.41 -2.74 8.04
C GLU A 46 6.93 -3.45 9.28
N ASP A 47 7.64 -4.55 9.04
CA ASP A 47 8.20 -5.33 10.13
C ASP A 47 9.48 -6.02 9.65
N GLY A 48 10.61 -5.38 9.95
CA GLY A 48 11.89 -5.91 9.56
C GLY A 48 12.62 -4.96 8.61
N GLN A 49 12.87 -3.76 9.10
CA GLN A 49 13.54 -2.75 8.31
C GLN A 49 13.59 -1.41 9.07
N VAL A 50 14.77 -1.11 9.58
CA VAL A 50 14.97 0.11 10.33
C VAL A 50 14.71 1.31 9.41
N MET A 51 15.35 2.42 9.76
CA MET A 51 15.19 3.64 8.98
C MET A 51 15.85 3.50 7.60
N ASP A 52 15.44 2.45 6.89
CA ASP A 52 15.97 2.19 5.58
C ASP A 52 15.52 3.30 4.61
N VAL A 53 15.51 2.97 3.33
CA VAL A 53 15.10 3.92 2.32
C VAL A 53 13.85 3.40 1.60
N ASP A 54 13.31 2.31 2.14
CA ASP A 54 12.13 1.72 1.57
C ASP A 54 10.88 2.24 2.30
N LEU A 55 10.06 2.96 1.56
CA LEU A 55 8.85 3.53 2.13
C LEU A 55 7.69 3.33 1.15
N SER A 56 6.48 3.43 1.68
CA SER A 56 5.29 3.27 0.87
C SER A 56 4.38 4.48 1.04
N THR A 57 3.97 5.04 -0.10
CA THR A 57 3.10 6.20 -0.09
C THR A 57 1.95 6.01 -1.09
N ALA A 58 0.89 6.76 -0.86
CA ALA A 58 -0.28 6.69 -1.73
C ALA A 58 -0.75 8.10 -2.07
N SER A 59 -1.35 8.23 -3.24
CA SER A 59 -1.85 9.51 -3.69
C SER A 59 -3.38 9.53 -3.65
N THR A 60 -3.92 10.71 -3.38
CA THR A 60 -5.36 10.88 -3.30
C THR A 60 -5.88 11.58 -4.55
N THR A 61 -7.07 11.16 -4.98
CA THR A 61 -7.69 11.75 -6.15
C THR A 61 -9.19 11.95 -5.91
N GLN A 62 -9.76 12.86 -6.71
CA GLN A 62 -11.17 13.16 -6.59
C GLN A 62 -11.96 12.42 -7.67
N GLU A 63 -12.95 11.66 -7.23
CA GLU A 63 -13.78 10.91 -8.15
C GLU A 63 -15.26 11.19 -7.88
N GLY A 64 -15.65 12.43 -8.15
CA GLY A 64 -17.03 12.85 -7.95
C GLY A 64 -17.33 13.02 -6.47
N GLU A 65 -18.12 12.09 -5.94
CA GLU A 65 -18.50 12.12 -4.54
C GLU A 65 -17.66 11.14 -3.74
N LEU A 66 -16.74 10.47 -4.45
CA LEU A 66 -15.87 9.50 -3.82
C LEU A 66 -14.43 10.02 -3.86
N ALA A 67 -13.55 9.24 -3.24
CA ALA A 67 -12.14 9.61 -3.20
C ALA A 67 -11.28 8.39 -3.52
N SER A 68 -10.49 8.53 -4.57
CA SER A 68 -9.61 7.45 -4.98
C SER A 68 -8.18 7.72 -4.54
N THR A 69 -7.66 6.80 -3.73
CA THR A 69 -6.31 6.93 -3.22
C THR A 69 -5.48 5.70 -3.58
N GLN A 70 -4.47 5.92 -4.40
CA GLN A 70 -3.59 4.84 -4.83
C GLN A 70 -2.33 4.81 -3.97
N SER A 71 -2.10 3.66 -3.34
CA SER A 71 -0.94 3.49 -2.49
C SER A 71 0.15 2.72 -3.25
N GLU A 72 1.39 2.95 -2.83
CA GLU A 72 2.52 2.29 -3.46
C GLU A 72 3.62 2.02 -2.43
N LEU A 73 4.45 1.03 -2.74
CA LEU A 73 5.53 0.67 -1.84
C LEU A 73 6.80 0.44 -2.66
N THR A 74 7.92 0.89 -2.10
CA THR A 74 9.20 0.75 -2.76
C THR A 74 10.28 0.33 -1.76
N LEU A 75 10.82 -0.87 -1.98
CA LEU A 75 11.85 -1.40 -1.10
C LEU A 75 12.88 -2.14 -1.95
N SER A 76 14.08 -2.27 -1.38
CA SER A 76 15.16 -2.96 -2.07
C SER A 76 15.06 -4.46 -1.83
N GLN A 77 15.40 -5.23 -2.86
CA GLN A 77 15.36 -6.67 -2.76
C GLN A 77 16.24 -7.15 -1.61
N LYS A 78 17.29 -6.41 -1.35
CA LYS A 78 18.21 -6.76 -0.28
C LYS A 78 17.43 -6.94 1.02
N HIS A 79 16.71 -5.89 1.40
CA HIS A 79 15.92 -5.92 2.61
C HIS A 79 14.93 -7.09 2.55
N TRP A 80 14.41 -7.32 1.35
CA TRP A 80 13.46 -8.39 1.15
C TRP A 80 14.17 -9.71 1.45
N LEU A 81 15.44 -9.76 1.08
CA LEU A 81 16.24 -10.96 1.31
C LEU A 81 16.49 -11.11 2.81
N SER A 82 16.61 -9.97 3.47
CA SER A 82 16.86 -9.96 4.91
C SER A 82 15.57 -10.32 5.66
N ASP A 83 14.54 -10.64 4.90
CA ASP A 83 13.26 -10.99 5.47
C ASP A 83 12.65 -9.76 6.14
N ARG A 84 11.33 -9.66 6.04
CA ARG A 84 10.61 -8.54 6.62
C ARG A 84 9.12 -8.66 6.34
N THR A 85 8.39 -7.60 6.68
CA THR A 85 6.95 -7.58 6.46
C THR A 85 6.53 -6.25 5.82
N TYR A 86 5.76 -6.37 4.75
CA TYR A 86 5.28 -5.20 4.04
C TYR A 86 3.76 -5.24 3.87
N THR A 87 3.10 -4.27 4.49
CA THR A 87 1.65 -4.19 4.41
C THR A 87 1.21 -2.74 4.25
N CYS A 88 0.23 -2.54 3.37
CA CYS A 88 -0.28 -1.21 3.10
C CYS A 88 -1.55 -1.02 3.95
N GLN A 89 -1.39 -0.32 5.06
CA GLN A 89 -2.50 -0.07 5.95
C GLN A 89 -3.15 1.28 5.62
N VAL A 90 -4.41 1.21 5.21
CA VAL A 90 -5.15 2.41 4.86
C VAL A 90 -6.14 2.74 5.98
N THR A 91 -6.20 4.02 6.31
CA THR A 91 -7.10 4.48 7.36
C THR A 91 -8.23 5.31 6.75
N TYR A 92 -9.27 5.53 7.56
CA TYR A 92 -10.41 6.31 7.13
C TYR A 92 -10.92 7.20 8.25
N GLN A 93 -11.60 8.27 7.86
CA GLN A 93 -12.15 9.21 8.83
C GLN A 93 -12.88 8.46 9.94
N GLY A 94 -13.33 7.26 9.60
CA GLY A 94 -14.05 6.44 10.57
C GLY A 94 -13.97 4.96 10.19
N HIS A 95 -12.82 4.58 9.65
CA HIS A 95 -12.60 3.20 9.25
C HIS A 95 -11.10 2.94 9.10
N THR A 96 -10.77 1.71 8.76
CA THR A 96 -9.38 1.31 8.58
C THR A 96 -9.29 0.06 7.72
N PHE A 97 -8.07 -0.22 7.28
CA PHE A 97 -7.84 -1.40 6.46
C PHE A 97 -6.35 -1.75 6.43
N GLU A 98 -6.08 -3.00 6.04
CA GLU A 98 -4.70 -3.47 5.96
C GLU A 98 -4.61 -4.68 5.03
N ASP A 99 -3.89 -4.48 3.93
CA ASP A 99 -3.71 -5.54 2.95
C ASP A 99 -2.30 -5.46 2.37
N SER A 100 -1.59 -6.58 2.46
CA SER A 100 -0.24 -6.65 1.94
C SER A 100 0.28 -8.09 2.02
N THR A 101 1.59 -8.20 2.16
CA THR A 101 2.22 -9.51 2.25
C THR A 101 3.30 -9.52 3.33
N LYS A 102 3.94 -10.66 3.47
CA LYS A 102 5.00 -10.81 4.47
C LYS A 102 5.77 -12.10 4.19
N LYS A 103 7.08 -12.02 4.39
CA LYS A 103 7.94 -13.17 4.15
C LYS A 103 9.15 -13.08 5.08
N SER A 104 9.88 -14.18 5.17
CA SER A 104 11.06 -14.24 6.01
C SER A 104 12.17 -15.01 5.30
N ALA A 105 12.30 -14.76 4.00
CA ALA A 105 13.31 -15.43 3.21
C ALA A 105 14.69 -14.92 3.60
N SER A 1 -28.98 7.24 10.23
CA SER A 1 -29.16 7.66 8.86
C SER A 1 -27.99 7.19 7.99
N ARG A 2 -28.30 6.79 6.77
CA ARG A 2 -27.29 6.31 5.85
C ARG A 2 -26.21 7.38 5.66
N ASP A 3 -24.96 6.93 5.70
CA ASP A 3 -23.83 7.83 5.54
C ASP A 3 -22.57 7.01 5.26
N PHE A 4 -21.52 7.72 4.86
CA PHE A 4 -20.25 7.07 4.56
C PHE A 4 -20.40 6.11 3.38
N THR A 5 -19.48 6.23 2.43
CA THR A 5 -19.49 5.38 1.26
C THR A 5 -18.72 4.08 1.53
N PRO A 6 -18.91 3.10 0.62
CA PRO A 6 -18.24 1.81 0.75
C PRO A 6 -16.76 1.93 0.37
N PRO A 7 -15.89 1.65 1.38
CA PRO A 7 -14.45 1.72 1.16
C PRO A 7 -13.96 0.51 0.37
N THR A 8 -12.83 0.69 -0.28
CA THR A 8 -12.24 -0.38 -1.08
C THR A 8 -10.71 -0.27 -1.06
N VAL A 9 -10.08 -1.36 -0.64
CA VAL A 9 -8.63 -1.40 -0.57
C VAL A 9 -8.13 -2.66 -1.28
N LYS A 10 -7.05 -2.50 -2.02
CA LYS A 10 -6.45 -3.60 -2.75
C LYS A 10 -4.94 -3.57 -2.59
N ILE A 11 -4.35 -4.76 -2.63
CA ILE A 11 -2.90 -4.88 -2.49
C ILE A 11 -2.34 -5.71 -3.66
N LEU A 12 -1.49 -5.07 -4.43
CA LEU A 12 -0.88 -5.73 -5.57
C LEU A 12 0.65 -5.56 -5.50
N GLN A 13 1.34 -6.57 -6.01
CA GLN A 13 2.79 -6.55 -6.02
C GLN A 13 3.32 -6.36 -7.44
N SER A 14 4.43 -5.66 -7.53
CA SER A 14 5.05 -5.39 -8.83
C SER A 14 6.55 -5.70 -8.75
N SER A 15 6.87 -6.98 -8.84
CA SER A 15 8.26 -7.42 -8.80
C SER A 15 8.66 -8.03 -10.15
N SER A 16 7.87 -9.01 -10.57
CA SER A 16 8.13 -9.68 -11.84
C SER A 16 7.70 -8.79 -13.00
N ASP A 17 6.41 -8.47 -13.01
CA ASP A 17 5.85 -7.63 -14.06
C ASP A 17 6.86 -6.53 -14.40
N GLY A 18 6.71 -6.00 -15.61
CA GLY A 18 7.59 -4.94 -16.07
C GLY A 18 8.34 -5.36 -17.34
N GLY A 19 7.55 -5.69 -18.37
CA GLY A 19 8.13 -6.10 -19.63
C GLY A 19 9.27 -7.10 -19.42
N GLY A 20 10.49 -6.58 -19.50
CA GLY A 20 11.67 -7.40 -19.33
C GLY A 20 12.72 -6.68 -18.47
N HIS A 21 13.41 -7.46 -17.66
CA HIS A 21 14.44 -6.92 -16.80
C HIS A 21 13.79 -6.09 -15.69
N PHE A 22 14.42 -6.13 -14.52
CA PHE A 22 13.91 -5.40 -13.37
C PHE A 22 14.96 -5.31 -12.27
N PRO A 23 14.89 -4.19 -11.49
CA PRO A 23 15.82 -3.99 -10.40
C PRO A 23 15.48 -4.88 -9.20
N PRO A 24 16.50 -5.09 -8.33
CA PRO A 24 16.32 -5.91 -7.15
C PRO A 24 15.52 -5.18 -6.08
N THR A 25 14.25 -4.96 -6.39
CA THR A 25 13.36 -4.26 -5.47
C THR A 25 11.95 -4.85 -5.55
N ILE A 26 11.02 -4.13 -4.93
CA ILE A 26 9.62 -4.57 -4.91
C ILE A 26 8.72 -3.34 -5.01
N GLN A 27 7.68 -3.48 -5.83
CA GLN A 27 6.73 -2.39 -6.01
C GLN A 27 5.35 -2.81 -5.51
N LEU A 28 5.15 -2.63 -4.21
CA LEU A 28 3.89 -2.98 -3.60
C LEU A 28 2.97 -1.75 -3.58
N LEU A 29 2.00 -1.77 -4.47
CA LEU A 29 1.05 -0.66 -4.57
C LEU A 29 -0.28 -1.08 -3.95
N CYS A 30 -0.81 -0.21 -3.11
CA CYS A 30 -2.08 -0.47 -2.45
C CYS A 30 -3.15 0.42 -3.09
N LEU A 31 -4.11 -0.23 -3.71
CA LEU A 31 -5.20 0.48 -4.35
C LEU A 31 -6.36 0.65 -3.37
N VAL A 32 -6.60 1.90 -3.00
CA VAL A 32 -7.67 2.22 -2.07
C VAL A 32 -8.33 3.53 -2.49
N SER A 33 -9.59 3.42 -2.88
CA SER A 33 -10.34 4.59 -3.30
C SER A 33 -11.83 4.41 -2.96
N GLY A 34 -12.62 5.38 -3.38
CA GLY A 34 -14.05 5.34 -3.12
C GLY A 34 -14.37 5.80 -1.69
N TYR A 35 -13.62 5.24 -0.75
CA TYR A 35 -13.80 5.59 0.64
C TYR A 35 -13.57 7.08 0.88
N THR A 36 -14.35 7.64 1.81
CA THR A 36 -14.23 9.04 2.14
C THR A 36 -14.22 9.89 0.86
N PRO A 37 -14.96 11.04 0.93
CA PRO A 37 -15.05 11.93 -0.22
C PRO A 37 -13.75 12.74 -0.37
N GLY A 38 -12.89 12.62 0.64
CA GLY A 38 -11.62 13.34 0.62
C GLY A 38 -10.45 12.36 0.79
N THR A 39 -10.79 11.08 0.85
CA THR A 39 -9.79 10.05 1.02
C THR A 39 -9.64 9.67 2.50
N ILE A 40 -8.59 8.92 2.78
CA ILE A 40 -8.32 8.49 4.15
C ILE A 40 -6.85 8.75 4.48
N ASN A 41 -6.29 7.83 5.24
CA ASN A 41 -4.89 7.94 5.64
C ASN A 41 -4.08 6.84 4.96
N ILE A 42 -2.82 7.15 4.71
CA ILE A 42 -1.92 6.20 4.07
C ILE A 42 -0.81 5.80 5.04
N THR A 43 -0.71 4.50 5.28
CA THR A 43 0.30 3.98 6.19
C THR A 43 0.74 2.59 5.75
N TRP A 44 1.90 2.18 6.25
CA TRP A 44 2.45 0.88 5.92
C TRP A 44 3.19 0.35 7.14
N LEU A 45 2.89 -0.89 7.49
CA LEU A 45 3.52 -1.52 8.63
C LEU A 45 4.73 -2.33 8.16
N GLU A 46 5.90 -1.76 8.41
CA GLU A 46 7.14 -2.42 8.02
C GLU A 46 7.78 -3.10 9.22
N ASP A 47 7.36 -4.33 9.46
CA ASP A 47 7.88 -5.11 10.59
C ASP A 47 9.18 -5.78 10.16
N GLY A 48 10.28 -5.05 10.31
CA GLY A 48 11.59 -5.57 9.95
C GLY A 48 12.63 -4.44 9.90
N GLN A 49 12.52 -3.54 10.86
CA GLN A 49 13.44 -2.43 10.94
C GLN A 49 13.26 -1.50 9.73
N VAL A 50 12.48 -0.45 9.94
CA VAL A 50 12.23 0.51 8.87
C VAL A 50 13.34 1.56 8.85
N MET A 51 14.56 1.08 9.05
CA MET A 51 15.72 1.96 9.06
C MET A 51 16.29 2.13 7.65
N ASP A 52 15.93 1.18 6.79
CA ASP A 52 16.40 1.22 5.41
C ASP A 52 15.83 2.46 4.71
N VAL A 53 15.77 2.39 3.39
CA VAL A 53 15.24 3.49 2.60
C VAL A 53 14.01 3.02 1.84
N ASP A 54 13.50 1.87 2.26
CA ASP A 54 12.32 1.30 1.63
C ASP A 54 11.07 1.78 2.37
N LEU A 55 10.25 2.55 1.65
CA LEU A 55 9.03 3.09 2.22
C LEU A 55 7.91 3.00 1.19
N SER A 56 6.68 3.09 1.67
CA SER A 56 5.52 3.04 0.80
C SER A 56 4.61 4.23 1.07
N THR A 57 4.24 4.91 -0.01
CA THR A 57 3.37 6.07 0.09
C THR A 57 2.22 5.97 -0.91
N ALA A 58 1.17 6.71 -0.63
CA ALA A 58 0.00 6.71 -1.50
C ALA A 58 -0.41 8.16 -1.80
N SER A 59 -1.01 8.34 -2.96
CA SER A 59 -1.46 9.65 -3.38
C SER A 59 -2.98 9.77 -3.24
N THR A 60 -3.45 11.00 -3.25
CA THR A 60 -4.88 11.27 -3.14
C THR A 60 -5.45 11.75 -4.47
N THR A 61 -6.66 11.29 -4.77
CA THR A 61 -7.32 11.67 -6.00
C THR A 61 -8.82 11.85 -5.77
N GLN A 62 -9.44 12.59 -6.68
CA GLN A 62 -10.87 12.84 -6.58
C GLN A 62 -11.63 11.96 -7.57
N GLU A 63 -12.66 11.31 -7.05
CA GLU A 63 -13.48 10.43 -7.88
C GLU A 63 -14.96 10.79 -7.73
N GLY A 64 -15.27 12.03 -8.09
CA GLY A 64 -16.64 12.50 -8.01
C GLY A 64 -17.04 12.76 -6.55
N GLU A 65 -17.85 11.85 -6.02
CA GLU A 65 -18.31 11.96 -4.65
C GLU A 65 -17.49 11.05 -3.73
N LEU A 66 -16.56 10.33 -4.35
CA LEU A 66 -15.71 9.42 -3.60
C LEU A 66 -14.28 9.95 -3.61
N ALA A 67 -13.42 9.24 -2.91
CA ALA A 67 -12.01 9.63 -2.81
C ALA A 67 -11.13 8.43 -3.18
N SER A 68 -10.35 8.62 -4.22
CA SER A 68 -9.45 7.57 -4.69
C SER A 68 -8.01 7.91 -4.30
N THR A 69 -7.42 7.00 -3.54
CA THR A 69 -6.04 7.19 -3.10
C THR A 69 -5.18 5.99 -3.52
N GLN A 70 -4.17 6.28 -4.34
CA GLN A 70 -3.28 5.24 -4.81
C GLN A 70 -2.08 5.11 -3.87
N SER A 71 -1.82 3.87 -3.48
CA SER A 71 -0.71 3.59 -2.58
C SER A 71 0.39 2.83 -3.33
N GLU A 72 1.63 3.12 -2.98
CA GLU A 72 2.77 2.48 -3.60
C GLU A 72 3.80 2.09 -2.54
N LEU A 73 4.60 1.09 -2.89
CA LEU A 73 5.63 0.61 -1.98
C LEU A 73 6.92 0.34 -2.76
N THR A 74 8.03 0.75 -2.18
CA THR A 74 9.32 0.58 -2.80
C THR A 74 10.36 0.08 -1.78
N LEU A 75 10.82 -1.14 -2.01
CA LEU A 75 11.81 -1.73 -1.12
C LEU A 75 12.82 -2.54 -1.95
N SER A 76 13.98 -2.75 -1.35
CA SER A 76 15.03 -3.50 -2.02
C SER A 76 14.81 -5.00 -1.81
N GLN A 77 15.06 -5.75 -2.88
CA GLN A 77 14.89 -7.19 -2.83
C GLN A 77 15.84 -7.80 -1.80
N LYS A 78 17.01 -7.17 -1.67
CA LYS A 78 18.01 -7.64 -0.73
C LYS A 78 17.37 -7.77 0.65
N HIS A 79 16.82 -6.67 1.12
CA HIS A 79 16.19 -6.64 2.43
C HIS A 79 15.13 -7.75 2.50
N TRP A 80 14.37 -7.88 1.42
CA TRP A 80 13.33 -8.89 1.35
C TRP A 80 13.96 -10.24 1.69
N LEU A 81 15.21 -10.41 1.26
CA LEU A 81 15.92 -11.64 1.51
C LEU A 81 16.19 -11.77 3.01
N SER A 82 16.48 -10.64 3.63
CA SER A 82 16.76 -10.61 5.06
C SER A 82 15.46 -10.66 5.85
N ASP A 83 14.42 -11.17 5.19
CA ASP A 83 13.11 -11.27 5.81
C ASP A 83 12.60 -9.87 6.15
N ARG A 84 11.28 -9.73 6.12
CA ARG A 84 10.65 -8.46 6.43
C ARG A 84 9.13 -8.58 6.31
N THR A 85 8.44 -7.62 6.93
CA THR A 85 7.00 -7.61 6.90
C THR A 85 6.48 -6.30 6.29
N TYR A 86 6.10 -6.39 5.02
CA TYR A 86 5.60 -5.21 4.32
C TYR A 86 4.07 -5.28 4.18
N THR A 87 3.43 -4.26 4.74
CA THR A 87 1.97 -4.18 4.68
C THR A 87 1.53 -2.73 4.55
N CYS A 88 0.59 -2.52 3.63
CA CYS A 88 0.07 -1.17 3.40
C CYS A 88 -1.22 -1.01 4.21
N GLN A 89 -1.09 -0.37 5.35
CA GLN A 89 -2.23 -0.15 6.23
C GLN A 89 -2.88 1.21 5.92
N VAL A 90 -4.05 1.14 5.29
CA VAL A 90 -4.77 2.35 4.93
C VAL A 90 -5.87 2.60 5.97
N THR A 91 -5.81 3.77 6.58
CA THR A 91 -6.79 4.13 7.58
C THR A 91 -7.83 5.09 6.99
N TYR A 92 -8.94 5.24 7.71
CA TYR A 92 -10.01 6.10 7.26
C TYR A 92 -10.51 6.99 8.41
N GLN A 93 -11.07 8.13 8.04
CA GLN A 93 -11.59 9.06 9.02
C GLN A 93 -12.53 8.35 9.99
N GLY A 94 -13.04 7.22 9.54
CA GLY A 94 -13.95 6.42 10.36
C GLY A 94 -13.88 4.95 9.98
N HIS A 95 -12.69 4.52 9.60
CA HIS A 95 -12.48 3.14 9.21
C HIS A 95 -10.98 2.83 9.18
N THR A 96 -10.66 1.58 8.91
CA THR A 96 -9.28 1.14 8.86
C THR A 96 -9.16 -0.15 8.05
N PHE A 97 -7.98 -0.35 7.49
CA PHE A 97 -7.72 -1.55 6.70
C PHE A 97 -6.22 -1.77 6.51
N GLU A 98 -5.86 -3.00 6.17
CA GLU A 98 -4.46 -3.34 5.94
C GLU A 98 -4.37 -4.57 5.04
N ASP A 99 -3.48 -4.48 4.06
CA ASP A 99 -3.27 -5.57 3.13
C ASP A 99 -1.87 -5.48 2.55
N SER A 100 -1.14 -6.59 2.65
CA SER A 100 0.22 -6.65 2.13
C SER A 100 0.74 -8.08 2.20
N THR A 101 2.05 -8.20 2.34
CA THR A 101 2.69 -9.50 2.42
C THR A 101 3.77 -9.50 3.50
N LYS A 102 4.34 -10.67 3.73
CA LYS A 102 5.39 -10.82 4.73
C LYS A 102 6.11 -12.15 4.52
N LYS A 103 7.38 -12.06 4.19
CA LYS A 103 8.19 -13.24 3.96
C LYS A 103 9.67 -12.87 3.97
N SER A 104 10.43 -13.58 3.16
CA SER A 104 11.87 -13.32 3.07
C SER A 104 12.39 -13.78 1.70
N ALA A 105 11.45 -14.09 0.82
CA ALA A 105 11.81 -14.52 -0.52
C ALA A 105 10.54 -14.99 -1.25
N SER A 1 -31.76 3.93 7.38
CA SER A 1 -30.96 4.41 6.27
C SER A 1 -29.49 4.00 6.46
N ARG A 2 -28.60 4.91 6.10
CA ARG A 2 -27.18 4.65 6.23
C ARG A 2 -26.38 5.95 6.10
N ASP A 3 -25.07 5.82 6.16
CA ASP A 3 -24.19 6.97 6.04
C ASP A 3 -22.82 6.51 5.57
N PHE A 4 -22.04 7.47 5.11
CA PHE A 4 -20.70 7.19 4.62
C PHE A 4 -20.74 6.46 3.27
N THR A 5 -19.70 6.66 2.48
CA THR A 5 -19.62 6.04 1.17
C THR A 5 -18.98 4.65 1.29
N PRO A 6 -19.19 3.83 0.23
CA PRO A 6 -18.65 2.49 0.19
C PRO A 6 -17.14 2.51 -0.09
N PRO A 7 -16.35 2.15 0.96
CA PRO A 7 -14.91 2.12 0.84
C PRO A 7 -14.44 0.92 0.02
N THR A 8 -13.22 1.00 -0.46
CA THR A 8 -12.65 -0.08 -1.26
C THR A 8 -11.12 -0.06 -1.15
N VAL A 9 -10.57 -1.21 -0.78
CA VAL A 9 -9.13 -1.34 -0.64
C VAL A 9 -8.67 -2.63 -1.35
N LYS A 10 -7.51 -2.53 -1.98
CA LYS A 10 -6.95 -3.66 -2.69
C LYS A 10 -5.43 -3.69 -2.50
N ILE A 11 -4.84 -4.81 -2.85
CA ILE A 11 -3.40 -4.97 -2.72
C ILE A 11 -2.83 -5.51 -4.04
N LEU A 12 -1.93 -4.73 -4.62
CA LEU A 12 -1.31 -5.11 -5.87
C LEU A 12 0.21 -5.11 -5.70
N GLN A 13 0.82 -6.20 -6.14
CA GLN A 13 2.26 -6.34 -6.04
C GLN A 13 2.91 -6.21 -7.43
N SER A 14 4.05 -5.54 -7.45
CA SER A 14 4.77 -5.34 -8.69
C SER A 14 6.25 -5.69 -8.51
N SER A 15 6.51 -6.99 -8.39
CA SER A 15 7.87 -7.46 -8.21
C SER A 15 8.21 -8.50 -9.28
N SER A 16 7.43 -9.56 -9.30
CA SER A 16 7.63 -10.62 -10.26
C SER A 16 9.00 -11.26 -10.05
N ASP A 17 9.20 -12.41 -10.71
CA ASP A 17 10.46 -13.12 -10.61
C ASP A 17 11.61 -12.11 -10.60
N GLY A 18 12.75 -12.56 -10.09
CA GLY A 18 13.92 -11.71 -10.03
C GLY A 18 14.10 -10.91 -11.33
N GLY A 19 14.61 -9.70 -11.18
CA GLY A 19 14.82 -8.84 -12.33
C GLY A 19 13.75 -7.75 -12.40
N GLY A 20 12.58 -8.15 -12.88
CA GLY A 20 11.47 -7.23 -13.01
C GLY A 20 11.70 -6.25 -14.17
N HIS A 21 12.79 -5.51 -14.07
CA HIS A 21 13.15 -4.54 -15.09
C HIS A 21 14.63 -4.19 -14.99
N PHE A 22 15.07 -3.93 -13.77
CA PHE A 22 16.46 -3.59 -13.53
C PHE A 22 16.72 -3.39 -12.03
N PRO A 23 15.90 -2.49 -11.42
CA PRO A 23 16.04 -2.21 -10.00
C PRO A 23 15.46 -3.34 -9.15
N PRO A 24 16.37 -3.97 -8.34
CA PRO A 24 15.97 -5.06 -7.48
C PRO A 24 15.17 -4.55 -6.27
N THR A 25 13.94 -4.14 -6.54
CA THR A 25 13.08 -3.62 -5.50
C THR A 25 11.66 -4.18 -5.65
N ILE A 26 10.84 -3.91 -4.65
CA ILE A 26 9.46 -4.36 -4.68
C ILE A 26 8.52 -3.17 -4.87
N GLN A 27 7.58 -3.34 -5.78
CA GLN A 27 6.62 -2.28 -6.07
C GLN A 27 5.22 -2.72 -5.68
N LEU A 28 4.95 -2.67 -4.38
CA LEU A 28 3.65 -3.05 -3.86
C LEU A 28 2.78 -1.81 -3.68
N LEU A 29 1.78 -1.69 -4.54
CA LEU A 29 0.87 -0.55 -4.49
C LEU A 29 -0.51 -1.04 -4.07
N CYS A 30 -1.09 -0.35 -3.10
CA CYS A 30 -2.41 -0.69 -2.61
C CYS A 30 -3.44 0.10 -3.41
N LEU A 31 -4.62 -0.49 -3.55
CA LEU A 31 -5.70 0.15 -4.29
C LEU A 31 -6.84 0.48 -3.33
N VAL A 32 -6.85 1.73 -2.88
CA VAL A 32 -7.88 2.18 -1.96
C VAL A 32 -8.50 3.47 -2.49
N SER A 33 -9.73 3.36 -2.95
CA SER A 33 -10.44 4.51 -3.48
C SER A 33 -11.94 4.36 -3.21
N GLY A 34 -12.69 5.38 -3.65
CA GLY A 34 -14.13 5.37 -3.46
C GLY A 34 -14.50 5.83 -2.05
N TYR A 35 -13.80 5.27 -1.08
CA TYR A 35 -14.05 5.62 0.31
C TYR A 35 -13.75 7.09 0.57
N THR A 36 -14.49 7.66 1.51
CA THR A 36 -14.32 9.06 1.87
C THR A 36 -14.29 9.92 0.61
N PRO A 37 -15.03 11.06 0.67
CA PRO A 37 -15.09 11.98 -0.45
C PRO A 37 -13.80 12.79 -0.56
N GLY A 38 -12.96 12.65 0.45
CA GLY A 38 -11.69 13.37 0.47
C GLY A 38 -10.53 12.40 0.71
N THR A 39 -10.86 11.11 0.70
CA THR A 39 -9.84 10.08 0.91
C THR A 39 -9.72 9.78 2.41
N ILE A 40 -8.66 9.03 2.73
CA ILE A 40 -8.40 8.66 4.11
C ILE A 40 -6.92 8.86 4.43
N ASN A 41 -6.37 7.92 5.17
CA ASN A 41 -4.98 7.98 5.55
C ASN A 41 -4.19 6.90 4.80
N ILE A 42 -2.89 7.12 4.71
CA ILE A 42 -2.02 6.18 4.02
C ILE A 42 -0.89 5.75 4.96
N THR A 43 -0.76 4.44 5.11
CA THR A 43 0.28 3.89 5.97
C THR A 43 0.58 2.44 5.59
N TRP A 44 1.74 1.98 6.03
CA TRP A 44 2.15 0.61 5.75
C TRP A 44 2.84 0.05 7.00
N LEU A 45 2.39 -1.13 7.41
CA LEU A 45 2.94 -1.77 8.59
C LEU A 45 4.23 -2.50 8.20
N GLU A 46 5.35 -1.84 8.44
CA GLU A 46 6.65 -2.41 8.12
C GLU A 46 7.28 -3.04 9.37
N ASP A 47 7.63 -4.31 9.24
CA ASP A 47 8.23 -5.04 10.34
C ASP A 47 9.42 -5.84 9.82
N GLY A 48 10.58 -5.20 9.83
CA GLY A 48 11.80 -5.84 9.36
C GLY A 48 12.68 -4.86 8.60
N GLN A 49 12.73 -3.64 9.11
CA GLN A 49 13.53 -2.59 8.49
C GLN A 49 13.07 -1.21 8.96
N VAL A 50 13.89 -0.60 9.78
CA VAL A 50 13.59 0.72 10.31
C VAL A 50 13.45 1.72 9.15
N MET A 51 13.71 2.98 9.46
CA MET A 51 13.62 4.03 8.46
C MET A 51 14.71 3.86 7.40
N ASP A 52 14.73 2.68 6.80
CA ASP A 52 15.71 2.37 5.77
C ASP A 52 15.39 3.21 4.52
N VAL A 53 15.68 2.62 3.37
CA VAL A 53 15.44 3.29 2.10
C VAL A 53 14.26 2.62 1.39
N ASP A 54 13.31 2.16 2.18
CA ASP A 54 12.14 1.50 1.63
C ASP A 54 10.88 1.97 2.38
N LEU A 55 10.05 2.70 1.66
CA LEU A 55 8.82 3.22 2.24
C LEU A 55 7.69 3.09 1.22
N SER A 56 6.47 3.16 1.73
CA SER A 56 5.29 3.05 0.88
C SER A 56 4.40 4.29 1.07
N THR A 57 3.99 4.85 -0.05
CA THR A 57 3.13 6.02 -0.03
C THR A 57 1.98 5.87 -1.03
N ALA A 58 0.93 6.63 -0.79
CA ALA A 58 -0.24 6.59 -1.66
C ALA A 58 -0.64 8.02 -2.04
N SER A 59 -1.24 8.14 -3.22
CA SER A 59 -1.67 9.43 -3.71
C SER A 59 -3.19 9.56 -3.59
N THR A 60 -3.65 10.80 -3.49
CA THR A 60 -5.07 11.06 -3.37
C THR A 60 -5.63 11.62 -4.68
N THR A 61 -6.84 11.20 -5.01
CA THR A 61 -7.49 11.64 -6.23
C THR A 61 -8.99 11.84 -6.00
N GLN A 62 -9.58 12.68 -6.84
CA GLN A 62 -11.00 12.96 -6.74
C GLN A 62 -11.78 12.16 -7.77
N GLU A 63 -12.79 11.45 -7.28
CA GLU A 63 -13.63 10.64 -8.14
C GLU A 63 -15.10 11.02 -7.97
N GLY A 64 -15.41 12.26 -8.30
CA GLY A 64 -16.77 12.75 -8.18
C GLY A 64 -17.14 12.99 -6.72
N GLU A 65 -17.96 12.09 -6.19
CA GLU A 65 -18.40 12.20 -4.81
C GLU A 65 -17.60 11.23 -3.93
N LEU A 66 -16.68 10.52 -4.57
CA LEU A 66 -15.85 9.57 -3.85
C LEU A 66 -14.40 10.07 -3.84
N ALA A 67 -13.55 9.31 -3.17
CA ALA A 67 -12.14 9.66 -3.09
C ALA A 67 -11.29 8.43 -3.42
N SER A 68 -10.51 8.57 -4.48
CA SER A 68 -9.64 7.48 -4.92
C SER A 68 -8.20 7.77 -4.49
N THR A 69 -7.65 6.83 -3.74
CA THR A 69 -6.28 6.96 -3.26
C THR A 69 -5.46 5.72 -3.63
N GLN A 70 -4.41 5.95 -4.39
CA GLN A 70 -3.54 4.86 -4.83
C GLN A 70 -2.30 4.79 -3.94
N SER A 71 -2.10 3.61 -3.35
CA SER A 71 -0.95 3.40 -2.48
C SER A 71 0.13 2.62 -3.22
N GLU A 72 1.38 2.90 -2.84
CA GLU A 72 2.51 2.24 -3.46
C GLU A 72 3.55 1.88 -2.41
N LEU A 73 4.42 0.95 -2.77
CA LEU A 73 5.47 0.52 -1.87
C LEU A 73 6.77 0.30 -2.66
N THR A 74 7.87 0.72 -2.06
CA THR A 74 9.17 0.58 -2.70
C THR A 74 10.21 0.09 -1.69
N LEU A 75 10.69 -1.12 -1.93
CA LEU A 75 11.68 -1.72 -1.06
C LEU A 75 12.73 -2.46 -1.90
N SER A 76 13.84 -2.76 -1.26
CA SER A 76 14.93 -3.45 -1.94
C SER A 76 14.69 -4.97 -1.87
N GLN A 77 15.07 -5.64 -2.94
CA GLN A 77 14.91 -7.08 -3.01
C GLN A 77 15.74 -7.76 -1.91
N LYS A 78 16.98 -7.30 -1.78
CA LYS A 78 17.89 -7.84 -0.79
C LYS A 78 17.20 -7.85 0.58
N HIS A 79 16.59 -6.71 0.90
CA HIS A 79 15.89 -6.56 2.17
C HIS A 79 14.84 -7.67 2.30
N TRP A 80 14.13 -7.90 1.20
CA TRP A 80 13.10 -8.92 1.19
C TRP A 80 13.74 -10.26 1.54
N LEU A 81 15.01 -10.39 1.16
CA LEU A 81 15.74 -11.61 1.43
C LEU A 81 15.86 -11.81 2.94
N SER A 82 16.09 -10.70 3.63
CA SER A 82 16.23 -10.73 5.08
C SER A 82 14.86 -10.99 5.72
N ASP A 83 13.85 -11.09 4.87
CA ASP A 83 12.49 -11.33 5.35
C ASP A 83 12.02 -10.11 6.13
N ARG A 84 10.73 -9.84 6.01
CA ARG A 84 10.13 -8.70 6.69
C ARG A 84 8.61 -8.73 6.54
N THR A 85 7.98 -7.67 7.02
CA THR A 85 6.53 -7.55 6.92
C THR A 85 6.14 -6.21 6.29
N TYR A 86 5.87 -6.28 4.99
CA TYR A 86 5.49 -5.09 4.26
C TYR A 86 4.00 -5.13 3.89
N THR A 87 3.22 -4.38 4.63
CA THR A 87 1.78 -4.32 4.40
C THR A 87 1.33 -2.87 4.27
N CYS A 88 0.34 -2.66 3.40
CA CYS A 88 -0.20 -1.34 3.17
C CYS A 88 -1.43 -1.16 4.06
N GLN A 89 -1.25 -0.45 5.16
CA GLN A 89 -2.33 -0.20 6.09
C GLN A 89 -3.01 1.14 5.78
N VAL A 90 -4.22 1.05 5.25
CA VAL A 90 -4.97 2.24 4.91
C VAL A 90 -5.97 2.55 6.02
N THR A 91 -6.05 3.83 6.36
CA THR A 91 -6.96 4.27 7.42
C THR A 91 -8.12 5.07 6.82
N TYR A 92 -9.11 5.33 7.66
CA TYR A 92 -10.27 6.08 7.23
C TYR A 92 -10.79 6.98 8.36
N GLN A 93 -11.51 8.02 7.96
CA GLN A 93 -12.08 8.94 8.92
C GLN A 93 -12.75 8.19 10.07
N GLY A 94 -13.19 6.98 9.75
CA GLY A 94 -13.86 6.14 10.74
C GLY A 94 -13.77 4.67 10.35
N HIS A 95 -12.62 4.31 9.77
CA HIS A 95 -12.40 2.93 9.36
C HIS A 95 -10.90 2.68 9.25
N THR A 96 -10.56 1.42 8.99
CA THR A 96 -9.16 1.04 8.86
C THR A 96 -9.05 -0.29 8.11
N PHE A 97 -7.84 -0.59 7.65
CA PHE A 97 -7.59 -1.82 6.94
C PHE A 97 -6.11 -1.97 6.60
N GLU A 98 -5.71 -3.20 6.30
CA GLU A 98 -4.33 -3.48 5.96
C GLU A 98 -4.23 -4.77 5.15
N ASP A 99 -3.43 -4.70 4.09
CA ASP A 99 -3.25 -5.85 3.22
C ASP A 99 -1.92 -5.71 2.47
N SER A 100 -1.14 -6.78 2.53
CA SER A 100 0.16 -6.80 1.88
C SER A 100 0.78 -8.19 1.99
N THR A 101 2.10 -8.20 2.10
CA THR A 101 2.83 -9.45 2.21
C THR A 101 3.90 -9.36 3.30
N LYS A 102 4.68 -10.42 3.42
CA LYS A 102 5.73 -10.47 4.41
C LYS A 102 6.67 -11.64 4.10
N LYS A 103 7.39 -12.06 5.12
CA LYS A 103 8.33 -13.17 4.98
C LYS A 103 9.38 -12.80 3.94
N SER A 104 10.19 -13.78 3.57
CA SER A 104 11.24 -13.58 2.59
C SER A 104 11.02 -14.51 1.39
N ALA A 105 9.82 -14.44 0.84
CA ALA A 105 9.48 -15.26 -0.32
C ALA A 105 10.53 -15.07 -1.40
N SER A 1 -26.04 8.78 11.00
CA SER A 1 -27.09 8.88 10.00
C SER A 1 -26.64 8.25 8.69
N ARG A 2 -27.50 8.38 7.68
CA ARG A 2 -27.19 7.82 6.37
C ARG A 2 -26.17 8.69 5.64
N ASP A 3 -24.91 8.35 5.83
CA ASP A 3 -23.82 9.10 5.19
C ASP A 3 -22.61 8.18 5.02
N PHE A 4 -21.57 8.73 4.41
CA PHE A 4 -20.36 7.98 4.17
C PHE A 4 -20.60 6.84 3.20
N THR A 5 -19.75 6.76 2.19
CA THR A 5 -19.86 5.72 1.18
C THR A 5 -19.10 4.47 1.62
N PRO A 6 -19.32 3.36 0.86
CA PRO A 6 -18.67 2.10 1.16
C PRO A 6 -17.20 2.13 0.74
N PRO A 7 -16.31 1.99 1.77
CA PRO A 7 -14.87 2.00 1.52
C PRO A 7 -14.43 0.68 0.89
N THR A 8 -13.36 0.77 0.10
CA THR A 8 -12.81 -0.40 -0.56
C THR A 8 -11.29 -0.29 -0.70
N VAL A 9 -10.62 -1.40 -0.47
CA VAL A 9 -9.17 -1.42 -0.57
C VAL A 9 -8.74 -2.66 -1.35
N LYS A 10 -7.64 -2.51 -2.08
CA LYS A 10 -7.12 -3.61 -2.88
C LYS A 10 -5.61 -3.70 -2.68
N ILE A 11 -5.05 -4.84 -3.09
CA ILE A 11 -3.62 -5.07 -2.96
C ILE A 11 -3.07 -5.57 -4.30
N LEU A 12 -2.10 -4.83 -4.81
CA LEU A 12 -1.47 -5.18 -6.08
C LEU A 12 0.05 -5.23 -5.89
N GLN A 13 0.63 -6.35 -6.34
CA GLN A 13 2.06 -6.53 -6.22
C GLN A 13 2.72 -6.35 -7.60
N SER A 14 3.86 -5.67 -7.58
CA SER A 14 4.60 -5.43 -8.81
C SER A 14 6.08 -5.76 -8.60
N SER A 15 6.36 -7.06 -8.55
CA SER A 15 7.73 -7.51 -8.35
C SER A 15 8.12 -8.48 -9.47
N SER A 16 9.15 -8.09 -10.22
CA SER A 16 9.62 -8.92 -11.32
C SER A 16 11.01 -8.45 -11.75
N ASP A 17 11.85 -9.42 -12.09
CA ASP A 17 13.21 -9.13 -12.52
C ASP A 17 13.20 -7.88 -13.38
N GLY A 18 14.31 -7.16 -13.34
CA GLY A 18 14.46 -5.94 -14.12
C GLY A 18 15.57 -5.05 -13.56
N GLY A 19 16.37 -4.51 -14.47
CA GLY A 19 17.47 -3.65 -14.08
C GLY A 19 18.80 -4.20 -14.61
N GLY A 20 19.84 -4.00 -13.81
CA GLY A 20 21.17 -4.46 -14.18
C GLY A 20 22.20 -4.06 -13.13
N HIS A 21 22.54 -2.79 -13.14
CA HIS A 21 23.51 -2.26 -12.19
C HIS A 21 22.86 -2.11 -10.82
N PHE A 22 21.85 -1.25 -10.76
CA PHE A 22 21.14 -1.00 -9.52
C PHE A 22 20.38 -2.25 -9.07
N PRO A 23 20.18 -2.35 -7.73
CA PRO A 23 19.47 -3.47 -7.16
C PRO A 23 17.97 -3.36 -7.42
N PRO A 24 17.30 -4.56 -7.48
CA PRO A 24 15.87 -4.60 -7.71
C PRO A 24 15.09 -4.19 -6.47
N THR A 25 13.82 -3.89 -6.67
CA THR A 25 12.95 -3.48 -5.57
C THR A 25 11.55 -4.07 -5.75
N ILE A 26 10.72 -3.85 -4.74
CA ILE A 26 9.35 -4.34 -4.77
C ILE A 26 8.39 -3.16 -4.98
N GLN A 27 7.43 -3.37 -5.87
CA GLN A 27 6.46 -2.34 -6.16
C GLN A 27 5.05 -2.82 -5.80
N LEU A 28 4.75 -2.76 -4.52
CA LEU A 28 3.45 -3.19 -4.02
C LEU A 28 2.54 -1.97 -3.87
N LEU A 29 1.58 -1.87 -4.77
CA LEU A 29 0.63 -0.76 -4.74
C LEU A 29 -0.77 -1.30 -4.45
N CYS A 30 -1.41 -0.68 -3.46
CA CYS A 30 -2.75 -1.07 -3.08
C CYS A 30 -3.75 -0.24 -3.89
N LEU A 31 -5.01 -0.67 -3.83
CA LEU A 31 -6.07 0.02 -4.55
C LEU A 31 -7.20 0.34 -3.58
N VAL A 32 -7.16 1.57 -3.06
CA VAL A 32 -8.17 2.01 -2.12
C VAL A 32 -8.85 3.28 -2.67
N SER A 33 -10.15 3.17 -2.88
CA SER A 33 -10.91 4.29 -3.41
C SER A 33 -12.38 4.15 -3.01
N GLY A 34 -13.18 5.10 -3.48
CA GLY A 34 -14.60 5.08 -3.19
C GLY A 34 -14.89 5.66 -1.80
N TYR A 35 -14.09 5.20 -0.84
CA TYR A 35 -14.24 5.65 0.54
C TYR A 35 -13.97 7.15 0.65
N THR A 36 -14.59 7.76 1.64
CA THR A 36 -14.41 9.19 1.87
C THR A 36 -14.65 9.97 0.58
N PRO A 37 -15.24 11.18 0.73
CA PRO A 37 -15.53 12.03 -0.41
C PRO A 37 -14.25 12.69 -0.93
N GLY A 38 -13.21 12.61 -0.11
CA GLY A 38 -11.92 13.20 -0.48
C GLY A 38 -10.81 12.15 -0.43
N THR A 39 -10.74 11.46 0.70
CA THR A 39 -9.72 10.43 0.88
C THR A 39 -9.54 10.10 2.36
N ILE A 40 -8.75 9.07 2.62
CA ILE A 40 -8.50 8.66 3.99
C ILE A 40 -7.01 8.82 4.30
N ASN A 41 -6.47 7.84 5.01
CA ASN A 41 -5.06 7.87 5.37
C ASN A 41 -4.34 6.73 4.66
N ILE A 42 -3.04 6.95 4.43
CA ILE A 42 -2.23 5.96 3.75
C ILE A 42 -1.05 5.58 4.66
N THR A 43 -1.01 4.31 5.02
CA THR A 43 0.06 3.81 5.88
C THR A 43 0.35 2.34 5.56
N TRP A 44 1.53 1.90 5.99
CA TRP A 44 1.94 0.53 5.77
C TRP A 44 2.68 0.04 7.00
N LEU A 45 2.27 -1.12 7.48
CA LEU A 45 2.88 -1.71 8.66
C LEU A 45 3.88 -2.78 8.23
N GLU A 46 5.14 -2.55 8.59
CA GLU A 46 6.19 -3.49 8.24
C GLU A 46 6.53 -4.37 9.44
N ASP A 47 7.07 -5.55 9.15
CA ASP A 47 7.43 -6.49 10.19
C ASP A 47 8.64 -7.32 9.72
N GLY A 48 9.80 -6.94 10.23
CA GLY A 48 11.02 -7.64 9.86
C GLY A 48 12.24 -6.73 10.04
N GLN A 49 12.24 -5.98 11.13
CA GLN A 49 13.33 -5.07 11.42
C GLN A 49 13.87 -4.46 10.12
N VAL A 50 12.97 -3.84 9.37
CA VAL A 50 13.35 -3.22 8.11
C VAL A 50 13.81 -1.79 8.38
N MET A 51 14.95 -1.45 7.79
CA MET A 51 15.52 -0.12 7.95
C MET A 51 14.67 0.92 7.22
N ASP A 52 14.73 2.14 7.73
CA ASP A 52 13.97 3.23 7.14
C ASP A 52 14.53 3.54 5.74
N VAL A 53 14.27 2.63 4.82
CA VAL A 53 14.72 2.78 3.45
C VAL A 53 13.55 2.59 2.49
N ASP A 54 12.77 1.55 2.76
CA ASP A 54 11.61 1.25 1.94
C ASP A 54 10.36 1.83 2.58
N LEU A 55 9.60 2.57 1.77
CA LEU A 55 8.38 3.19 2.26
C LEU A 55 7.28 3.02 1.21
N SER A 56 6.04 3.06 1.68
CA SER A 56 4.90 2.91 0.80
C SER A 56 3.95 4.10 0.97
N THR A 57 3.60 4.70 -0.17
CA THR A 57 2.71 5.84 -0.15
C THR A 57 1.59 5.65 -1.19
N ALA A 58 0.51 6.41 -1.00
CA ALA A 58 -0.61 6.34 -1.90
C ALA A 58 -1.01 7.75 -2.33
N SER A 59 -1.66 7.82 -3.49
CA SER A 59 -2.09 9.11 -4.02
C SER A 59 -3.60 9.26 -3.83
N THR A 60 -4.07 10.48 -4.09
CA THR A 60 -5.48 10.78 -3.96
C THR A 60 -6.12 10.93 -5.33
N THR A 61 -7.38 10.50 -5.42
CA THR A 61 -8.12 10.58 -6.67
C THR A 61 -9.55 11.03 -6.40
N GLN A 62 -10.16 11.61 -7.44
CA GLN A 62 -11.52 12.09 -7.33
C GLN A 62 -12.42 11.34 -8.32
N GLU A 63 -13.56 10.90 -7.82
CA GLU A 63 -14.52 10.17 -8.64
C GLU A 63 -15.95 10.65 -8.34
N GLY A 64 -16.19 11.91 -8.62
CA GLY A 64 -17.50 12.49 -8.39
C GLY A 64 -17.76 12.67 -6.89
N GLU A 65 -18.63 11.82 -6.37
CA GLU A 65 -18.97 11.87 -4.96
C GLU A 65 -18.12 10.87 -4.17
N LEU A 66 -17.28 10.15 -4.90
CA LEU A 66 -16.41 9.16 -4.28
C LEU A 66 -14.98 9.69 -4.25
N ALA A 67 -14.15 9.02 -3.47
CA ALA A 67 -12.75 9.42 -3.35
C ALA A 67 -11.86 8.19 -3.48
N SER A 68 -11.02 8.21 -4.50
CA SER A 68 -10.11 7.10 -4.74
C SER A 68 -8.74 7.39 -4.12
N THR A 69 -7.86 6.41 -4.21
CA THR A 69 -6.53 6.54 -3.66
C THR A 69 -5.64 5.39 -4.13
N GLN A 70 -4.56 5.76 -4.82
CA GLN A 70 -3.62 4.77 -5.33
C GLN A 70 -2.45 4.60 -4.36
N SER A 71 -2.40 3.43 -3.75
CA SER A 71 -1.34 3.14 -2.79
C SER A 71 -0.20 2.41 -3.50
N GLU A 72 1.02 2.77 -3.14
CA GLU A 72 2.20 2.15 -3.73
C GLU A 72 3.23 1.84 -2.64
N LEU A 73 4.08 0.86 -2.95
CA LEU A 73 5.11 0.45 -2.00
C LEU A 73 6.42 0.23 -2.76
N THR A 74 7.50 0.69 -2.15
CA THR A 74 8.82 0.55 -2.75
C THR A 74 9.84 0.09 -1.70
N LEU A 75 10.40 -1.08 -1.95
CA LEU A 75 11.39 -1.63 -1.05
C LEU A 75 12.47 -2.36 -1.86
N SER A 76 13.58 -2.62 -1.19
CA SER A 76 14.70 -3.30 -1.83
C SER A 76 14.49 -4.81 -1.75
N GLN A 77 14.67 -5.47 -2.90
CA GLN A 77 14.52 -6.91 -2.97
C GLN A 77 15.39 -7.59 -1.93
N LYS A 78 16.50 -6.94 -1.61
CA LYS A 78 17.44 -7.48 -0.62
C LYS A 78 16.69 -7.76 0.67
N HIS A 79 16.00 -6.74 1.17
CA HIS A 79 15.25 -6.87 2.40
C HIS A 79 14.23 -8.00 2.26
N TRP A 80 13.67 -8.10 1.07
CA TRP A 80 12.69 -9.14 0.79
C TRP A 80 13.36 -10.49 0.98
N LEU A 81 14.63 -10.55 0.60
CA LEU A 81 15.40 -11.78 0.71
C LEU A 81 15.62 -12.09 2.20
N SER A 82 15.81 -11.03 2.97
CA SER A 82 16.04 -11.17 4.40
C SER A 82 14.71 -11.45 5.12
N ASP A 83 13.68 -11.68 4.32
CA ASP A 83 12.36 -11.96 4.85
C ASP A 83 11.80 -10.70 5.52
N ARG A 84 10.49 -10.57 5.44
CA ARG A 84 9.82 -9.41 6.02
C ARG A 84 8.31 -9.53 5.83
N THR A 85 7.59 -8.57 6.41
CA THR A 85 6.14 -8.55 6.31
C THR A 85 5.65 -7.13 6.02
N TYR A 86 5.15 -6.95 4.80
CA TYR A 86 4.65 -5.66 4.38
C TYR A 86 3.13 -5.67 4.27
N THR A 87 2.52 -4.60 4.75
CA THR A 87 1.07 -4.49 4.71
C THR A 87 0.66 -3.02 4.60
N CYS A 88 -0.13 -2.73 3.57
CA CYS A 88 -0.60 -1.37 3.34
C CYS A 88 -1.84 -1.15 4.19
N GLN A 89 -1.64 -0.50 5.33
CA GLN A 89 -2.74 -0.22 6.24
C GLN A 89 -3.39 1.12 5.88
N VAL A 90 -4.53 1.03 5.22
CA VAL A 90 -5.25 2.22 4.81
C VAL A 90 -6.30 2.56 5.87
N THR A 91 -6.23 3.80 6.35
CA THR A 91 -7.16 4.25 7.37
C THR A 91 -8.30 5.06 6.73
N TYR A 92 -9.30 5.35 7.54
CA TYR A 92 -10.44 6.12 7.06
C TYR A 92 -10.99 7.03 8.17
N GLN A 93 -11.69 8.07 7.75
CA GLN A 93 -12.27 9.01 8.68
C GLN A 93 -13.00 8.27 9.81
N GLY A 94 -13.41 7.05 9.48
CA GLY A 94 -14.12 6.23 10.45
C GLY A 94 -14.02 4.74 10.08
N HIS A 95 -12.86 4.37 9.55
CA HIS A 95 -12.64 2.99 9.15
C HIS A 95 -11.13 2.75 9.03
N THR A 96 -10.79 1.50 8.74
CA THR A 96 -9.40 1.10 8.59
C THR A 96 -9.29 -0.17 7.76
N PHE A 97 -8.07 -0.45 7.32
CA PHE A 97 -7.81 -1.63 6.52
C PHE A 97 -6.30 -1.88 6.38
N GLU A 98 -5.98 -3.08 5.92
CA GLU A 98 -4.59 -3.46 5.73
C GLU A 98 -4.48 -4.64 4.78
N ASP A 99 -3.68 -4.46 3.74
CA ASP A 99 -3.49 -5.51 2.75
C ASP A 99 -2.13 -5.30 2.06
N SER A 100 -1.37 -6.38 2.02
CA SER A 100 -0.05 -6.32 1.39
C SER A 100 0.47 -7.74 1.14
N THR A 101 1.75 -7.93 1.39
CA THR A 101 2.38 -9.22 1.20
C THR A 101 3.28 -9.56 2.39
N LYS A 102 3.78 -10.78 2.38
CA LYS A 102 4.64 -11.25 3.45
C LYS A 102 5.30 -12.57 3.03
N LYS A 103 6.62 -12.59 3.16
CA LYS A 103 7.38 -13.78 2.79
C LYS A 103 8.66 -13.83 3.64
N SER A 104 9.59 -14.67 3.20
CA SER A 104 10.84 -14.84 3.91
C SER A 104 12.00 -14.91 2.91
N ALA A 105 11.69 -14.55 1.68
CA ALA A 105 12.69 -14.57 0.62
C ALA A 105 12.09 -13.96 -0.65
N SER A 1 -22.56 13.55 3.77
CA SER A 1 -23.90 14.10 3.75
C SER A 1 -24.90 13.03 3.34
N ARG A 2 -24.59 12.36 2.24
CA ARG A 2 -25.46 11.31 1.73
C ARG A 2 -25.61 10.19 2.76
N ASP A 3 -24.67 9.25 2.72
CA ASP A 3 -24.69 8.13 3.65
C ASP A 3 -23.38 7.35 3.52
N PHE A 4 -22.28 8.08 3.63
CA PHE A 4 -20.96 7.48 3.53
C PHE A 4 -20.80 6.73 2.21
N THR A 5 -19.62 6.87 1.63
CA THR A 5 -19.32 6.22 0.37
C THR A 5 -18.86 4.77 0.61
N PRO A 6 -18.97 3.95 -0.47
CA PRO A 6 -18.56 2.55 -0.39
C PRO A 6 -17.04 2.43 -0.41
N PRO A 7 -16.49 2.00 0.77
CA PRO A 7 -15.05 1.82 0.89
C PRO A 7 -14.58 0.56 0.16
N THR A 8 -13.37 0.65 -0.38
CA THR A 8 -12.79 -0.47 -1.10
C THR A 8 -11.27 -0.39 -1.09
N VAL A 9 -10.64 -1.49 -0.74
CA VAL A 9 -9.20 -1.56 -0.70
C VAL A 9 -8.71 -2.81 -1.42
N LYS A 10 -7.61 -2.66 -2.14
CA LYS A 10 -7.04 -3.77 -2.89
C LYS A 10 -5.52 -3.79 -2.67
N ILE A 11 -4.94 -4.95 -2.94
CA ILE A 11 -3.50 -5.12 -2.79
C ILE A 11 -2.94 -5.81 -4.03
N LEU A 12 -2.08 -5.08 -4.73
CA LEU A 12 -1.47 -5.62 -5.95
C LEU A 12 0.05 -5.56 -5.80
N GLN A 13 0.68 -6.68 -6.15
CA GLN A 13 2.13 -6.77 -6.06
C GLN A 13 2.75 -6.69 -7.46
N SER A 14 3.92 -6.07 -7.53
CA SER A 14 4.62 -5.93 -8.78
C SER A 14 6.09 -6.31 -8.61
N SER A 15 6.33 -7.60 -8.55
CA SER A 15 7.69 -8.11 -8.39
C SER A 15 8.03 -9.07 -9.53
N SER A 16 7.68 -8.66 -10.75
CA SER A 16 7.94 -9.47 -11.91
C SER A 16 9.38 -9.26 -12.39
N ASP A 17 10.07 -10.38 -12.58
CA ASP A 17 11.46 -10.34 -13.02
C ASP A 17 11.63 -9.19 -14.01
N GLY A 18 12.69 -8.42 -13.81
CA GLY A 18 12.98 -7.30 -14.68
C GLY A 18 14.47 -6.94 -14.63
N GLY A 19 14.73 -5.66 -14.43
CA GLY A 19 16.10 -5.17 -14.38
C GLY A 19 16.14 -3.68 -14.04
N GLY A 20 16.30 -3.39 -12.76
CA GLY A 20 16.35 -2.02 -12.31
C GLY A 20 17.74 -1.68 -11.73
N HIS A 21 18.74 -1.81 -12.59
CA HIS A 21 20.10 -1.52 -12.20
C HIS A 21 20.76 -2.79 -11.67
N PHE A 22 20.00 -3.88 -11.71
CA PHE A 22 20.49 -5.16 -11.25
C PHE A 22 19.84 -5.55 -9.92
N PRO A 23 19.73 -4.54 -9.02
CA PRO A 23 19.13 -4.76 -7.71
C PRO A 23 17.61 -4.88 -7.83
N PRO A 24 17.09 -6.10 -7.51
CA PRO A 24 15.67 -6.34 -7.58
C PRO A 24 14.94 -5.71 -6.39
N THR A 25 13.68 -5.35 -6.62
CA THR A 25 12.88 -4.73 -5.58
C THR A 25 11.45 -5.28 -5.62
N ILE A 26 10.58 -4.61 -4.87
CA ILE A 26 9.18 -5.02 -4.81
C ILE A 26 8.29 -3.79 -5.01
N GLN A 27 7.30 -3.95 -5.87
CA GLN A 27 6.37 -2.87 -6.15
C GLN A 27 4.95 -3.26 -5.73
N LEU A 28 4.67 -3.06 -4.45
CA LEU A 28 3.36 -3.38 -3.92
C LEU A 28 2.53 -2.10 -3.80
N LEU A 29 1.54 -1.99 -4.67
CA LEU A 29 0.67 -0.83 -4.66
C LEU A 29 -0.73 -1.25 -4.22
N CYS A 30 -1.25 -0.52 -3.25
CA CYS A 30 -2.58 -0.80 -2.72
C CYS A 30 -3.59 0.03 -3.51
N LEU A 31 -4.75 -0.59 -3.75
CA LEU A 31 -5.80 0.07 -4.50
C LEU A 31 -6.99 0.35 -3.56
N VAL A 32 -7.03 1.58 -3.07
CA VAL A 32 -8.09 1.99 -2.17
C VAL A 32 -8.74 3.27 -2.68
N SER A 33 -10.03 3.19 -2.96
CA SER A 33 -10.77 4.33 -3.46
C SER A 33 -12.26 4.17 -3.15
N GLY A 34 -13.03 5.17 -3.54
CA GLY A 34 -14.46 5.16 -3.30
C GLY A 34 -14.80 5.67 -1.90
N TYR A 35 -14.03 5.21 -0.94
CA TYR A 35 -14.23 5.61 0.45
C TYR A 35 -13.94 7.10 0.63
N THR A 36 -14.54 7.66 1.66
CA THR A 36 -14.35 9.07 1.96
C THR A 36 -14.55 9.91 0.70
N PRO A 37 -15.14 11.12 0.89
CA PRO A 37 -15.39 12.02 -0.21
C PRO A 37 -14.09 12.70 -0.67
N GLY A 38 -13.07 12.56 0.16
CA GLY A 38 -11.77 13.15 -0.15
C GLY A 38 -10.67 12.09 -0.12
N THR A 39 -10.63 11.35 0.98
CA THR A 39 -9.63 10.31 1.14
C THR A 39 -9.49 9.93 2.62
N ILE A 40 -8.73 8.88 2.87
CA ILE A 40 -8.50 8.41 4.23
C ILE A 40 -7.02 8.54 4.56
N ASN A 41 -6.53 7.56 5.31
CA ASN A 41 -5.12 7.56 5.71
C ASN A 41 -4.40 6.41 5.00
N ILE A 42 -3.29 6.76 4.37
CA ILE A 42 -2.49 5.77 3.65
C ILE A 42 -1.22 5.47 4.45
N THR A 43 -1.11 4.23 4.88
CA THR A 43 0.05 3.80 5.65
C THR A 43 0.35 2.32 5.38
N TRP A 44 1.54 1.91 5.81
CA TRP A 44 1.96 0.53 5.63
C TRP A 44 2.68 0.09 6.89
N LEU A 45 2.24 -1.05 7.43
CA LEU A 45 2.83 -1.59 8.63
C LEU A 45 4.01 -2.48 8.27
N GLU A 46 5.20 -2.02 8.62
CA GLU A 46 6.42 -2.76 8.32
C GLU A 46 6.91 -3.50 9.57
N ASP A 47 7.42 -4.69 9.34
CA ASP A 47 7.92 -5.51 10.44
C ASP A 47 9.19 -6.24 10.00
N GLY A 48 10.32 -5.71 10.42
CA GLY A 48 11.60 -6.30 10.08
C GLY A 48 12.68 -5.23 9.94
N GLN A 49 12.24 -4.03 9.62
CA GLN A 49 13.16 -2.91 9.45
C GLN A 49 12.41 -1.67 8.96
N VAL A 50 11.86 -0.93 9.92
CA VAL A 50 11.12 0.27 9.60
C VAL A 50 12.09 1.45 9.45
N MET A 51 13.20 1.17 8.80
CA MET A 51 14.22 2.19 8.58
C MET A 51 14.00 2.92 7.26
N ASP A 52 14.71 4.02 7.10
CA ASP A 52 14.60 4.82 5.89
C ASP A 52 15.13 4.01 4.70
N VAL A 53 14.37 2.99 4.34
CA VAL A 53 14.75 2.13 3.23
C VAL A 53 13.55 1.95 2.29
N ASP A 54 12.84 0.86 2.50
CA ASP A 54 11.68 0.56 1.68
C ASP A 54 10.43 1.12 2.37
N LEU A 55 9.70 1.95 1.62
CA LEU A 55 8.49 2.55 2.14
C LEU A 55 7.42 2.54 1.05
N SER A 56 6.17 2.66 1.50
CA SER A 56 5.05 2.67 0.58
C SER A 56 4.20 3.93 0.80
N THR A 57 3.83 4.55 -0.31
CA THR A 57 3.03 5.76 -0.26
C THR A 57 1.87 5.66 -1.25
N ALA A 58 0.80 6.39 -0.94
CA ALA A 58 -0.38 6.40 -1.79
C ALA A 58 -0.86 7.84 -1.97
N SER A 59 -1.50 8.08 -3.11
CA SER A 59 -2.01 9.41 -3.41
C SER A 59 -3.54 9.40 -3.36
N THR A 60 -4.10 10.60 -3.23
CA THR A 60 -5.55 10.74 -3.17
C THR A 60 -6.09 11.26 -4.50
N THR A 61 -7.29 10.80 -4.83
CA THR A 61 -7.93 11.21 -6.06
C THR A 61 -9.42 11.47 -5.84
N GLN A 62 -10.02 12.21 -6.76
CA GLN A 62 -11.43 12.53 -6.67
C GLN A 62 -12.22 11.75 -7.72
N GLU A 63 -13.29 11.11 -7.27
CA GLU A 63 -14.14 10.32 -8.15
C GLU A 63 -15.60 10.70 -7.95
N GLY A 64 -15.91 11.94 -8.28
CA GLY A 64 -17.27 12.44 -8.14
C GLY A 64 -17.64 12.61 -6.66
N GLU A 65 -18.49 11.72 -6.19
CA GLU A 65 -18.94 11.75 -4.81
C GLU A 65 -18.08 10.82 -3.94
N LEU A 66 -17.17 10.13 -4.61
CA LEU A 66 -16.29 9.20 -3.93
C LEU A 66 -14.86 9.76 -3.92
N ALA A 67 -13.99 9.06 -3.22
CA ALA A 67 -12.60 9.47 -3.13
C ALA A 67 -11.70 8.24 -3.31
N SER A 68 -10.86 8.31 -4.34
CA SER A 68 -9.94 7.22 -4.63
C SER A 68 -8.60 7.47 -3.94
N THR A 69 -7.71 6.49 -4.07
CA THR A 69 -6.39 6.59 -3.46
C THR A 69 -5.50 5.45 -3.95
N GLN A 70 -4.43 5.85 -4.64
CA GLN A 70 -3.48 4.87 -5.16
C GLN A 70 -2.26 4.76 -4.24
N SER A 71 -2.06 3.55 -3.74
CA SER A 71 -0.94 3.29 -2.84
C SER A 71 0.10 2.43 -3.55
N GLU A 72 1.37 2.69 -3.22
CA GLU A 72 2.46 1.95 -3.81
C GLU A 72 3.49 1.58 -2.73
N LEU A 73 4.31 0.59 -3.08
CA LEU A 73 5.34 0.13 -2.15
C LEU A 73 6.63 -0.13 -2.92
N THR A 74 7.74 0.24 -2.31
CA THR A 74 9.05 0.05 -2.92
C THR A 74 10.05 -0.48 -1.90
N LEU A 75 10.51 -1.70 -2.15
CA LEU A 75 11.47 -2.33 -1.26
C LEU A 75 12.49 -3.11 -2.09
N SER A 76 13.65 -3.33 -1.50
CA SER A 76 14.71 -4.06 -2.17
C SER A 76 14.54 -5.56 -1.93
N GLN A 77 14.74 -6.31 -3.01
CA GLN A 77 14.61 -7.77 -2.94
C GLN A 77 15.47 -8.32 -1.81
N LYS A 78 16.60 -7.65 -1.57
CA LYS A 78 17.51 -8.07 -0.53
C LYS A 78 16.75 -8.19 0.80
N HIS A 79 16.04 -7.11 1.13
CA HIS A 79 15.27 -7.06 2.36
C HIS A 79 14.25 -8.21 2.36
N TRP A 80 13.70 -8.47 1.17
CA TRP A 80 12.72 -9.53 1.03
C TRP A 80 13.37 -10.86 1.46
N LEU A 81 14.60 -11.05 0.99
CA LEU A 81 15.34 -12.25 1.32
C LEU A 81 15.73 -12.22 2.80
N SER A 82 15.95 -11.01 3.30
CA SER A 82 16.33 -10.83 4.69
C SER A 82 15.09 -10.96 5.59
N ASP A 83 13.99 -11.39 4.97
CA ASP A 83 12.76 -11.56 5.70
C ASP A 83 12.22 -10.18 6.12
N ARG A 84 10.89 -10.09 6.15
CA ARG A 84 10.25 -8.84 6.53
C ARG A 84 8.73 -8.99 6.45
N THR A 85 8.04 -7.94 6.86
CA THR A 85 6.59 -7.93 6.83
C THR A 85 6.07 -6.59 6.30
N TYR A 86 5.65 -6.62 5.04
CA TYR A 86 5.13 -5.42 4.40
C TYR A 86 3.61 -5.52 4.20
N THR A 87 2.91 -4.54 4.75
CA THR A 87 1.47 -4.50 4.63
C THR A 87 0.97 -3.05 4.50
N CYS A 88 0.11 -2.86 3.51
CA CYS A 88 -0.45 -1.53 3.27
C CYS A 88 -1.72 -1.37 4.11
N GLN A 89 -1.57 -0.69 5.23
CA GLN A 89 -2.69 -0.46 6.12
C GLN A 89 -3.39 0.85 5.77
N VAL A 90 -4.59 0.72 5.21
CA VAL A 90 -5.38 1.88 4.83
C VAL A 90 -6.44 2.15 5.90
N THR A 91 -6.43 3.37 6.40
CA THR A 91 -7.39 3.76 7.42
C THR A 91 -8.46 4.68 6.82
N TYR A 92 -9.53 4.85 7.58
CA TYR A 92 -10.63 5.69 7.14
C TYR A 92 -11.20 6.51 8.30
N GLN A 93 -11.82 7.62 7.95
CA GLN A 93 -12.41 8.50 8.95
C GLN A 93 -13.29 7.70 9.91
N GLY A 94 -13.70 6.53 9.45
CA GLY A 94 -14.54 5.66 10.25
C GLY A 94 -14.44 4.20 9.79
N HIS A 95 -13.24 3.85 9.34
CA HIS A 95 -12.99 2.50 8.86
C HIS A 95 -11.48 2.23 8.85
N THR A 96 -11.13 1.01 8.47
CA THR A 96 -9.74 0.61 8.40
C THR A 96 -9.57 -0.61 7.49
N PHE A 97 -8.33 -0.87 7.13
CA PHE A 97 -8.02 -2.01 6.27
C PHE A 97 -6.52 -2.31 6.29
N GLU A 98 -6.20 -3.54 5.88
CA GLU A 98 -4.81 -3.97 5.85
C GLU A 98 -4.65 -5.15 4.89
N ASP A 99 -3.82 -4.94 3.87
CA ASP A 99 -3.57 -5.97 2.88
C ASP A 99 -2.16 -5.79 2.30
N SER A 100 -1.40 -6.86 2.34
CA SER A 100 -0.04 -6.84 1.83
C SER A 100 0.53 -8.25 1.80
N THR A 101 1.85 -8.32 1.95
CA THR A 101 2.54 -9.61 1.93
C THR A 101 3.58 -9.66 3.06
N LYS A 102 4.19 -10.83 3.19
CA LYS A 102 5.20 -11.03 4.21
C LYS A 102 5.89 -12.38 3.98
N LYS A 103 7.11 -12.47 4.48
CA LYS A 103 7.89 -13.70 4.34
C LYS A 103 8.80 -13.87 5.56
N SER A 104 9.18 -15.11 5.81
CA SER A 104 10.05 -15.42 6.93
C SER A 104 9.81 -14.41 8.07
N ALA A 105 8.57 -13.98 8.17
CA ALA A 105 8.19 -13.02 9.20
C ALA A 105 8.52 -13.62 10.58
N SER A 1 -28.67 3.28 3.63
CA SER A 1 -28.55 3.80 4.98
C SER A 1 -27.09 4.10 5.32
N ARG A 2 -26.90 4.88 6.37
CA ARG A 2 -25.56 5.25 6.79
C ARG A 2 -25.06 6.45 5.99
N ASP A 3 -23.74 6.48 5.79
CA ASP A 3 -23.13 7.57 5.04
C ASP A 3 -21.83 7.07 4.41
N PHE A 4 -21.25 7.92 3.58
CA PHE A 4 -20.01 7.57 2.90
C PHE A 4 -20.26 6.58 1.77
N THR A 5 -19.34 6.57 0.82
CA THR A 5 -19.45 5.68 -0.32
C THR A 5 -18.84 4.32 0.01
N PRO A 6 -18.89 3.40 -0.99
CA PRO A 6 -18.34 2.07 -0.82
C PRO A 6 -16.82 2.09 -0.89
N PRO A 7 -16.18 1.78 0.27
CA PRO A 7 -14.74 1.76 0.36
C PRO A 7 -14.16 0.51 -0.32
N THR A 8 -12.92 0.65 -0.76
CA THR A 8 -12.25 -0.46 -1.43
C THR A 8 -10.73 -0.30 -1.31
N VAL A 9 -10.10 -1.36 -0.81
CA VAL A 9 -8.65 -1.36 -0.64
C VAL A 9 -8.08 -2.68 -1.16
N LYS A 10 -7.02 -2.56 -1.95
CA LYS A 10 -6.37 -3.72 -2.52
C LYS A 10 -4.85 -3.53 -2.49
N ILE A 11 -4.15 -4.65 -2.42
CA ILE A 11 -2.69 -4.62 -2.38
C ILE A 11 -2.14 -5.54 -3.47
N LEU A 12 -1.55 -4.92 -4.48
CA LEU A 12 -0.98 -5.67 -5.58
C LEU A 12 0.54 -5.53 -5.55
N GLN A 13 1.21 -6.61 -5.95
CA GLN A 13 2.66 -6.62 -5.96
C GLN A 13 3.18 -6.49 -7.40
N SER A 14 4.29 -5.77 -7.53
CA SER A 14 4.90 -5.55 -8.83
C SER A 14 6.39 -5.82 -8.76
N SER A 15 6.73 -7.11 -8.69
CA SER A 15 8.12 -7.52 -8.62
C SER A 15 8.50 -8.28 -9.90
N SER A 16 8.16 -9.57 -9.90
CA SER A 16 8.46 -10.40 -11.04
C SER A 16 7.41 -10.22 -12.12
N ASP A 17 7.35 -9.01 -12.66
CA ASP A 17 6.40 -8.68 -13.69
C ASP A 17 6.30 -9.85 -14.67
N GLY A 18 5.17 -9.90 -15.39
CA GLY A 18 4.94 -10.96 -16.35
C GLY A 18 6.08 -11.02 -17.39
N GLY A 19 5.82 -10.41 -18.53
CA GLY A 19 6.80 -10.38 -19.60
C GLY A 19 7.65 -9.12 -19.53
N GLY A 20 8.41 -9.01 -18.46
CA GLY A 20 9.27 -7.85 -18.26
C GLY A 20 10.54 -8.23 -17.50
N HIS A 21 10.45 -8.12 -16.19
CA HIS A 21 11.58 -8.46 -15.33
C HIS A 21 12.69 -7.43 -15.53
N PHE A 22 13.06 -6.78 -14.43
CA PHE A 22 14.11 -5.77 -14.47
C PHE A 22 14.39 -5.23 -13.07
N PRO A 23 13.31 -4.73 -12.42
CA PRO A 23 13.43 -4.17 -11.08
C PRO A 23 13.60 -5.28 -10.04
N PRO A 24 14.80 -5.31 -9.41
CA PRO A 24 15.08 -6.31 -8.40
C PRO A 24 14.38 -5.98 -7.08
N THR A 25 13.83 -4.77 -7.02
CA THR A 25 13.12 -4.33 -5.84
C THR A 25 11.70 -4.88 -5.83
N ILE A 26 10.84 -4.23 -5.06
CA ILE A 26 9.46 -4.64 -4.96
C ILE A 26 8.55 -3.42 -5.10
N GLN A 27 7.55 -3.56 -5.97
CA GLN A 27 6.62 -2.48 -6.20
C GLN A 27 5.22 -2.88 -5.73
N LEU A 28 4.99 -2.68 -4.44
CA LEU A 28 3.71 -3.02 -3.85
C LEU A 28 2.84 -1.76 -3.78
N LEU A 29 1.87 -1.70 -4.68
CA LEU A 29 0.96 -0.57 -4.72
C LEU A 29 -0.39 -0.98 -4.15
N CYS A 30 -0.84 -0.22 -3.16
CA CYS A 30 -2.11 -0.49 -2.52
C CYS A 30 -3.18 0.39 -3.17
N LEU A 31 -4.13 -0.28 -3.81
CA LEU A 31 -5.21 0.43 -4.49
C LEU A 31 -6.36 0.65 -3.50
N VAL A 32 -6.54 1.91 -3.12
CA VAL A 32 -7.60 2.26 -2.19
C VAL A 32 -8.30 3.54 -2.69
N SER A 33 -9.52 3.36 -3.16
CA SER A 33 -10.30 4.48 -3.65
C SER A 33 -11.79 4.24 -3.38
N GLY A 34 -12.60 5.18 -3.85
CA GLY A 34 -14.03 5.09 -3.66
C GLY A 34 -14.44 5.55 -2.26
N TYR A 35 -13.72 5.05 -1.27
CA TYR A 35 -13.99 5.39 0.11
C TYR A 35 -13.74 6.88 0.37
N THR A 36 -14.42 7.41 1.37
CA THR A 36 -14.27 8.81 1.72
C THR A 36 -14.36 9.68 0.48
N PRO A 37 -15.06 10.83 0.62
CA PRO A 37 -15.23 11.76 -0.48
C PRO A 37 -13.94 12.54 -0.73
N GLY A 38 -13.04 12.49 0.25
CA GLY A 38 -11.78 13.19 0.15
C GLY A 38 -10.61 12.23 0.35
N THR A 39 -10.94 10.96 0.50
CA THR A 39 -9.94 9.94 0.71
C THR A 39 -9.69 9.71 2.21
N ILE A 40 -8.63 8.98 2.50
CA ILE A 40 -8.28 8.69 3.88
C ILE A 40 -6.80 9.02 4.10
N ASN A 41 -6.16 8.16 4.89
CA ASN A 41 -4.75 8.34 5.20
C ASN A 41 -3.95 7.17 4.63
N ILE A 42 -2.65 7.38 4.52
CA ILE A 42 -1.76 6.35 3.99
C ILE A 42 -0.80 5.90 5.10
N THR A 43 -0.67 4.59 5.22
CA THR A 43 0.21 4.02 6.23
C THR A 43 0.67 2.62 5.82
N TRP A 44 1.79 2.21 6.39
CA TRP A 44 2.34 0.90 6.08
C TRP A 44 3.06 0.39 7.33
N LEU A 45 2.75 -0.85 7.69
CA LEU A 45 3.36 -1.46 8.85
C LEU A 45 4.47 -2.41 8.41
N GLU A 46 5.70 -2.00 8.70
CA GLU A 46 6.86 -2.79 8.34
C GLU A 46 7.36 -3.59 9.54
N ASP A 47 7.01 -4.86 9.56
CA ASP A 47 7.42 -5.75 10.64
C ASP A 47 8.83 -6.28 10.35
N GLY A 48 9.80 -5.44 10.69
CA GLY A 48 11.20 -5.82 10.49
C GLY A 48 12.12 -4.64 10.79
N GLN A 49 11.69 -3.46 10.38
CA GLN A 49 12.47 -2.26 10.59
C GLN A 49 12.01 -1.15 9.64
N VAL A 50 11.26 -0.20 10.21
CA VAL A 50 10.76 0.92 9.43
C VAL A 50 11.83 2.01 9.36
N MET A 51 13.05 1.58 9.11
CA MET A 51 14.16 2.51 9.01
C MET A 51 14.16 3.25 7.67
N ASP A 52 15.03 4.24 7.57
CA ASP A 52 15.14 5.03 6.35
C ASP A 52 15.62 4.14 5.21
N VAL A 53 14.76 3.23 4.80
CA VAL A 53 15.09 2.31 3.72
C VAL A 53 13.93 2.26 2.72
N ASP A 54 13.15 1.20 2.83
CA ASP A 54 12.01 1.02 1.94
C ASP A 54 10.76 1.59 2.62
N LEU A 55 10.00 2.35 1.83
CA LEU A 55 8.78 2.96 2.33
C LEU A 55 7.72 2.93 1.24
N SER A 56 6.46 3.07 1.67
CA SER A 56 5.35 3.06 0.74
C SER A 56 4.44 4.27 0.99
N THR A 57 4.09 4.93 -0.10
CA THR A 57 3.24 6.11 0.00
C THR A 57 2.08 6.00 -1.01
N ALA A 58 1.02 6.74 -0.72
CA ALA A 58 -0.15 6.73 -1.58
C ALA A 58 -0.61 8.17 -1.81
N SER A 59 -1.20 8.40 -2.97
CA SER A 59 -1.70 9.72 -3.32
C SER A 59 -3.22 9.74 -3.29
N THR A 60 -3.77 10.92 -3.01
CA THR A 60 -5.21 11.07 -2.95
C THR A 60 -5.73 11.81 -4.19
N THR A 61 -6.88 11.38 -4.65
CA THR A 61 -7.49 11.98 -5.83
C THR A 61 -9.01 12.05 -5.67
N GLN A 62 -9.61 12.96 -6.43
CA GLN A 62 -11.05 13.15 -6.38
C GLN A 62 -11.73 12.34 -7.48
N GLU A 63 -12.74 11.58 -7.08
CA GLU A 63 -13.48 10.76 -8.03
C GLU A 63 -14.99 11.00 -7.89
N GLY A 64 -15.38 12.24 -8.18
CA GLY A 64 -16.77 12.61 -8.09
C GLY A 64 -17.21 12.75 -6.63
N GLU A 65 -18.00 11.78 -6.18
CA GLU A 65 -18.49 11.79 -4.82
C GLU A 65 -17.67 10.83 -3.96
N LEU A 66 -16.68 10.22 -4.59
CA LEU A 66 -15.82 9.28 -3.89
C LEU A 66 -14.39 9.85 -3.86
N ALA A 67 -13.50 9.09 -3.26
CA ALA A 67 -12.11 9.49 -3.15
C ALA A 67 -11.21 8.32 -3.53
N SER A 68 -10.38 8.55 -4.54
CA SER A 68 -9.46 7.53 -5.01
C SER A 68 -8.04 7.84 -4.53
N THR A 69 -7.50 6.91 -3.77
CA THR A 69 -6.15 7.06 -3.24
C THR A 69 -5.27 5.89 -3.66
N GLN A 70 -4.27 6.22 -4.47
CA GLN A 70 -3.35 5.21 -4.96
C GLN A 70 -2.14 5.09 -4.03
N SER A 71 -1.87 3.86 -3.60
CA SER A 71 -0.75 3.61 -2.71
C SER A 71 0.33 2.83 -3.45
N GLU A 72 1.58 3.16 -3.13
CA GLU A 72 2.71 2.50 -3.75
C GLU A 72 3.75 2.11 -2.69
N LEU A 73 4.51 1.07 -3.00
CA LEU A 73 5.53 0.59 -2.08
C LEU A 73 6.82 0.32 -2.87
N THR A 74 7.93 0.71 -2.27
CA THR A 74 9.23 0.52 -2.89
C THR A 74 10.22 -0.06 -1.88
N LEU A 75 10.66 -1.28 -2.16
CA LEU A 75 11.62 -1.95 -1.29
C LEU A 75 12.60 -2.75 -2.14
N SER A 76 13.87 -2.66 -1.77
CA SER A 76 14.92 -3.37 -2.49
C SER A 76 14.82 -4.87 -2.20
N GLN A 77 15.50 -5.64 -3.04
CA GLN A 77 15.50 -7.08 -2.89
C GLN A 77 16.28 -7.49 -1.65
N LYS A 78 17.39 -6.79 -1.42
CA LYS A 78 18.23 -7.07 -0.27
C LYS A 78 17.36 -7.06 0.99
N HIS A 79 16.65 -5.96 1.19
CA HIS A 79 15.80 -5.83 2.35
C HIS A 79 14.75 -6.93 2.35
N TRP A 80 14.32 -7.31 1.16
CA TRP A 80 13.32 -8.36 1.00
C TRP A 80 13.92 -9.65 1.56
N LEU A 81 15.17 -9.89 1.21
CA LEU A 81 15.87 -11.08 1.67
C LEU A 81 16.09 -11.00 3.17
N SER A 82 16.05 -9.77 3.68
CA SER A 82 16.25 -9.54 5.10
C SER A 82 15.00 -9.95 5.87
N ASP A 83 13.94 -10.23 5.12
CA ASP A 83 12.68 -10.65 5.72
C ASP A 83 11.86 -9.40 6.05
N ARG A 84 10.93 -9.59 6.98
CA ARG A 84 10.07 -8.49 7.41
C ARG A 84 8.70 -8.60 6.73
N THR A 85 7.76 -7.80 7.21
CA THR A 85 6.42 -7.79 6.67
C THR A 85 6.05 -6.40 6.16
N TYR A 86 5.90 -6.31 4.84
CA TYR A 86 5.55 -5.04 4.22
C TYR A 86 4.07 -5.01 3.85
N THR A 87 3.28 -4.48 4.77
CA THR A 87 1.84 -4.38 4.54
C THR A 87 1.42 -2.91 4.43
N CYS A 88 0.52 -2.66 3.50
CA CYS A 88 0.02 -1.31 3.27
C CYS A 88 -1.21 -1.09 4.16
N GLN A 89 -0.99 -0.35 5.23
CA GLN A 89 -2.06 -0.06 6.17
C GLN A 89 -2.73 1.27 5.81
N VAL A 90 -3.94 1.15 5.27
CA VAL A 90 -4.70 2.32 4.88
C VAL A 90 -5.68 2.69 5.98
N THR A 91 -5.70 3.97 6.31
CA THR A 91 -6.59 4.46 7.35
C THR A 91 -7.79 5.18 6.74
N TYR A 92 -8.82 5.36 7.56
CA TYR A 92 -10.03 6.04 7.11
C TYR A 92 -10.56 6.97 8.20
N GLN A 93 -11.36 7.93 7.76
CA GLN A 93 -11.96 8.89 8.68
C GLN A 93 -12.54 8.16 9.90
N GLY A 94 -12.92 6.91 9.68
CA GLY A 94 -13.50 6.11 10.74
C GLY A 94 -13.34 4.62 10.44
N HIS A 95 -12.21 4.28 9.84
CA HIS A 95 -11.93 2.90 9.48
C HIS A 95 -10.42 2.71 9.29
N THR A 96 -10.03 1.45 9.15
CA THR A 96 -8.62 1.13 8.96
C THR A 96 -8.47 -0.27 8.38
N PHE A 97 -7.30 -0.52 7.81
CA PHE A 97 -7.02 -1.81 7.22
C PHE A 97 -5.54 -1.94 6.86
N GLU A 98 -5.12 -3.18 6.63
CA GLU A 98 -3.74 -3.45 6.28
C GLU A 98 -3.64 -4.76 5.51
N ASP A 99 -3.00 -4.68 4.35
CA ASP A 99 -2.84 -5.86 3.51
C ASP A 99 -1.63 -5.65 2.58
N SER A 100 -0.80 -6.67 2.49
CA SER A 100 0.38 -6.61 1.65
C SER A 100 1.05 -7.98 1.58
N THR A 101 2.37 -7.98 1.70
CA THR A 101 3.13 -9.21 1.64
C THR A 101 4.17 -9.24 2.77
N LYS A 102 4.90 -10.34 2.82
CA LYS A 102 5.92 -10.51 3.84
C LYS A 102 6.74 -11.76 3.52
N LYS A 103 7.93 -11.81 4.11
CA LYS A 103 8.82 -12.94 3.90
C LYS A 103 9.66 -13.17 5.17
N SER A 104 10.40 -14.26 5.16
CA SER A 104 11.24 -14.61 6.30
C SER A 104 10.66 -14.01 7.58
N ALA A 105 9.34 -13.98 7.64
CA ALA A 105 8.65 -13.44 8.81
C ALA A 105 8.92 -14.35 10.02
N SER A 1 -28.03 9.00 10.58
CA SER A 1 -27.31 9.96 9.75
C SER A 1 -27.34 9.51 8.28
N ARG A 2 -26.54 10.17 7.48
CA ARG A 2 -26.46 9.86 6.06
C ARG A 2 -25.21 10.50 5.44
N ASP A 3 -24.08 9.83 5.61
CA ASP A 3 -22.83 10.32 5.07
C ASP A 3 -21.88 9.14 4.85
N PHE A 4 -20.75 9.45 4.24
CA PHE A 4 -19.74 8.42 3.97
C PHE A 4 -20.30 7.36 3.02
N THR A 5 -19.39 6.53 2.52
CA THR A 5 -19.78 5.47 1.60
C THR A 5 -18.93 4.21 1.85
N PRO A 6 -19.16 3.18 0.99
CA PRO A 6 -18.43 1.94 1.11
C PRO A 6 -16.99 2.08 0.60
N PRO A 7 -16.04 1.94 1.55
CA PRO A 7 -14.62 2.05 1.21
C PRO A 7 -14.13 0.81 0.47
N THR A 8 -13.04 0.99 -0.27
CA THR A 8 -12.47 -0.10 -1.03
C THR A 8 -10.95 0.06 -1.14
N VAL A 9 -10.24 -1.00 -0.80
CA VAL A 9 -8.79 -0.99 -0.85
C VAL A 9 -8.30 -2.24 -1.60
N LYS A 10 -7.23 -2.06 -2.35
CA LYS A 10 -6.65 -3.16 -3.11
C LYS A 10 -5.13 -3.15 -2.94
N ILE A 11 -4.53 -4.31 -3.12
CA ILE A 11 -3.10 -4.46 -3.00
C ILE A 11 -2.53 -5.13 -4.25
N LEU A 12 -1.74 -4.36 -4.99
CA LEU A 12 -1.14 -4.87 -6.21
C LEU A 12 0.38 -4.85 -6.07
N GLN A 13 1.00 -5.95 -6.48
CA GLN A 13 2.44 -6.07 -6.40
C GLN A 13 3.06 -5.94 -7.79
N SER A 14 4.22 -5.30 -7.83
CA SER A 14 4.92 -5.10 -9.08
C SER A 14 6.39 -5.50 -8.93
N SER A 15 6.62 -6.80 -8.91
CA SER A 15 7.97 -7.32 -8.77
C SER A 15 8.41 -7.99 -10.07
N SER A 16 9.66 -8.43 -10.08
CA SER A 16 10.22 -9.08 -11.25
C SER A 16 11.42 -9.94 -10.85
N ASP A 17 11.26 -11.25 -11.01
CA ASP A 17 12.33 -12.18 -10.67
C ASP A 17 13.67 -11.59 -11.10
N GLY A 18 14.73 -12.10 -10.48
CA GLY A 18 16.07 -11.63 -10.80
C GLY A 18 16.49 -12.08 -12.19
N GLY A 19 17.42 -11.33 -12.76
CA GLY A 19 17.93 -11.64 -14.09
C GLY A 19 19.00 -12.74 -14.02
N GLY A 20 19.81 -12.67 -12.97
CA GLY A 20 20.87 -13.63 -12.78
C GLY A 20 21.48 -13.51 -11.39
N HIS A 21 21.80 -12.27 -11.03
CA HIS A 21 22.39 -12.00 -9.73
C HIS A 21 21.28 -11.88 -8.67
N PHE A 22 20.33 -11.01 -8.97
CA PHE A 22 19.21 -10.79 -8.06
C PHE A 22 18.20 -9.80 -8.66
N PRO A 23 16.98 -9.79 -8.06
CA PRO A 23 15.92 -8.92 -8.53
C PRO A 23 16.18 -7.47 -8.10
N PRO A 24 15.41 -6.54 -8.71
CA PRO A 24 15.55 -5.13 -8.40
C PRO A 24 14.93 -4.80 -7.04
N THR A 25 13.66 -4.43 -7.08
CA THR A 25 12.93 -4.08 -5.87
C THR A 25 11.50 -4.63 -5.93
N ILE A 26 10.64 -4.02 -5.12
CA ILE A 26 9.25 -4.42 -5.08
C ILE A 26 8.36 -3.19 -5.15
N GLN A 27 7.40 -3.23 -6.07
CA GLN A 27 6.48 -2.12 -6.26
C GLN A 27 5.06 -2.54 -5.87
N LEU A 28 4.76 -2.37 -4.60
CA LEU A 28 3.45 -2.73 -4.08
C LEU A 28 2.54 -1.49 -4.09
N LEU A 29 1.70 -1.42 -5.11
CA LEU A 29 0.79 -0.30 -5.25
C LEU A 29 -0.58 -0.70 -4.73
N CYS A 30 -1.04 0.04 -3.73
CA CYS A 30 -2.34 -0.22 -3.13
C CYS A 30 -3.38 0.65 -3.82
N LEU A 31 -4.52 0.05 -4.11
CA LEU A 31 -5.60 0.76 -4.77
C LEU A 31 -6.75 0.97 -3.78
N VAL A 32 -6.91 2.22 -3.35
CA VAL A 32 -7.96 2.56 -2.41
C VAL A 32 -8.70 3.79 -2.91
N SER A 33 -9.99 3.61 -3.18
CA SER A 33 -10.82 4.70 -3.65
C SER A 33 -12.28 4.48 -3.26
N GLY A 34 -13.13 5.38 -3.70
CA GLY A 34 -14.55 5.28 -3.39
C GLY A 34 -14.84 5.83 -1.99
N TYR A 35 -14.03 5.40 -1.04
CA TYR A 35 -14.20 5.84 0.34
C TYR A 35 -13.99 7.35 0.46
N THR A 36 -14.54 7.90 1.52
CA THR A 36 -14.43 9.34 1.76
C THR A 36 -14.70 10.12 0.49
N PRO A 37 -15.38 11.29 0.65
CA PRO A 37 -15.72 12.14 -0.48
C PRO A 37 -14.48 12.89 -0.98
N GLY A 38 -13.43 12.85 -0.17
CA GLY A 38 -12.19 13.51 -0.51
C GLY A 38 -11.02 12.54 -0.51
N THR A 39 -10.87 11.84 0.61
CA THR A 39 -9.80 10.88 0.76
C THR A 39 -9.60 10.51 2.23
N ILE A 40 -8.73 9.54 2.46
CA ILE A 40 -8.45 9.09 3.82
C ILE A 40 -6.96 9.26 4.09
N ASN A 41 -6.41 8.29 4.82
CA ASN A 41 -5.00 8.32 5.17
C ASN A 41 -4.28 7.18 4.45
N ILE A 42 -2.98 7.38 4.25
CA ILE A 42 -2.17 6.37 3.58
C ILE A 42 -0.97 6.02 4.46
N THR A 43 -0.92 4.77 4.88
CA THR A 43 0.15 4.29 5.72
C THR A 43 0.43 2.81 5.45
N TRP A 44 1.65 2.40 5.79
CA TRP A 44 2.05 1.01 5.60
C TRP A 44 2.86 0.58 6.81
N LEU A 45 2.47 -0.56 7.37
CA LEU A 45 3.15 -1.11 8.54
C LEU A 45 4.21 -2.12 8.09
N GLU A 46 5.46 -1.79 8.39
CA GLU A 46 6.56 -2.67 8.02
C GLU A 46 6.98 -3.52 9.23
N ASP A 47 7.41 -4.74 8.92
CA ASP A 47 7.85 -5.66 9.95
C ASP A 47 8.97 -6.54 9.41
N GLY A 48 10.19 -6.14 9.71
CA GLY A 48 11.35 -6.88 9.26
C GLY A 48 12.62 -6.01 9.31
N GLN A 49 12.69 -5.20 10.37
CA GLN A 49 13.83 -4.32 10.56
C GLN A 49 14.41 -3.91 9.20
N VAL A 50 13.64 -3.13 8.47
CA VAL A 50 14.07 -2.67 7.16
C VAL A 50 14.89 -1.39 7.32
N MET A 51 16.17 -1.49 6.97
CA MET A 51 17.06 -0.35 7.08
C MET A 51 17.00 0.51 5.81
N ASP A 52 16.78 -0.15 4.69
CA ASP A 52 16.69 0.53 3.42
C ASP A 52 15.55 1.54 3.46
N VAL A 53 14.97 1.81 2.30
CA VAL A 53 13.87 2.75 2.19
C VAL A 53 12.61 2.01 1.73
N ASP A 54 12.06 1.22 2.63
CA ASP A 54 10.86 0.45 2.33
C ASP A 54 9.64 1.21 2.84
N LEU A 55 9.16 2.13 2.02
CA LEU A 55 8.00 2.93 2.37
C LEU A 55 7.03 2.98 1.19
N SER A 56 5.75 3.15 1.50
CA SER A 56 4.73 3.22 0.47
C SER A 56 3.86 4.46 0.69
N THR A 57 3.58 5.15 -0.40
CA THR A 57 2.77 6.34 -0.35
C THR A 57 1.64 6.27 -1.38
N ALA A 58 0.55 6.97 -1.09
CA ALA A 58 -0.59 6.99 -1.98
C ALA A 58 -1.07 8.43 -2.15
N SER A 59 -1.73 8.67 -3.28
CA SER A 59 -2.24 10.00 -3.58
C SER A 59 -3.76 10.00 -3.49
N THR A 60 -4.32 11.20 -3.56
CA THR A 60 -5.76 11.35 -3.48
C THR A 60 -6.34 11.65 -4.87
N THR A 61 -7.55 11.16 -5.09
CA THR A 61 -8.22 11.36 -6.37
C THR A 61 -9.70 11.70 -6.15
N GLN A 62 -10.28 12.33 -7.17
CA GLN A 62 -11.68 12.72 -7.10
C GLN A 62 -12.48 11.96 -8.16
N GLU A 63 -13.61 11.41 -7.72
CA GLU A 63 -14.48 10.66 -8.61
C GLU A 63 -15.94 11.02 -8.34
N GLY A 64 -16.26 12.28 -8.59
CA GLY A 64 -17.62 12.76 -8.38
C GLY A 64 -17.94 12.89 -6.89
N GLU A 65 -18.79 11.97 -6.42
CA GLU A 65 -19.18 11.97 -5.03
C GLU A 65 -18.30 11.00 -4.23
N LEU A 66 -17.40 10.34 -4.96
CA LEU A 66 -16.49 9.38 -4.33
C LEU A 66 -15.08 9.97 -4.31
N ALA A 67 -14.20 9.31 -3.56
CA ALA A 67 -12.83 9.75 -3.44
C ALA A 67 -11.90 8.54 -3.60
N SER A 68 -11.02 8.65 -4.59
CA SER A 68 -10.07 7.58 -4.86
C SER A 68 -8.74 7.90 -4.20
N THR A 69 -7.79 6.98 -4.38
CA THR A 69 -6.47 7.15 -3.81
C THR A 69 -5.52 6.07 -4.34
N GLN A 70 -4.44 6.54 -4.95
CA GLN A 70 -3.44 5.64 -5.51
C GLN A 70 -2.27 5.47 -4.54
N SER A 71 -2.10 4.24 -4.09
CA SER A 71 -1.02 3.93 -3.16
C SER A 71 0.08 3.16 -3.88
N GLU A 72 1.31 3.40 -3.44
CA GLU A 72 2.46 2.74 -4.03
C GLU A 72 3.45 2.32 -2.95
N LEU A 73 4.19 1.26 -3.23
CA LEU A 73 5.17 0.75 -2.29
C LEU A 73 6.49 0.52 -3.02
N THR A 74 7.57 0.85 -2.32
CA THR A 74 8.90 0.68 -2.89
C THR A 74 9.87 0.18 -1.82
N LEU A 75 10.41 -1.01 -2.08
CA LEU A 75 11.34 -1.62 -1.15
C LEU A 75 12.33 -2.50 -1.93
N SER A 76 13.55 -2.56 -1.43
CA SER A 76 14.57 -3.36 -2.07
C SER A 76 14.20 -4.83 -2.02
N GLN A 77 14.44 -5.53 -3.12
CA GLN A 77 14.13 -6.93 -3.21
C GLN A 77 15.04 -7.75 -2.28
N LYS A 78 16.26 -7.26 -2.13
CA LYS A 78 17.23 -7.92 -1.27
C LYS A 78 16.61 -8.13 0.11
N HIS A 79 16.11 -7.04 0.68
CA HIS A 79 15.49 -7.10 1.99
C HIS A 79 14.29 -8.05 1.95
N TRP A 80 13.57 -8.01 0.84
CA TRP A 80 12.41 -8.86 0.67
C TRP A 80 12.87 -10.31 0.79
N LEU A 81 14.02 -10.59 0.21
CA LEU A 81 14.58 -11.94 0.24
C LEU A 81 15.01 -12.26 1.68
N SER A 82 15.42 -11.23 2.39
CA SER A 82 15.86 -11.40 3.76
C SER A 82 14.65 -11.55 4.68
N ASP A 83 13.49 -11.61 4.06
CA ASP A 83 12.24 -11.76 4.81
C ASP A 83 11.77 -10.37 5.28
N ARG A 84 10.45 -10.23 5.36
CA ARG A 84 9.86 -8.97 5.79
C ARG A 84 8.34 -9.08 5.78
N THR A 85 7.71 -8.05 6.34
CA THR A 85 6.26 -8.01 6.40
C THR A 85 5.75 -6.61 6.07
N TYR A 86 5.25 -6.46 4.86
CA TYR A 86 4.72 -5.19 4.41
C TYR A 86 3.20 -5.22 4.32
N THR A 87 2.59 -4.13 4.77
CA THR A 87 1.14 -4.03 4.75
C THR A 87 0.71 -2.57 4.58
N CYS A 88 -0.09 -2.33 3.55
CA CYS A 88 -0.57 -0.99 3.27
C CYS A 88 -1.82 -0.73 4.12
N GLN A 89 -1.60 -0.07 5.25
CA GLN A 89 -2.69 0.23 6.16
C GLN A 89 -3.33 1.57 5.79
N VAL A 90 -4.46 1.48 5.11
CA VAL A 90 -5.18 2.68 4.70
C VAL A 90 -6.23 3.04 5.75
N THR A 91 -6.17 4.28 6.20
CA THR A 91 -7.11 4.75 7.20
C THR A 91 -8.24 5.55 6.54
N TYR A 92 -9.24 5.88 7.35
CA TYR A 92 -10.38 6.63 6.85
C TYR A 92 -10.93 7.56 7.94
N GLN A 93 -11.63 8.60 7.49
CA GLN A 93 -12.21 9.56 8.41
C GLN A 93 -12.93 8.84 9.55
N GLY A 94 -13.36 7.61 9.26
CA GLY A 94 -14.05 6.82 10.24
C GLY A 94 -13.96 5.32 9.90
N HIS A 95 -12.82 4.94 9.37
CA HIS A 95 -12.59 3.56 9.00
C HIS A 95 -11.08 3.30 8.86
N THR A 96 -10.74 2.03 8.70
CA THR A 96 -9.35 1.64 8.56
C THR A 96 -9.24 0.25 7.94
N PHE A 97 -8.06 -0.05 7.42
CA PHE A 97 -7.82 -1.34 6.79
C PHE A 97 -6.35 -1.52 6.45
N GLU A 98 -5.98 -2.75 6.15
CA GLU A 98 -4.60 -3.07 5.80
C GLU A 98 -4.56 -4.24 4.81
N ASP A 99 -3.76 -4.06 3.78
CA ASP A 99 -3.61 -5.09 2.76
C ASP A 99 -2.22 -4.99 2.13
N SER A 100 -1.50 -6.09 2.20
CA SER A 100 -0.15 -6.14 1.64
C SER A 100 0.35 -7.58 1.60
N THR A 101 1.66 -7.73 1.77
CA THR A 101 2.28 -9.04 1.76
C THR A 101 3.26 -9.18 2.92
N LYS A 102 3.83 -10.37 3.04
CA LYS A 102 4.79 -10.64 4.09
C LYS A 102 5.50 -11.97 3.80
N LYS A 103 6.76 -11.86 3.43
CA LYS A 103 7.57 -13.04 3.13
C LYS A 103 8.19 -13.57 4.42
N SER A 104 8.53 -14.85 4.39
CA SER A 104 9.13 -15.49 5.53
C SER A 104 8.32 -15.19 6.80
N ALA A 105 7.08 -14.80 6.57
CA ALA A 105 6.19 -14.47 7.67
C ALA A 105 6.00 -15.71 8.56
N SER A 1 -28.38 3.31 9.36
CA SER A 1 -27.06 2.93 8.90
C SER A 1 -26.75 3.61 7.57
N ARG A 2 -25.58 4.22 7.51
CA ARG A 2 -25.15 4.92 6.31
C ARG A 2 -23.79 5.58 6.52
N ASP A 3 -22.88 4.79 7.08
CA ASP A 3 -21.53 5.27 7.34
C ASP A 3 -20.83 5.57 6.02
N PHE A 4 -21.03 6.79 5.54
CA PHE A 4 -20.41 7.21 4.29
C PHE A 4 -20.59 6.14 3.21
N THR A 5 -19.92 6.35 2.10
CA THR A 5 -19.98 5.41 0.98
C THR A 5 -19.24 4.13 1.33
N PRO A 6 -19.42 3.11 0.44
CA PRO A 6 -18.77 1.82 0.64
C PRO A 6 -17.29 1.89 0.31
N PRO A 7 -16.45 1.71 1.36
CA PRO A 7 -15.00 1.74 1.18
C PRO A 7 -14.49 0.48 0.50
N THR A 8 -13.34 0.61 -0.14
CA THR A 8 -12.74 -0.51 -0.84
C THR A 8 -11.22 -0.33 -0.93
N VAL A 9 -10.51 -1.36 -0.51
CA VAL A 9 -9.06 -1.33 -0.53
C VAL A 9 -8.54 -2.55 -1.29
N LYS A 10 -7.43 -2.34 -2.00
CA LYS A 10 -6.83 -3.41 -2.78
C LYS A 10 -5.32 -3.40 -2.57
N ILE A 11 -4.70 -4.55 -2.77
CA ILE A 11 -3.27 -4.68 -2.61
C ILE A 11 -2.69 -5.38 -3.85
N LEU A 12 -1.95 -4.60 -4.63
CA LEU A 12 -1.33 -5.13 -5.84
C LEU A 12 0.18 -5.02 -5.71
N GLN A 13 0.86 -6.08 -6.14
CA GLN A 13 2.31 -6.12 -6.07
C GLN A 13 2.90 -6.00 -7.48
N SER A 14 4.09 -5.42 -7.54
CA SER A 14 4.77 -5.24 -8.81
C SER A 14 6.23 -5.70 -8.69
N SER A 15 6.39 -7.01 -8.63
CA SER A 15 7.72 -7.59 -8.52
C SER A 15 7.97 -8.56 -9.68
N SER A 16 7.42 -8.20 -10.84
CA SER A 16 7.57 -9.03 -12.02
C SER A 16 9.02 -8.98 -12.51
N ASP A 17 9.46 -7.78 -12.84
CA ASP A 17 10.81 -7.58 -13.32
C ASP A 17 11.76 -8.49 -12.55
N GLY A 18 12.90 -8.79 -13.17
CA GLY A 18 13.89 -9.64 -12.55
C GLY A 18 15.05 -8.81 -11.98
N GLY A 19 15.78 -8.19 -12.89
CA GLY A 19 16.91 -7.36 -12.50
C GLY A 19 17.95 -7.27 -13.63
N GLY A 20 18.79 -6.26 -13.53
CA GLY A 20 19.82 -6.04 -14.53
C GLY A 20 20.75 -4.90 -14.12
N HIS A 21 21.94 -5.28 -13.67
CA HIS A 21 22.93 -4.31 -13.25
C HIS A 21 22.53 -3.72 -11.89
N PHE A 22 21.40 -3.02 -11.90
CA PHE A 22 20.91 -2.42 -10.67
C PHE A 22 20.19 -3.45 -9.80
N PRO A 23 20.01 -3.08 -8.51
CA PRO A 23 19.34 -3.96 -7.55
C PRO A 23 17.83 -3.98 -7.80
N PRO A 24 17.25 -5.20 -7.66
CA PRO A 24 15.82 -5.37 -7.87
C PRO A 24 15.04 -4.83 -6.67
N THR A 25 13.78 -4.53 -6.93
CA THR A 25 12.90 -4.01 -5.89
C THR A 25 11.49 -4.55 -6.06
N ILE A 26 10.59 -4.04 -5.23
CA ILE A 26 9.20 -4.47 -5.28
C ILE A 26 8.28 -3.24 -5.18
N GLN A 27 7.26 -3.24 -6.01
CA GLN A 27 6.31 -2.14 -6.05
C GLN A 27 4.93 -2.61 -5.57
N LEU A 28 4.67 -2.39 -4.29
CA LEU A 28 3.41 -2.79 -3.70
C LEU A 28 2.50 -1.56 -3.58
N LEU A 29 1.54 -1.48 -4.50
CA LEU A 29 0.61 -0.36 -4.50
C LEU A 29 -0.78 -0.87 -4.10
N CYS A 30 -1.36 -0.18 -3.12
CA CYS A 30 -2.68 -0.54 -2.64
C CYS A 30 -3.72 0.29 -3.40
N LEU A 31 -4.78 -0.39 -3.82
CA LEU A 31 -5.85 0.25 -4.55
C LEU A 31 -7.04 0.48 -3.62
N VAL A 32 -7.15 1.72 -3.14
CA VAL A 32 -8.23 2.09 -2.25
C VAL A 32 -8.89 3.37 -2.75
N SER A 33 -10.19 3.28 -3.00
CA SER A 33 -10.94 4.43 -3.48
C SER A 33 -12.41 4.26 -3.11
N GLY A 34 -13.21 5.22 -3.57
CA GLY A 34 -14.64 5.20 -3.30
C GLY A 34 -14.94 5.71 -1.89
N TYR A 35 -14.17 5.18 -0.94
CA TYR A 35 -14.35 5.56 0.46
C TYR A 35 -14.09 7.06 0.64
N THR A 36 -14.88 7.65 1.53
CA THR A 36 -14.76 9.08 1.81
C THR A 36 -14.72 9.87 0.50
N PRO A 37 -15.44 11.03 0.52
CA PRO A 37 -15.50 11.89 -0.66
C PRO A 37 -14.20 12.67 -0.82
N GLY A 38 -13.35 12.56 0.18
CA GLY A 38 -12.06 13.25 0.16
C GLY A 38 -10.91 12.27 0.36
N THR A 39 -11.27 10.99 0.42
CA THR A 39 -10.28 9.94 0.61
C THR A 39 -10.12 9.62 2.11
N ILE A 40 -9.03 8.93 2.42
CA ILE A 40 -8.75 8.56 3.79
C ILE A 40 -7.29 8.85 4.12
N ASN A 41 -6.69 7.95 4.87
CA ASN A 41 -5.29 8.10 5.26
C ASN A 41 -4.47 7.00 4.61
N ILE A 42 -3.17 7.25 4.52
CA ILE A 42 -2.25 6.30 3.93
C ILE A 42 -1.25 5.82 4.99
N THR A 43 -1.15 4.50 5.13
CA THR A 43 -0.24 3.92 6.09
C THR A 43 0.17 2.51 5.65
N TRP A 44 1.30 2.07 6.19
CA TRP A 44 1.81 0.75 5.86
C TRP A 44 2.51 0.19 7.10
N LEU A 45 2.17 -1.04 7.45
CA LEU A 45 2.75 -1.68 8.61
C LEU A 45 3.94 -2.55 8.15
N GLU A 46 5.13 -2.10 8.53
CA GLU A 46 6.35 -2.81 8.17
C GLU A 46 6.80 -3.69 9.34
N ASP A 47 7.44 -4.80 9.00
CA ASP A 47 7.94 -5.72 10.00
C ASP A 47 9.07 -6.56 9.41
N GLY A 48 10.28 -6.05 9.55
CA GLY A 48 11.45 -6.74 9.04
C GLY A 48 12.64 -5.79 8.94
N GLN A 49 12.90 -5.09 10.04
CA GLN A 49 14.00 -4.16 10.10
C GLN A 49 13.85 -3.09 9.01
N VAL A 50 13.16 -2.01 9.37
CA VAL A 50 12.93 -0.92 8.43
C VAL A 50 14.13 0.04 8.49
N MET A 51 15.32 -0.55 8.49
CA MET A 51 16.54 0.23 8.54
C MET A 51 16.89 0.78 7.15
N ASP A 52 16.66 -0.06 6.15
CA ASP A 52 16.95 0.33 4.77
C ASP A 52 16.05 1.51 4.38
N VAL A 53 15.68 1.53 3.11
CA VAL A 53 14.82 2.59 2.60
C VAL A 53 13.67 1.96 1.82
N ASP A 54 12.59 1.68 2.54
CA ASP A 54 11.41 1.09 1.93
C ASP A 54 10.15 1.68 2.58
N LEU A 55 9.46 2.50 1.81
CA LEU A 55 8.25 3.13 2.29
C LEU A 55 7.17 3.07 1.21
N SER A 56 5.93 3.25 1.63
CA SER A 56 4.81 3.21 0.70
C SER A 56 3.93 4.45 0.90
N THR A 57 3.57 5.05 -0.22
CA THR A 57 2.72 6.24 -0.19
C THR A 57 1.57 6.11 -1.19
N ALA A 58 0.51 6.84 -0.91
CA ALA A 58 -0.66 6.82 -1.78
C ALA A 58 -1.07 8.25 -2.12
N SER A 59 -1.68 8.40 -3.29
CA SER A 59 -2.12 9.71 -3.74
C SER A 59 -3.65 9.81 -3.63
N THR A 60 -4.13 11.04 -3.66
CA THR A 60 -5.56 11.29 -3.56
C THR A 60 -6.12 11.72 -4.93
N THR A 61 -7.32 11.24 -5.22
CA THR A 61 -7.97 11.55 -6.48
C THR A 61 -9.49 11.68 -6.27
N GLN A 62 -10.11 12.41 -7.17
CA GLN A 62 -11.54 12.62 -7.11
C GLN A 62 -12.27 11.67 -8.07
N GLU A 63 -13.25 10.98 -7.54
CA GLU A 63 -14.02 10.03 -8.35
C GLU A 63 -15.51 10.33 -8.22
N GLY A 64 -15.90 11.51 -8.69
CA GLY A 64 -17.29 11.92 -8.64
C GLY A 64 -17.70 12.30 -7.22
N GLU A 65 -18.49 11.42 -6.61
CA GLU A 65 -18.95 11.64 -5.26
C GLU A 65 -18.14 10.81 -4.26
N LEU A 66 -17.18 10.07 -4.81
CA LEU A 66 -16.33 9.23 -4.00
C LEU A 66 -14.90 9.77 -4.04
N ALA A 67 -14.02 9.10 -3.31
CA ALA A 67 -12.62 9.49 -3.26
C ALA A 67 -11.75 8.28 -3.56
N SER A 68 -10.95 8.41 -4.61
CA SER A 68 -10.06 7.33 -5.01
C SER A 68 -8.62 7.70 -4.66
N THR A 69 -8.01 6.84 -3.84
CA THR A 69 -6.63 7.07 -3.42
C THR A 69 -5.77 5.86 -3.80
N GLN A 70 -4.73 6.14 -4.58
CA GLN A 70 -3.82 5.10 -5.01
C GLN A 70 -2.60 5.05 -4.10
N SER A 71 -2.35 3.85 -3.57
CA SER A 71 -1.22 3.65 -2.68
C SER A 71 -0.14 2.84 -3.38
N GLU A 72 1.11 3.18 -3.07
CA GLU A 72 2.24 2.49 -3.67
C GLU A 72 3.26 2.11 -2.60
N LEU A 73 4.12 1.16 -2.94
CA LEU A 73 5.14 0.71 -2.01
C LEU A 73 6.45 0.49 -2.77
N THR A 74 7.55 0.77 -2.10
CA THR A 74 8.86 0.61 -2.69
C THR A 74 9.84 0.02 -1.68
N LEU A 75 10.36 -1.16 -2.02
CA LEU A 75 11.30 -1.84 -1.15
C LEU A 75 12.39 -2.49 -2.01
N SER A 76 13.50 -2.83 -1.35
CA SER A 76 14.61 -3.45 -2.03
C SER A 76 14.45 -4.98 -2.02
N GLN A 77 14.75 -5.59 -3.15
CA GLN A 77 14.63 -7.03 -3.28
C GLN A 77 15.48 -7.73 -2.21
N LYS A 78 16.61 -7.13 -1.92
CA LYS A 78 17.52 -7.67 -0.92
C LYS A 78 16.76 -7.88 0.39
N HIS A 79 16.02 -6.84 0.77
CA HIS A 79 15.24 -6.90 2.00
C HIS A 79 14.22 -8.03 1.91
N TRP A 80 13.64 -8.18 0.73
CA TRP A 80 12.65 -9.22 0.50
C TRP A 80 13.34 -10.57 0.70
N LEU A 81 14.60 -10.62 0.32
CA LEU A 81 15.38 -11.84 0.45
C LEU A 81 15.59 -12.15 1.93
N SER A 82 15.84 -11.10 2.70
CA SER A 82 16.05 -11.25 4.12
C SER A 82 14.72 -11.46 4.83
N ASP A 83 13.67 -11.61 4.05
CA ASP A 83 12.34 -11.82 4.58
C ASP A 83 11.90 -10.56 5.34
N ARG A 84 10.59 -10.37 5.39
CA ARG A 84 10.03 -9.22 6.07
C ARG A 84 8.51 -9.24 5.99
N THR A 85 7.90 -8.15 6.45
CA THR A 85 6.45 -8.04 6.42
C THR A 85 6.03 -6.66 5.93
N TYR A 86 5.39 -6.64 4.77
CA TYR A 86 4.93 -5.40 4.17
C TYR A 86 3.43 -5.40 3.98
N THR A 87 2.78 -4.41 4.55
CA THR A 87 1.33 -4.29 4.46
C THR A 87 0.93 -2.82 4.33
N CYS A 88 -0.02 -2.58 3.43
CA CYS A 88 -0.50 -1.23 3.20
C CYS A 88 -1.78 -1.03 4.01
N GLN A 89 -1.62 -0.35 5.13
CA GLN A 89 -2.74 -0.07 6.02
C GLN A 89 -3.36 1.29 5.69
N VAL A 90 -4.52 1.24 5.05
CA VAL A 90 -5.22 2.45 4.68
C VAL A 90 -6.30 2.76 5.72
N THR A 91 -6.19 3.94 6.31
CA THR A 91 -7.15 4.36 7.33
C THR A 91 -8.20 5.27 6.71
N TYR A 92 -9.27 5.48 7.47
CA TYR A 92 -10.35 6.33 7.01
C TYR A 92 -10.83 7.27 8.12
N GLN A 93 -11.38 8.40 7.71
CA GLN A 93 -11.86 9.39 8.65
C GLN A 93 -12.80 8.73 9.67
N GLY A 94 -13.33 7.58 9.28
CA GLY A 94 -14.24 6.85 10.14
C GLY A 94 -14.19 5.35 9.85
N HIS A 95 -13.00 4.89 9.48
CA HIS A 95 -12.80 3.48 9.17
C HIS A 95 -11.30 3.18 9.10
N THR A 96 -11.00 1.91 8.92
CA THR A 96 -9.62 1.47 8.83
C THR A 96 -9.52 0.09 8.18
N PHE A 97 -8.40 -0.14 7.53
CA PHE A 97 -8.18 -1.42 6.86
C PHE A 97 -6.70 -1.60 6.53
N GLU A 98 -6.35 -2.85 6.26
CA GLU A 98 -4.97 -3.19 5.92
C GLU A 98 -4.92 -4.46 5.07
N ASP A 99 -4.09 -4.42 4.04
CA ASP A 99 -3.94 -5.56 3.14
C ASP A 99 -2.57 -5.49 2.47
N SER A 100 -1.88 -6.62 2.51
CA SER A 100 -0.55 -6.71 1.91
C SER A 100 -0.06 -8.15 1.93
N THR A 101 1.25 -8.30 2.02
CA THR A 101 1.86 -9.63 2.04
C THR A 101 2.91 -9.70 3.15
N LYS A 102 3.41 -10.91 3.35
CA LYS A 102 4.42 -11.13 4.37
C LYS A 102 4.99 -12.56 4.23
N LYS A 103 6.29 -12.65 4.39
CA LYS A 103 6.97 -13.94 4.28
C LYS A 103 8.22 -13.94 5.17
N SER A 104 8.66 -15.14 5.51
CA SER A 104 9.83 -15.29 6.35
C SER A 104 10.58 -16.58 5.98
N ALA A 105 10.23 -17.12 4.82
CA ALA A 105 10.85 -18.34 4.35
C ALA A 105 12.33 -18.08 4.06
N SER A 1 -28.40 10.19 3.94
CA SER A 1 -28.59 10.60 5.33
C SER A 1 -27.73 9.74 6.25
N ARG A 2 -27.07 8.76 5.66
CA ARG A 2 -26.21 7.86 6.42
C ARG A 2 -25.70 6.73 5.52
N ASP A 3 -24.91 7.13 4.52
CA ASP A 3 -24.34 6.17 3.60
C ASP A 3 -23.06 6.75 2.99
N PHE A 4 -22.44 5.95 2.13
CA PHE A 4 -21.22 6.38 1.47
C PHE A 4 -20.00 6.03 2.33
N THR A 5 -18.84 6.49 1.88
CA THR A 5 -17.61 6.25 2.60
C THR A 5 -17.27 4.75 2.57
N PRO A 6 -17.38 4.15 1.36
CA PRO A 6 -17.08 2.75 1.18
C PRO A 6 -15.58 2.48 1.21
N PRO A 7 -15.14 1.79 2.30
CA PRO A 7 -13.73 1.48 2.45
C PRO A 7 -13.32 0.34 1.51
N THR A 8 -12.60 0.72 0.45
CA THR A 8 -12.14 -0.25 -0.52
C THR A 8 -10.64 -0.10 -0.75
N VAL A 9 -9.91 -1.16 -0.42
CA VAL A 9 -8.47 -1.15 -0.59
C VAL A 9 -8.04 -2.44 -1.32
N LYS A 10 -6.99 -2.29 -2.12
CA LYS A 10 -6.48 -3.42 -2.88
C LYS A 10 -4.95 -3.45 -2.75
N ILE A 11 -4.40 -4.65 -2.90
CA ILE A 11 -2.96 -4.83 -2.82
C ILE A 11 -2.43 -5.31 -4.17
N LEU A 12 -1.55 -4.51 -4.75
CA LEU A 12 -0.96 -4.83 -6.04
C LEU A 12 0.56 -4.92 -5.89
N GLN A 13 1.13 -5.94 -6.51
CA GLN A 13 2.56 -6.14 -6.45
C GLN A 13 3.20 -5.83 -7.81
N SER A 14 4.39 -5.26 -7.77
CA SER A 14 5.09 -4.90 -8.98
C SER A 14 6.57 -5.28 -8.84
N SER A 15 6.84 -6.56 -9.04
CA SER A 15 8.19 -7.08 -8.94
C SER A 15 8.57 -7.84 -10.22
N SER A 16 9.74 -7.52 -10.74
CA SER A 16 10.22 -8.16 -11.94
C SER A 16 11.75 -8.12 -12.00
N ASP A 17 12.32 -9.24 -12.43
CA ASP A 17 13.77 -9.34 -12.52
C ASP A 17 14.34 -8.02 -13.06
N GLY A 18 15.62 -7.83 -12.79
CA GLY A 18 16.30 -6.62 -13.23
C GLY A 18 17.15 -6.89 -14.48
N GLY A 19 18.29 -7.52 -14.25
CA GLY A 19 19.19 -7.85 -15.34
C GLY A 19 20.55 -8.30 -14.81
N GLY A 20 21.54 -7.43 -14.97
CA GLY A 20 22.88 -7.74 -14.52
C GLY A 20 23.19 -7.00 -13.21
N HIS A 21 23.53 -5.73 -13.35
CA HIS A 21 23.85 -4.91 -12.18
C HIS A 21 22.56 -4.37 -11.57
N PHE A 22 22.73 -3.66 -10.47
CA PHE A 22 21.59 -3.08 -9.77
C PHE A 22 20.74 -4.17 -9.12
N PRO A 23 20.48 -3.99 -7.80
CA PRO A 23 19.67 -4.94 -7.05
C PRO A 23 18.20 -4.81 -7.39
N PRO A 24 17.45 -5.93 -7.22
CA PRO A 24 16.02 -5.94 -7.50
C PRO A 24 15.24 -5.21 -6.41
N THR A 25 14.01 -4.85 -6.74
CA THR A 25 13.15 -4.15 -5.81
C THR A 25 11.72 -4.70 -5.89
N ILE A 26 10.85 -4.08 -5.10
CA ILE A 26 9.45 -4.48 -5.07
C ILE A 26 8.57 -3.24 -4.98
N GLN A 27 7.50 -3.25 -5.76
CA GLN A 27 6.56 -2.14 -5.77
C GLN A 27 5.14 -2.63 -5.47
N LEU A 28 4.75 -2.44 -4.22
CA LEU A 28 3.43 -2.85 -3.78
C LEU A 28 2.48 -1.64 -3.81
N LEU A 29 1.74 -1.54 -4.91
CA LEU A 29 0.80 -0.44 -5.07
C LEU A 29 -0.55 -0.85 -4.48
N CYS A 30 -0.99 -0.08 -3.50
CA CYS A 30 -2.27 -0.34 -2.86
C CYS A 30 -3.36 0.45 -3.60
N LEU A 31 -4.43 -0.26 -3.91
CA LEU A 31 -5.55 0.36 -4.61
C LEU A 31 -6.69 0.62 -3.62
N VAL A 32 -6.81 1.88 -3.22
CA VAL A 32 -7.85 2.26 -2.28
C VAL A 32 -8.59 3.49 -2.84
N SER A 33 -9.90 3.32 -3.00
CA SER A 33 -10.72 4.39 -3.51
C SER A 33 -12.19 4.16 -3.10
N GLY A 34 -13.05 5.06 -3.58
CA GLY A 34 -14.47 4.96 -3.26
C GLY A 34 -14.76 5.50 -1.86
N TYR A 35 -13.91 5.11 -0.92
CA TYR A 35 -14.06 5.54 0.45
C TYR A 35 -13.87 7.05 0.58
N THR A 36 -14.49 7.62 1.60
CA THR A 36 -14.40 9.05 1.85
C THR A 36 -14.68 9.82 0.55
N PRO A 37 -15.38 10.98 0.72
CA PRO A 37 -15.72 11.81 -0.42
C PRO A 37 -14.49 12.59 -0.91
N GLY A 38 -13.45 12.55 -0.10
CA GLY A 38 -12.22 13.24 -0.43
C GLY A 38 -11.02 12.29 -0.41
N THR A 39 -10.87 11.61 0.71
CA THR A 39 -9.78 10.66 0.88
C THR A 39 -9.59 10.32 2.35
N ILE A 40 -8.69 9.37 2.59
CA ILE A 40 -8.41 8.94 3.96
C ILE A 40 -6.93 9.18 4.26
N ASN A 41 -6.33 8.21 4.94
CA ASN A 41 -4.93 8.30 5.31
C ASN A 41 -4.17 7.12 4.68
N ILE A 42 -2.86 7.30 4.58
CA ILE A 42 -2.00 6.27 4.01
C ILE A 42 -1.02 5.79 5.07
N THR A 43 -0.95 4.47 5.23
CA THR A 43 -0.06 3.88 6.20
C THR A 43 0.29 2.45 5.79
N TRP A 44 1.45 2.00 6.25
CA TRP A 44 1.91 0.65 5.94
C TRP A 44 2.66 0.12 7.17
N LEU A 45 2.28 -1.08 7.58
CA LEU A 45 2.89 -1.72 8.73
C LEU A 45 3.97 -2.68 8.25
N GLU A 46 5.21 -2.34 8.58
CA GLU A 46 6.34 -3.17 8.18
C GLU A 46 6.82 -4.00 9.37
N ASP A 47 7.22 -5.23 9.07
CA ASP A 47 7.70 -6.13 10.11
C ASP A 47 8.82 -7.00 9.53
N GLY A 48 10.06 -6.60 9.84
CA GLY A 48 11.21 -7.33 9.36
C GLY A 48 12.37 -6.38 9.07
N GLN A 49 12.95 -5.86 10.15
CA GLN A 49 14.07 -4.94 10.01
C GLN A 49 13.57 -3.49 10.00
N VAL A 50 13.86 -2.78 11.08
CA VAL A 50 13.45 -1.39 11.19
C VAL A 50 14.28 -0.53 10.25
N MET A 51 14.49 -1.05 9.05
CA MET A 51 15.26 -0.35 8.04
C MET A 51 14.36 0.50 7.15
N ASP A 52 14.52 1.80 7.28
CA ASP A 52 13.72 2.74 6.49
C ASP A 52 14.07 2.58 5.02
N VAL A 53 13.74 1.42 4.49
CA VAL A 53 14.02 1.13 3.08
C VAL A 53 12.79 0.46 2.46
N ASP A 54 11.69 0.47 3.21
CA ASP A 54 10.46 -0.13 2.74
C ASP A 54 9.28 0.74 3.19
N LEU A 55 8.95 1.71 2.36
CA LEU A 55 7.85 2.61 2.66
C LEU A 55 6.98 2.77 1.41
N SER A 56 5.69 2.97 1.66
CA SER A 56 4.73 3.13 0.57
C SER A 56 3.86 4.36 0.83
N THR A 57 3.41 4.96 -0.27
CA THR A 57 2.57 6.15 -0.17
C THR A 57 1.45 6.08 -1.21
N ALA A 58 0.34 6.74 -0.89
CA ALA A 58 -0.81 6.76 -1.78
C ALA A 58 -1.32 8.19 -1.91
N SER A 59 -1.94 8.47 -3.05
CA SER A 59 -2.47 9.79 -3.31
C SER A 59 -4.00 9.75 -3.27
N THR A 60 -4.59 10.94 -3.38
CA THR A 60 -6.04 11.06 -3.37
C THR A 60 -6.56 11.33 -4.78
N THR A 61 -7.76 10.81 -5.04
CA THR A 61 -8.38 11.00 -6.34
C THR A 61 -9.88 11.27 -6.18
N GLN A 62 -10.48 11.78 -7.25
CA GLN A 62 -11.89 12.09 -7.23
C GLN A 62 -12.66 11.10 -8.11
N GLU A 63 -13.68 10.48 -7.52
CA GLU A 63 -14.49 9.52 -8.23
C GLU A 63 -15.97 9.89 -8.11
N GLY A 64 -16.30 11.06 -8.62
CA GLY A 64 -17.67 11.53 -8.58
C GLY A 64 -18.08 11.91 -7.16
N GLU A 65 -18.88 11.04 -6.55
CA GLU A 65 -19.34 11.26 -5.20
C GLU A 65 -18.46 10.51 -4.20
N LEU A 66 -17.49 9.79 -4.74
CA LEU A 66 -16.58 9.02 -3.92
C LEU A 66 -15.18 9.62 -4.01
N ALA A 67 -14.24 8.99 -3.31
CA ALA A 67 -12.87 9.46 -3.31
C ALA A 67 -11.94 8.26 -3.48
N SER A 68 -11.12 8.32 -4.52
CA SER A 68 -10.17 7.26 -4.80
C SER A 68 -8.82 7.57 -4.16
N THR A 69 -7.89 6.65 -4.33
CA THR A 69 -6.56 6.82 -3.78
C THR A 69 -5.61 5.75 -4.34
N GLN A 70 -4.45 6.20 -4.78
CA GLN A 70 -3.45 5.29 -5.33
C GLN A 70 -2.23 5.23 -4.42
N SER A 71 -1.94 4.03 -3.96
CA SER A 71 -0.80 3.81 -3.07
C SER A 71 0.29 3.03 -3.81
N GLU A 72 1.53 3.34 -3.47
CA GLU A 72 2.67 2.69 -4.08
C GLU A 72 3.71 2.32 -3.02
N LEU A 73 4.18 1.09 -3.10
CA LEU A 73 5.18 0.60 -2.16
C LEU A 73 6.52 0.44 -2.88
N THR A 74 7.59 0.73 -2.15
CA THR A 74 8.92 0.62 -2.70
C THR A 74 9.90 0.12 -1.63
N LEU A 75 10.57 -0.98 -1.95
CA LEU A 75 11.53 -1.57 -1.04
C LEU A 75 12.53 -2.40 -1.83
N SER A 76 13.65 -2.71 -1.18
CA SER A 76 14.69 -3.49 -1.80
C SER A 76 14.31 -4.97 -1.82
N GLN A 77 14.51 -5.60 -2.96
CA GLN A 77 14.18 -7.00 -3.12
C GLN A 77 15.02 -7.85 -2.15
N LYS A 78 16.23 -7.38 -1.92
CA LYS A 78 17.14 -8.09 -1.03
C LYS A 78 16.45 -8.33 0.32
N HIS A 79 15.94 -7.24 0.88
CA HIS A 79 15.25 -7.32 2.16
C HIS A 79 14.14 -8.37 2.08
N TRP A 80 13.45 -8.37 0.95
CA TRP A 80 12.36 -9.31 0.74
C TRP A 80 12.94 -10.72 0.84
N LEU A 81 14.15 -10.87 0.31
CA LEU A 81 14.82 -12.16 0.33
C LEU A 81 14.94 -12.65 1.78
N SER A 82 15.26 -11.71 2.65
CA SER A 82 15.41 -12.02 4.06
C SER A 82 14.04 -12.16 4.72
N ASP A 83 13.02 -12.12 3.89
CA ASP A 83 11.65 -12.25 4.37
C ASP A 83 11.29 -11.00 5.18
N ARG A 84 10.01 -10.65 5.13
CA ARG A 84 9.52 -9.50 5.87
C ARG A 84 7.99 -9.48 5.87
N THR A 85 7.44 -8.41 6.44
CA THR A 85 6.00 -8.26 6.52
C THR A 85 5.59 -6.86 6.05
N TYR A 86 5.14 -6.81 4.79
CA TYR A 86 4.71 -5.55 4.22
C TYR A 86 3.19 -5.52 4.03
N THR A 87 2.57 -4.53 4.66
CA THR A 87 1.13 -4.38 4.57
C THR A 87 0.75 -2.91 4.44
N CYS A 88 -0.12 -2.64 3.48
CA CYS A 88 -0.57 -1.29 3.23
C CYS A 88 -1.81 -1.02 4.10
N GLN A 89 -1.57 -0.41 5.25
CA GLN A 89 -2.64 -0.10 6.17
C GLN A 89 -3.23 1.27 5.85
N VAL A 90 -4.39 1.25 5.20
CA VAL A 90 -5.06 2.48 4.83
C VAL A 90 -6.08 2.84 5.91
N THR A 91 -6.05 4.10 6.32
CA THR A 91 -6.96 4.58 7.33
C THR A 91 -8.11 5.37 6.70
N TYR A 92 -9.16 5.56 7.48
CA TYR A 92 -10.32 6.28 7.01
C TYR A 92 -10.95 7.11 8.14
N GLN A 93 -11.50 8.25 7.76
CA GLN A 93 -12.14 9.13 8.72
C GLN A 93 -13.36 8.45 9.34
N GLY A 94 -13.68 7.29 8.80
CA GLY A 94 -14.82 6.53 9.30
C GLY A 94 -14.37 5.21 9.93
N HIS A 95 -13.17 4.80 9.56
CA HIS A 95 -12.62 3.55 10.09
C HIS A 95 -11.18 3.38 9.59
N THR A 96 -10.73 2.13 9.61
CA THR A 96 -9.39 1.82 9.16
C THR A 96 -9.33 0.41 8.58
N PHE A 97 -8.25 0.13 7.86
CA PHE A 97 -8.07 -1.18 7.26
C PHE A 97 -6.64 -1.35 6.74
N GLU A 98 -6.28 -2.59 6.46
CA GLU A 98 -4.96 -2.90 5.96
C GLU A 98 -4.97 -4.21 5.17
N ASP A 99 -4.13 -4.27 4.15
CA ASP A 99 -4.05 -5.45 3.32
C ASP A 99 -2.71 -5.46 2.57
N SER A 100 -2.02 -6.58 2.66
CA SER A 100 -0.73 -6.72 2.00
C SER A 100 -0.26 -8.17 2.07
N THR A 101 1.06 -8.33 2.11
CA THR A 101 1.64 -9.66 2.17
C THR A 101 2.73 -9.71 3.25
N LYS A 102 3.36 -10.87 3.36
CA LYS A 102 4.42 -11.05 4.34
C LYS A 102 5.40 -12.11 3.83
N LYS A 103 6.26 -12.57 4.73
CA LYS A 103 7.24 -13.58 4.38
C LYS A 103 8.11 -13.06 3.24
N SER A 104 9.02 -13.92 2.79
CA SER A 104 9.91 -13.56 1.70
C SER A 104 9.26 -13.89 0.36
N ALA A 105 7.94 -13.79 0.33
CA ALA A 105 7.20 -14.09 -0.88
C ALA A 105 5.71 -13.85 -0.62
N SER A 1 -27.12 6.54 2.07
CA SER A 1 -27.89 6.01 3.17
C SER A 1 -27.57 6.79 4.45
N ARG A 2 -26.49 6.39 5.11
CA ARG A 2 -26.07 7.05 6.33
C ARG A 2 -24.79 6.40 6.87
N ASP A 3 -23.80 6.33 6.00
CA ASP A 3 -22.52 5.74 6.38
C ASP A 3 -21.51 5.94 5.24
N PHE A 4 -21.28 7.21 4.92
CA PHE A 4 -20.35 7.55 3.85
C PHE A 4 -20.55 6.65 2.64
N THR A 5 -19.63 6.76 1.69
CA THR A 5 -19.69 5.96 0.49
C THR A 5 -19.04 4.59 0.72
N PRO A 6 -19.19 3.71 -0.31
CA PRO A 6 -18.62 2.37 -0.24
C PRO A 6 -17.10 2.41 -0.43
N PRO A 7 -16.37 2.07 0.65
CA PRO A 7 -14.92 2.06 0.61
C PRO A 7 -14.41 0.84 -0.16
N THR A 8 -13.16 0.94 -0.62
CA THR A 8 -12.54 -0.14 -1.37
C THR A 8 -11.02 -0.05 -1.27
N VAL A 9 -10.41 -1.17 -0.95
CA VAL A 9 -8.96 -1.23 -0.83
C VAL A 9 -8.44 -2.45 -1.58
N LYS A 10 -7.31 -2.26 -2.25
CA LYS A 10 -6.70 -3.33 -3.01
C LYS A 10 -5.18 -3.31 -2.80
N ILE A 11 -4.57 -4.46 -3.02
CA ILE A 11 -3.14 -4.59 -2.85
C ILE A 11 -2.53 -5.23 -4.10
N LEU A 12 -1.77 -4.42 -4.83
CA LEU A 12 -1.14 -4.90 -6.05
C LEU A 12 0.38 -4.93 -5.85
N GLN A 13 0.97 -6.06 -6.23
CA GLN A 13 2.40 -6.24 -6.10
C GLN A 13 3.07 -6.12 -7.46
N SER A 14 4.26 -5.51 -7.45
CA SER A 14 5.01 -5.32 -8.68
C SER A 14 6.47 -5.74 -8.46
N SER A 15 6.66 -7.05 -8.35
CA SER A 15 7.99 -7.59 -8.13
C SER A 15 8.30 -8.64 -9.20
N SER A 16 9.57 -9.01 -9.27
CA SER A 16 10.01 -10.00 -10.24
C SER A 16 9.93 -9.42 -11.66
N ASP A 17 8.72 -9.03 -12.03
CA ASP A 17 8.50 -8.46 -13.36
C ASP A 17 9.01 -9.43 -14.42
N GLY A 18 8.67 -9.13 -15.66
CA GLY A 18 9.09 -9.96 -16.77
C GLY A 18 9.76 -9.12 -17.87
N GLY A 19 10.39 -9.82 -18.79
CA GLY A 19 11.08 -9.15 -19.89
C GLY A 19 12.58 -9.02 -19.60
N GLY A 20 13.19 -10.14 -19.26
CA GLY A 20 14.60 -10.16 -18.95
C GLY A 20 14.92 -9.27 -17.75
N HIS A 21 16.10 -9.49 -17.19
CA HIS A 21 16.53 -8.73 -16.03
C HIS A 21 15.62 -9.01 -14.85
N PHE A 22 15.86 -8.30 -13.76
CA PHE A 22 15.06 -8.46 -12.56
C PHE A 22 15.14 -7.21 -11.67
N PRO A 23 13.97 -6.88 -11.06
CA PRO A 23 13.89 -5.72 -10.18
C PRO A 23 14.57 -6.00 -8.84
N PRO A 24 15.61 -5.18 -8.54
CA PRO A 24 16.34 -5.33 -7.29
C PRO A 24 15.54 -4.79 -6.11
N THR A 25 14.31 -4.39 -6.41
CA THR A 25 13.43 -3.85 -5.39
C THR A 25 12.02 -4.44 -5.54
N ILE A 26 11.09 -3.83 -4.82
CA ILE A 26 9.71 -4.28 -4.86
C ILE A 26 8.79 -3.06 -5.01
N GLN A 27 7.79 -3.22 -5.86
CA GLN A 27 6.84 -2.15 -6.10
C GLN A 27 5.42 -2.61 -5.76
N LEU A 28 5.07 -2.46 -4.49
CA LEU A 28 3.75 -2.86 -4.02
C LEU A 28 2.88 -1.62 -3.88
N LEU A 29 1.92 -1.50 -4.78
CA LEU A 29 1.01 -0.36 -4.77
C LEU A 29 -0.42 -0.86 -4.45
N CYS A 30 -1.00 -0.25 -3.44
CA CYS A 30 -2.35 -0.61 -3.03
C CYS A 30 -3.34 0.30 -3.76
N LEU A 31 -4.54 -0.23 -3.96
CA LEU A 31 -5.58 0.51 -4.65
C LEU A 31 -6.74 0.76 -3.69
N VAL A 32 -6.80 1.98 -3.18
CA VAL A 32 -7.84 2.36 -2.25
C VAL A 32 -8.50 3.66 -2.72
N SER A 33 -9.77 3.57 -3.05
CA SER A 33 -10.52 4.72 -3.51
C SER A 33 -12.01 4.52 -3.25
N GLY A 34 -12.79 5.52 -3.64
CA GLY A 34 -14.23 5.47 -3.45
C GLY A 34 -14.62 5.85 -2.03
N TYR A 35 -13.88 5.29 -1.08
CA TYR A 35 -14.12 5.58 0.32
C TYR A 35 -13.92 7.07 0.62
N THR A 36 -14.63 7.54 1.64
CA THR A 36 -14.54 8.93 2.05
C THR A 36 -14.68 9.84 0.83
N PRO A 37 -15.41 10.97 1.04
CA PRO A 37 -15.63 11.93 -0.03
C PRO A 37 -14.37 12.76 -0.29
N GLY A 38 -13.44 12.68 0.66
CA GLY A 38 -12.19 13.41 0.54
C GLY A 38 -10.99 12.48 0.73
N THR A 39 -11.29 11.19 0.79
CA THR A 39 -10.25 10.19 0.96
C THR A 39 -10.06 9.85 2.44
N ILE A 40 -9.01 9.10 2.72
CA ILE A 40 -8.71 8.71 4.08
C ILE A 40 -7.24 9.00 4.38
N ASN A 41 -6.61 8.07 5.09
CA ASN A 41 -5.21 8.21 5.45
C ASN A 41 -4.42 7.08 4.80
N ILE A 42 -3.12 7.33 4.64
CA ILE A 42 -2.24 6.35 4.03
C ILE A 42 -1.14 5.97 5.03
N THR A 43 -1.02 4.69 5.28
CA THR A 43 -0.02 4.18 6.20
C THR A 43 0.45 2.78 5.79
N TRP A 44 1.59 2.40 6.33
CA TRP A 44 2.16 1.09 6.02
C TRP A 44 2.91 0.60 7.26
N LEU A 45 2.62 -0.65 7.62
CA LEU A 45 3.25 -1.25 8.78
C LEU A 45 4.41 -2.14 8.32
N GLU A 46 5.63 -1.66 8.57
CA GLU A 46 6.82 -2.41 8.19
C GLU A 46 7.37 -3.17 9.40
N ASP A 47 8.04 -4.28 9.09
CA ASP A 47 8.62 -5.11 10.14
C ASP A 47 9.84 -5.84 9.57
N GLY A 48 11.01 -5.32 9.93
CA GLY A 48 12.26 -5.92 9.46
C GLY A 48 13.32 -4.85 9.26
N GLN A 49 13.40 -3.94 10.22
CA GLN A 49 14.37 -2.85 10.15
C GLN A 49 14.05 -1.91 8.99
N VAL A 50 13.05 -1.07 9.20
CA VAL A 50 12.62 -0.13 8.19
C VAL A 50 13.47 1.14 8.30
N MET A 51 14.77 0.94 8.48
CA MET A 51 15.68 2.05 8.60
C MET A 51 16.16 2.53 7.22
N ASP A 52 16.13 1.61 6.27
CA ASP A 52 16.55 1.93 4.92
C ASP A 52 15.60 2.96 4.33
N VAL A 53 15.48 2.94 3.00
CA VAL A 53 14.61 3.86 2.29
C VAL A 53 13.42 3.09 1.72
N ASP A 54 13.09 1.99 2.37
CA ASP A 54 11.98 1.17 1.92
C ASP A 54 10.69 1.62 2.62
N LEU A 55 9.93 2.44 1.91
CA LEU A 55 8.67 2.95 2.45
C LEU A 55 7.61 2.92 1.35
N SER A 56 6.36 2.98 1.78
CA SER A 56 5.24 2.95 0.85
C SER A 56 4.31 4.15 1.13
N THR A 57 3.96 4.84 0.06
CA THR A 57 3.09 5.99 0.17
C THR A 57 1.96 5.91 -0.87
N ALA A 58 0.90 6.64 -0.60
CA ALA A 58 -0.24 6.66 -1.49
C ALA A 58 -0.67 8.11 -1.76
N SER A 59 -1.30 8.31 -2.90
CA SER A 59 -1.76 9.64 -3.27
C SER A 59 -3.28 9.73 -3.14
N THR A 60 -3.79 10.95 -3.25
CA THR A 60 -5.22 11.18 -3.13
C THR A 60 -5.81 11.52 -4.50
N THR A 61 -7.05 11.09 -4.70
CA THR A 61 -7.73 11.35 -5.96
C THR A 61 -9.18 11.77 -5.70
N GLN A 62 -9.75 12.45 -6.68
CA GLN A 62 -11.13 12.91 -6.57
C GLN A 62 -11.99 12.27 -7.66
N GLU A 63 -13.16 11.80 -7.25
CA GLU A 63 -14.07 11.17 -8.17
C GLU A 63 -15.51 11.59 -7.86
N GLY A 64 -15.76 12.89 -8.02
CA GLY A 64 -17.08 13.42 -7.75
C GLY A 64 -17.39 13.44 -6.26
N GLU A 65 -18.27 12.52 -5.85
CA GLU A 65 -18.64 12.42 -4.46
C GLU A 65 -17.80 11.34 -3.76
N LEU A 66 -16.95 10.71 -4.54
CA LEU A 66 -16.09 9.66 -4.01
C LEU A 66 -14.67 10.19 -3.87
N ALA A 67 -13.85 9.45 -3.15
CA ALA A 67 -12.47 9.83 -2.93
C ALA A 67 -11.56 8.62 -3.17
N SER A 68 -10.68 8.77 -4.15
CA SER A 68 -9.75 7.70 -4.49
C SER A 68 -8.41 7.94 -3.79
N THR A 69 -7.52 6.97 -3.95
CA THR A 69 -6.21 7.06 -3.35
C THR A 69 -5.31 5.92 -3.86
N GLN A 70 -4.22 6.30 -4.49
CA GLN A 70 -3.27 5.34 -5.02
C GLN A 70 -2.12 5.12 -4.05
N SER A 71 -1.97 3.88 -3.61
CA SER A 71 -0.92 3.52 -2.68
C SER A 71 0.20 2.79 -3.42
N GLU A 72 1.43 3.11 -3.04
CA GLU A 72 2.59 2.49 -3.65
C GLU A 72 3.60 2.07 -2.58
N LEU A 73 4.47 1.15 -2.95
CA LEU A 73 5.49 0.67 -2.03
C LEU A 73 6.80 0.47 -2.78
N THR A 74 7.89 0.85 -2.12
CA THR A 74 9.21 0.72 -2.72
C THR A 74 10.22 0.22 -1.68
N LEU A 75 10.73 -0.98 -1.92
CA LEU A 75 11.70 -1.57 -1.02
C LEU A 75 12.75 -2.32 -1.83
N SER A 76 13.89 -2.54 -1.20
CA SER A 76 14.98 -3.25 -1.85
C SER A 76 14.80 -4.75 -1.70
N GLN A 77 15.07 -5.47 -2.78
CA GLN A 77 14.94 -6.92 -2.77
C GLN A 77 15.80 -7.53 -1.67
N LYS A 78 16.88 -6.82 -1.35
CA LYS A 78 17.80 -7.28 -0.32
C LYS A 78 17.01 -7.57 0.96
N HIS A 79 16.34 -6.55 1.45
CA HIS A 79 15.55 -6.68 2.66
C HIS A 79 14.53 -7.81 2.50
N TRP A 80 13.94 -7.86 1.31
CA TRP A 80 12.95 -8.89 1.00
C TRP A 80 13.62 -10.26 1.22
N LEU A 81 14.87 -10.35 0.79
CA LEU A 81 15.62 -11.59 0.93
C LEU A 81 15.93 -11.82 2.42
N SER A 82 16.28 -10.73 3.09
CA SER A 82 16.61 -10.81 4.51
C SER A 82 15.32 -10.85 5.34
N ASP A 83 14.25 -11.29 4.70
CA ASP A 83 12.96 -11.39 5.36
C ASP A 83 12.50 -9.99 5.78
N ARG A 84 11.19 -9.81 5.77
CA ARG A 84 10.61 -8.54 6.14
C ARG A 84 9.08 -8.61 6.11
N THR A 85 8.46 -7.53 6.53
CA THR A 85 7.01 -7.45 6.56
C THR A 85 6.52 -6.12 6.00
N TYR A 86 5.77 -6.20 4.92
CA TYR A 86 5.24 -5.01 4.28
C TYR A 86 3.71 -5.04 4.25
N THR A 87 3.11 -4.01 4.83
CA THR A 87 1.66 -3.91 4.87
C THR A 87 1.23 -2.44 4.76
N CYS A 88 0.31 -2.20 3.83
CA CYS A 88 -0.19 -0.85 3.62
C CYS A 88 -1.49 -0.70 4.42
N GLN A 89 -1.35 -0.03 5.56
CA GLN A 89 -2.49 0.19 6.44
C GLN A 89 -3.22 1.48 6.04
N VAL A 90 -4.36 1.31 5.37
CA VAL A 90 -5.14 2.44 4.93
C VAL A 90 -6.20 2.77 6.00
N THR A 91 -6.20 4.03 6.42
CA THR A 91 -7.14 4.48 7.43
C THR A 91 -8.35 5.13 6.77
N TYR A 92 -9.40 5.31 7.57
CA TYR A 92 -10.62 5.93 7.07
C TYR A 92 -11.29 6.76 8.17
N GLN A 93 -11.82 7.90 7.75
CA GLN A 93 -12.49 8.80 8.68
C GLN A 93 -13.63 8.06 9.40
N GLY A 94 -13.94 6.87 8.88
CA GLY A 94 -15.00 6.06 9.47
C GLY A 94 -14.42 4.83 10.17
N HIS A 95 -13.27 4.39 9.69
CA HIS A 95 -12.61 3.23 10.27
C HIS A 95 -11.18 3.13 9.71
N THR A 96 -10.68 1.90 9.66
CA THR A 96 -9.34 1.66 9.16
C THR A 96 -9.23 0.23 8.62
N PHE A 97 -8.20 0.02 7.82
CA PHE A 97 -7.97 -1.29 7.23
C PHE A 97 -6.50 -1.47 6.86
N GLU A 98 -6.14 -2.71 6.54
CA GLU A 98 -4.77 -3.02 6.15
C GLU A 98 -4.76 -4.11 5.08
N ASP A 99 -3.83 -3.98 4.15
CA ASP A 99 -3.70 -4.94 3.08
C ASP A 99 -2.27 -4.90 2.53
N SER A 100 -1.60 -6.05 2.63
CA SER A 100 -0.24 -6.17 2.16
C SER A 100 0.20 -7.64 2.18
N THR A 101 1.50 -7.83 2.36
CA THR A 101 2.05 -9.17 2.39
C THR A 101 3.17 -9.26 3.43
N LYS A 102 3.76 -10.45 3.53
CA LYS A 102 4.83 -10.68 4.48
C LYS A 102 5.59 -11.95 4.10
N LYS A 103 6.89 -11.91 4.30
CA LYS A 103 7.73 -13.06 3.98
C LYS A 103 8.92 -13.10 4.94
N SER A 104 9.60 -14.23 4.94
CA SER A 104 10.76 -14.41 5.81
C SER A 104 11.91 -15.04 5.02
N ALA A 105 12.11 -14.52 3.81
CA ALA A 105 13.17 -15.01 2.95
C ALA A 105 13.23 -14.17 1.68
#